data_8FGQ
#
_entry.id   8FGQ
#
_cell.length_a   59.569
_cell.length_b   151.480
_cell.length_c   108.348
_cell.angle_alpha   90.000
_cell.angle_beta   91.080
_cell.angle_gamma   90.000
#
_symmetry.space_group_name_H-M   'P 1 21 1'
#
loop_
_entity.id
_entity.type
_entity.pdbx_description
1 polymer 'Nitric oxide synthase, endothelial'
2 non-polymer 'PROTOPORPHYRIN IX CONTAINING FE'
3 non-polymer 5,6,7,8-TETRAHYDROBIOPTERIN
4 non-polymer 4-(2-{5-[2-(dimethylamino)ethyl]-2,3-difluorophenyl}ethyl)-6-methylpyrimidin-2-amine
5 non-polymer 2-[BIS-(2-HYDROXY-ETHYL)-AMINO]-2-HYDROXYMETHYL-PROPANE-1,3-DIOL
6 non-polymer 'ZINC ION'
7 non-polymer 'CHLORIDE ION'
8 non-polymer 'GADOLINIUM ATOM'
9 non-polymer GLYCEROL
10 water water
#
_entity_poly.entity_id   1
_entity_poly.type   'polypeptide(L)'
_entity_poly.pdbx_seq_one_letter_code
;APASLLPPAPEHSPPSSPLTQPPEGPKFPRVKNWEVGSITYDTLSAQAQQDGPCTPRRCLGSLVFPRKLQGRPSPGPPAP
EQLLSQARDFINQYYSSIKRSGSQAHEQRLQEVEAEVAATGTYQLRESELVFGAKQAWRNAPRCVGRIQWGKLQVFDARD
CRSAQEMFTYICNHIKYATNRGNLRSAITVFPQRCPGRGDFRIWNSQLVRYAGYRQQDGSVRGDPANVEITELCIQHGWT
PGNGRFDVLPLLLQAPDEPPELFLLPPELVLEVPLEHPTLEWFAALGLRWYALPAVSNMLLEIGGLEFPAAPFSGWYMST
EIGTRNLCDPHRYNILEDVAVCMDLDTRTTSSLWKDKAAVEINVAVLHSYQLAKVTIVDHHAATASFMKHLENEQKARGG
CPADWAWIVPPISGSLTPVFHQEMVNYFLSPAFRYQPDPW
;
_entity_poly.pdbx_strand_id   A,B,C,D
#
loop_
_chem_comp.id
_chem_comp.type
_chem_comp.name
_chem_comp.formula
BTB non-polymer 2-[BIS-(2-HYDROXY-ETHYL)-AMINO]-2-HYDROXYMETHYL-PROPANE-1,3-DIOL 'C8 H19 N O5'
CL non-polymer 'CHLORIDE ION' 'Cl -1'
GD non-polymer 'GADOLINIUM ATOM' Gd
GOL non-polymer GLYCEROL 'C3 H8 O3'
H4B non-polymer 5,6,7,8-TETRAHYDROBIOPTERIN 'C9 H15 N5 O3'
HEM non-polymer 'PROTOPORPHYRIN IX CONTAINING FE' 'C34 H32 Fe N4 O4'
V80 non-polymer 4-(2-{5-[2-(dimethylamino)ethyl]-2,3-difluorophenyl}ethyl)-6-methylpyrimidin-2-amine 'C17 H22 F2 N4'
ZN non-polymer 'ZINC ION' 'Zn 2'
#
# COMPACT_ATOMS: atom_id res chain seq x y z
N PHE A 28 15.27 -26.22 -40.38
CA PHE A 28 15.49 -26.12 -38.94
C PHE A 28 14.99 -24.80 -38.36
N PRO A 29 13.88 -24.87 -37.62
CA PRO A 29 13.22 -23.65 -37.13
C PRO A 29 14.14 -22.77 -36.32
N ARG A 30 14.23 -21.49 -36.71
CA ARG A 30 14.88 -20.49 -35.90
C ARG A 30 13.94 -20.08 -34.77
N VAL A 31 14.46 -20.07 -33.55
CA VAL A 31 13.66 -19.83 -32.35
C VAL A 31 14.36 -18.76 -31.52
N LYS A 32 13.61 -17.72 -31.16
CA LYS A 32 14.16 -16.54 -30.52
C LYS A 32 13.60 -16.38 -29.12
N ASN A 33 14.45 -15.93 -28.20
CA ASN A 33 14.01 -15.46 -26.90
C ASN A 33 14.07 -13.95 -26.88
N TRP A 34 12.90 -13.30 -26.78
CA TRP A 34 12.81 -11.85 -26.90
C TRP A 34 13.31 -11.11 -25.67
N GLU A 35 13.33 -11.75 -24.50
CA GLU A 35 13.84 -11.09 -23.32
C GLU A 35 15.33 -10.78 -23.44
N VAL A 36 16.10 -11.71 -24.01
CA VAL A 36 17.55 -11.58 -24.03
C VAL A 36 18.00 -11.26 -25.45
N GLY A 37 17.22 -11.73 -26.42
CA GLY A 37 17.58 -11.66 -27.82
C GLY A 37 18.30 -12.88 -28.35
N SER A 38 18.38 -13.97 -27.59
CA SER A 38 19.17 -15.11 -28.04
C SER A 38 18.42 -15.93 -29.07
N ILE A 39 19.20 -16.59 -29.93
CA ILE A 39 18.67 -17.47 -30.97
C ILE A 39 19.16 -18.89 -30.68
N THR A 40 18.26 -19.87 -30.87
CA THR A 40 18.64 -21.27 -30.99
C THR A 40 17.96 -21.86 -32.21
N TYR A 41 18.31 -23.11 -32.54
CA TYR A 41 17.67 -23.85 -33.61
C TYR A 41 17.12 -25.15 -33.05
N ASP A 42 15.85 -25.43 -33.37
CA ASP A 42 15.24 -26.70 -32.98
C ASP A 42 15.56 -27.71 -34.07
N THR A 43 16.68 -28.42 -33.90
CA THR A 43 17.00 -29.52 -34.80
C THR A 43 16.26 -30.79 -34.44
N LEU A 44 15.89 -30.95 -33.17
CA LEU A 44 15.11 -32.11 -32.75
C LEU A 44 13.74 -32.18 -33.44
N SER A 45 13.23 -31.04 -33.93
CA SER A 45 11.92 -31.04 -34.58
C SER A 45 11.90 -31.97 -35.78
N ALA A 46 13.04 -32.13 -36.45
CA ALA A 46 13.12 -32.94 -37.67
C ALA A 46 12.63 -34.37 -37.44
N GLN A 47 12.71 -34.86 -36.20
CA GLN A 47 12.31 -36.24 -35.91
C GLN A 47 10.84 -36.38 -35.51
N ALA A 48 9.98 -35.44 -35.88
CA ALA A 48 8.59 -35.48 -35.42
C ALA A 48 7.87 -36.72 -35.93
N GLN A 49 7.26 -37.47 -35.00
CA GLN A 49 6.57 -38.73 -35.30
C GLN A 49 5.12 -38.47 -35.69
N GLN A 50 4.20 -38.63 -34.75
CA GLN A 50 2.76 -38.51 -35.01
C GLN A 50 2.44 -37.07 -35.38
N ASP A 51 2.26 -36.81 -36.67
CA ASP A 51 2.01 -35.45 -37.14
C ASP A 51 0.82 -34.83 -36.43
N GLY A 52 0.86 -33.50 -36.31
CA GLY A 52 -0.13 -32.78 -35.55
C GLY A 52 -1.25 -32.20 -36.39
N PRO A 53 -1.88 -31.18 -35.88
CA PRO A 53 -3.11 -30.68 -36.50
C PRO A 53 -2.94 -29.54 -37.49
N CYS A 54 -1.74 -28.97 -37.57
CA CYS A 54 -1.56 -27.71 -38.29
C CYS A 54 -1.11 -27.97 -39.72
N THR A 55 -1.54 -27.11 -40.63
CA THR A 55 -1.14 -27.13 -42.03
C THR A 55 -0.63 -25.76 -42.43
N PRO A 56 0.07 -25.66 -43.57
CA PRO A 56 0.48 -24.34 -44.09
C PRO A 56 -0.66 -23.34 -44.22
N ARG A 57 -1.91 -23.81 -44.26
CA ARG A 57 -3.05 -22.95 -44.51
C ARG A 57 -3.76 -22.47 -43.24
N ARG A 58 -3.59 -23.15 -42.12
CA ARG A 58 -4.30 -22.78 -40.90
C ARG A 58 -3.59 -23.41 -39.72
N CYS A 59 -3.50 -22.68 -38.62
CA CYS A 59 -2.85 -23.18 -37.41
C CYS A 59 -3.92 -23.56 -36.40
N LEU A 60 -3.84 -24.78 -35.87
CA LEU A 60 -4.75 -25.25 -34.84
C LEU A 60 -4.04 -25.44 -33.52
N GLY A 61 -2.91 -24.74 -33.32
CA GLY A 61 -2.17 -24.86 -32.08
C GLY A 61 -3.02 -24.67 -30.83
N SER A 62 -4.08 -23.88 -30.92
CA SER A 62 -4.85 -23.57 -29.71
C SER A 62 -5.89 -24.64 -29.37
N LEU A 63 -6.14 -25.62 -30.23
CA LEU A 63 -7.12 -26.66 -29.93
C LEU A 63 -6.59 -27.62 -28.87
N VAL A 64 -7.45 -27.99 -27.91
CA VAL A 64 -7.06 -28.87 -26.79
C VAL A 64 -6.83 -30.30 -27.29
N PHE A 65 -7.82 -30.86 -27.98
CA PHE A 65 -7.70 -32.16 -28.63
C PHE A 65 -7.62 -31.97 -30.13
N PRO A 66 -6.44 -32.14 -30.75
CA PRO A 66 -6.19 -31.95 -32.18
C PRO A 66 -7.21 -32.63 -33.10
N PRO A 80 -1.19 -55.54 -37.99
CA PRO A 80 -0.62 -54.41 -37.25
C PRO A 80 0.91 -54.40 -37.24
N GLU A 81 1.53 -54.99 -38.27
CA GLU A 81 2.98 -55.20 -38.29
C GLU A 81 3.77 -53.91 -38.10
N GLN A 82 3.15 -52.75 -38.27
CA GLN A 82 3.82 -51.48 -38.00
C GLN A 82 4.32 -51.38 -36.57
N LEU A 83 3.84 -52.25 -35.68
CA LEU A 83 4.35 -52.34 -34.31
C LEU A 83 5.86 -52.52 -34.27
N LEU A 84 6.43 -53.23 -35.25
CA LEU A 84 7.87 -53.46 -35.29
C LEU A 84 8.64 -52.15 -35.43
N SER A 85 8.24 -51.32 -36.40
CA SER A 85 8.95 -50.07 -36.67
C SER A 85 9.00 -49.16 -35.45
N GLN A 86 7.89 -49.05 -34.70
CA GLN A 86 7.91 -48.27 -33.47
C GLN A 86 8.70 -48.97 -32.38
N ALA A 87 8.68 -50.31 -32.35
CA ALA A 87 9.49 -51.04 -31.39
C ALA A 87 10.98 -50.87 -31.70
N ARG A 88 11.35 -50.96 -32.97
CA ARG A 88 12.75 -50.77 -33.36
C ARG A 88 13.28 -49.44 -32.83
N ASP A 89 12.58 -48.34 -33.15
CA ASP A 89 13.08 -47.01 -32.85
C ASP A 89 13.22 -46.77 -31.35
N PHE A 90 12.30 -47.29 -30.54
CA PHE A 90 12.42 -47.07 -29.10
C PHE A 90 13.64 -47.78 -28.55
N ILE A 91 13.91 -49.02 -29.00
CA ILE A 91 15.12 -49.73 -28.60
C ILE A 91 16.36 -48.94 -29.00
N ASN A 92 16.36 -48.39 -30.22
CA ASN A 92 17.47 -47.57 -30.69
C ASN A 92 17.70 -46.37 -29.79
N GLN A 93 16.62 -45.72 -29.35
CA GLN A 93 16.73 -44.67 -28.34
C GLN A 93 17.40 -45.22 -27.09
N TYR A 94 16.86 -46.31 -26.55
CA TYR A 94 17.26 -46.82 -25.25
C TYR A 94 18.77 -46.99 -25.18
N TYR A 95 19.34 -47.66 -26.18
CA TYR A 95 20.77 -47.97 -26.12
C TYR A 95 21.63 -46.77 -26.46
N SER A 96 21.11 -45.81 -27.22
CA SER A 96 21.86 -44.58 -27.44
C SER A 96 22.00 -43.79 -26.14
N SER A 97 20.99 -43.84 -25.26
CA SER A 97 21.02 -43.09 -24.01
C SER A 97 21.91 -43.71 -22.94
N ILE A 98 22.43 -44.92 -23.14
CA ILE A 98 23.34 -45.49 -22.14
C ILE A 98 24.70 -45.72 -22.80
N LYS A 99 25.02 -44.88 -23.79
CA LYS A 99 26.33 -44.88 -24.44
C LYS A 99 26.66 -46.25 -25.04
N ARG A 100 25.64 -46.92 -25.56
CA ARG A 100 25.79 -48.28 -26.06
C ARG A 100 25.12 -48.45 -27.42
N SER A 101 25.29 -47.46 -28.29
CA SER A 101 24.84 -47.59 -29.67
C SER A 101 25.66 -48.66 -30.37
N GLY A 102 25.00 -49.66 -30.94
CA GLY A 102 25.67 -50.69 -31.71
C GLY A 102 26.72 -51.48 -30.96
N SER A 103 26.36 -51.98 -29.78
CA SER A 103 27.26 -52.79 -28.99
C SER A 103 26.48 -53.93 -28.36
N GLN A 104 26.93 -55.16 -28.62
CA GLN A 104 26.46 -56.39 -27.97
C GLN A 104 24.96 -56.43 -27.74
N ALA A 105 24.53 -56.03 -26.53
CA ALA A 105 23.16 -56.27 -26.10
C ALA A 105 22.14 -55.51 -26.94
N HIS A 106 22.56 -54.42 -27.58
CA HIS A 106 21.66 -53.68 -28.46
C HIS A 106 21.23 -54.54 -29.64
N GLU A 107 22.20 -55.03 -30.39
CA GLU A 107 21.89 -55.92 -31.51
C GLU A 107 21.04 -57.11 -31.05
N GLN A 108 21.38 -57.69 -29.90
CA GLN A 108 20.64 -58.86 -29.41
C GLN A 108 19.19 -58.51 -29.09
N ARG A 109 18.97 -57.37 -28.42
CA ARG A 109 17.62 -56.98 -28.02
C ARG A 109 16.75 -56.74 -29.24
N LEU A 110 17.34 -56.29 -30.35
CA LEU A 110 16.59 -56.12 -31.58
C LEU A 110 16.00 -57.44 -32.06
N GLN A 111 16.75 -58.54 -31.89
CA GLN A 111 16.27 -59.81 -32.44
C GLN A 111 15.15 -60.39 -31.59
N GLU A 112 15.23 -60.21 -30.27
CA GLU A 112 14.20 -60.73 -29.38
C GLU A 112 12.83 -60.11 -29.70
N VAL A 113 12.77 -58.77 -29.75
CA VAL A 113 11.50 -58.14 -30.12
C VAL A 113 11.11 -58.54 -31.54
N GLU A 114 12.08 -58.73 -32.44
CA GLU A 114 11.78 -59.36 -33.72
C GLU A 114 11.06 -60.69 -33.49
N ALA A 115 11.69 -61.57 -32.71
CA ALA A 115 11.14 -62.91 -32.46
C ALA A 115 9.81 -62.84 -31.71
N GLU A 116 9.77 -62.07 -30.61
CA GLU A 116 8.54 -61.95 -29.82
C GLU A 116 7.36 -61.52 -30.70
N VAL A 117 7.57 -60.48 -31.52
CA VAL A 117 6.51 -60.04 -32.42
C VAL A 117 6.27 -61.08 -33.52
N ALA A 118 7.35 -61.62 -34.10
CA ALA A 118 7.19 -62.67 -35.10
C ALA A 118 6.32 -63.81 -34.59
N ALA A 119 6.54 -64.26 -33.35
CA ALA A 119 5.78 -65.39 -32.84
C ALA A 119 4.37 -64.99 -32.40
N THR A 120 4.25 -63.96 -31.53
CA THR A 120 3.04 -63.69 -30.78
C THR A 120 2.28 -62.45 -31.22
N GLY A 121 2.91 -61.53 -31.94
CA GLY A 121 2.23 -60.32 -32.35
C GLY A 121 2.71 -59.10 -31.61
N THR A 122 2.48 -59.07 -30.29
CA THR A 122 2.95 -57.99 -29.43
C THR A 122 4.33 -58.36 -28.88
N TYR A 123 4.77 -57.66 -27.84
CA TYR A 123 6.06 -57.97 -27.21
C TYR A 123 6.09 -57.29 -25.84
N GLN A 124 7.00 -57.76 -24.99
CA GLN A 124 7.22 -57.19 -23.67
C GLN A 124 8.53 -56.40 -23.66
N LEU A 125 8.53 -55.31 -22.90
CA LEU A 125 9.75 -54.52 -22.68
C LEU A 125 10.51 -55.02 -21.46
N ARG A 126 11.84 -54.93 -21.52
CA ARG A 126 12.66 -55.04 -20.30
C ARG A 126 12.20 -54.00 -19.28
N GLU A 127 12.32 -54.35 -17.99
CA GLU A 127 11.82 -53.48 -16.92
C GLU A 127 12.45 -52.10 -16.97
N SER A 128 13.73 -52.02 -17.35
CA SER A 128 14.37 -50.72 -17.45
C SER A 128 13.86 -49.93 -18.66
N GLU A 129 13.58 -50.64 -19.76
CA GLU A 129 12.99 -49.98 -20.93
C GLU A 129 11.66 -49.36 -20.57
N LEU A 130 10.80 -50.11 -19.87
CA LEU A 130 9.57 -49.53 -19.34
C LEU A 130 9.87 -48.28 -18.52
N VAL A 131 10.97 -48.30 -17.78
CA VAL A 131 11.39 -47.16 -16.96
C VAL A 131 11.95 -46.04 -17.84
N PHE A 132 12.85 -46.39 -18.76
CA PHE A 132 13.42 -45.36 -19.63
C PHE A 132 12.35 -44.73 -20.51
N GLY A 133 11.35 -45.50 -20.91
CA GLY A 133 10.30 -44.99 -21.77
C GLY A 133 9.25 -44.22 -21.00
N ALA A 134 8.94 -44.63 -19.78
CA ALA A 134 8.06 -43.82 -18.95
C ALA A 134 8.66 -42.44 -18.71
N LYS A 135 9.98 -42.34 -18.70
CA LYS A 135 10.61 -41.06 -18.44
C LYS A 135 10.69 -40.22 -19.70
N GLN A 136 11.01 -40.85 -20.84
CA GLN A 136 11.05 -40.10 -22.09
C GLN A 136 9.69 -39.53 -22.43
N ALA A 137 8.60 -40.28 -22.18
CA ALA A 137 7.29 -39.75 -22.49
C ALA A 137 6.96 -38.53 -21.62
N TRP A 138 7.40 -38.51 -20.35
CA TRP A 138 7.34 -37.28 -19.58
C TRP A 138 8.17 -36.18 -20.25
N ARG A 139 9.43 -36.51 -20.59
CA ARG A 139 10.35 -35.55 -21.21
C ARG A 139 9.84 -35.01 -22.54
N ASN A 140 8.92 -35.72 -23.19
CA ASN A 140 8.38 -35.37 -24.49
C ASN A 140 7.04 -34.64 -24.40
N ALA A 141 6.42 -34.58 -23.22
CA ALA A 141 5.11 -33.96 -23.06
C ALA A 141 5.20 -32.46 -23.29
N PRO A 142 4.80 -31.97 -24.48
CA PRO A 142 5.01 -30.55 -24.79
C PRO A 142 4.19 -29.62 -23.92
N ARG A 143 3.14 -30.11 -23.31
CA ARG A 143 2.34 -29.24 -22.47
C ARG A 143 2.77 -29.21 -21.02
N CYS A 144 3.78 -30.01 -20.62
CA CYS A 144 4.20 -30.07 -19.21
C CYS A 144 5.28 -29.03 -18.95
N VAL A 145 4.96 -28.02 -18.15
CA VAL A 145 5.95 -27.06 -17.65
C VAL A 145 6.88 -27.65 -16.59
N GLY A 146 6.56 -28.81 -16.04
CA GLY A 146 7.38 -29.34 -14.95
C GLY A 146 8.45 -30.33 -15.37
N ARG A 147 8.83 -30.32 -16.64
CA ARG A 147 9.67 -31.39 -17.17
C ARG A 147 11.10 -31.33 -16.68
N ILE A 148 11.51 -30.29 -15.94
CA ILE A 148 12.85 -30.22 -15.38
C ILE A 148 13.09 -31.44 -14.50
N GLN A 149 12.01 -32.01 -13.96
CA GLN A 149 12.09 -33.14 -13.06
C GLN A 149 12.08 -34.49 -13.78
N TRP A 150 12.11 -34.50 -15.12
CA TRP A 150 11.74 -35.72 -15.83
C TRP A 150 12.61 -36.90 -15.41
N GLY A 151 13.90 -36.67 -15.15
CA GLY A 151 14.81 -37.76 -14.84
C GLY A 151 14.58 -38.43 -13.50
N LYS A 152 13.90 -37.75 -12.59
CA LYS A 152 13.57 -38.32 -11.28
C LYS A 152 12.10 -38.73 -11.28
N LEU A 153 11.83 -39.80 -12.00
CA LEU A 153 10.52 -40.42 -12.04
C LEU A 153 10.60 -41.82 -11.47
N GLN A 154 9.65 -42.17 -10.61
CA GLN A 154 9.58 -43.48 -9.98
C GLN A 154 8.53 -44.31 -10.71
N VAL A 155 8.96 -45.39 -11.33
CA VAL A 155 8.09 -46.24 -12.15
C VAL A 155 7.75 -47.49 -11.35
N PHE A 156 6.47 -47.64 -11.01
CA PHE A 156 5.95 -48.86 -10.40
C PHE A 156 5.45 -49.77 -11.51
N ASP A 157 6.03 -50.96 -11.60
CA ASP A 157 5.70 -51.91 -12.66
C ASP A 157 4.53 -52.79 -12.20
N ALA A 158 3.38 -52.62 -12.85
CA ALA A 158 2.17 -53.38 -12.55
C ALA A 158 1.69 -54.18 -13.75
N ARG A 159 2.62 -54.58 -14.62
CA ARG A 159 2.24 -55.28 -15.85
C ARG A 159 1.65 -56.65 -15.55
N ASP A 160 1.97 -57.23 -14.40
CA ASP A 160 1.37 -58.48 -13.95
C ASP A 160 0.09 -58.25 -13.15
N CYS A 161 -0.72 -57.26 -13.50
CA CYS A 161 -1.96 -57.00 -12.77
C CYS A 161 -3.09 -57.82 -13.37
N ARG A 162 -4.06 -58.17 -12.51
CA ARG A 162 -5.15 -59.06 -12.88
C ARG A 162 -6.33 -58.74 -11.94
N SER A 163 -7.09 -57.69 -12.31
CA SER A 163 -8.45 -57.34 -11.88
C SER A 163 -8.55 -56.03 -11.09
N ALA A 164 -9.79 -55.60 -10.85
CA ALA A 164 -10.08 -54.31 -10.23
C ALA A 164 -9.62 -54.26 -8.78
N GLN A 165 -9.60 -55.39 -8.07
CA GLN A 165 -9.08 -55.36 -6.71
C GLN A 165 -7.55 -55.28 -6.71
N GLU A 166 -6.89 -55.96 -7.65
CA GLU A 166 -5.44 -55.84 -7.75
C GLU A 166 -5.04 -54.42 -8.13
N MET A 167 -5.62 -53.88 -9.20
CA MET A 167 -5.43 -52.47 -9.53
C MET A 167 -5.54 -51.62 -8.28
N PHE A 168 -6.68 -51.73 -7.59
CA PHE A 168 -6.98 -50.83 -6.49
C PHE A 168 -5.85 -50.75 -5.48
N THR A 169 -5.20 -51.89 -5.18
CA THR A 169 -4.08 -51.86 -4.24
C THR A 169 -2.78 -51.39 -4.90
N TYR A 170 -2.66 -51.49 -6.23
CA TYR A 170 -1.57 -50.83 -6.93
C TYR A 170 -1.72 -49.32 -6.86
N ILE A 171 -2.87 -48.82 -7.30
CA ILE A 171 -3.18 -47.40 -7.23
C ILE A 171 -2.96 -46.90 -5.82
N CYS A 172 -3.38 -47.69 -4.83
CA CYS A 172 -3.29 -47.23 -3.45
C CYS A 172 -1.84 -47.13 -3.00
N ASN A 173 -1.00 -48.08 -3.41
CA ASN A 173 0.43 -47.98 -3.12
C ASN A 173 1.02 -46.73 -3.75
N HIS A 174 0.70 -46.49 -5.03
CA HIS A 174 1.12 -45.27 -5.72
C HIS A 174 0.73 -44.03 -4.93
N ILE A 175 -0.57 -43.88 -4.65
CA ILE A 175 -1.08 -42.71 -3.95
C ILE A 175 -0.30 -42.45 -2.67
N LYS A 176 -0.18 -43.49 -1.84
CA LYS A 176 0.52 -43.28 -0.57
C LYS A 176 2.01 -43.06 -0.77
N TYR A 177 2.61 -43.71 -1.78
CA TYR A 177 4.02 -43.44 -2.06
C TYR A 177 4.21 -42.02 -2.54
N ALA A 178 3.45 -41.63 -3.57
CA ALA A 178 3.58 -40.31 -4.15
C ALA A 178 3.23 -39.22 -3.14
N THR A 179 2.16 -39.43 -2.35
CA THR A 179 1.78 -38.44 -1.34
C THR A 179 2.85 -38.29 -0.27
N ASN A 180 3.26 -39.39 0.35
CA ASN A 180 4.41 -39.41 1.26
C ASN A 180 4.27 -38.34 2.32
N ARG A 181 3.09 -38.30 2.96
CA ARG A 181 2.80 -37.33 4.03
C ARG A 181 3.06 -35.89 3.60
N GLY A 182 2.90 -35.59 2.31
CA GLY A 182 3.00 -34.23 1.81
C GLY A 182 4.32 -33.87 1.17
N ASN A 183 5.33 -34.72 1.30
CA ASN A 183 6.60 -34.54 0.59
C ASN A 183 6.52 -35.31 -0.73
N LEU A 184 5.90 -34.68 -1.72
CA LEU A 184 5.44 -35.40 -2.91
C LEU A 184 6.61 -35.87 -3.79
N ARG A 185 6.38 -37.00 -4.44
CA ARG A 185 7.34 -37.65 -5.32
C ARG A 185 6.67 -38.06 -6.62
N SER A 186 7.32 -37.78 -7.75
CA SER A 186 6.79 -38.15 -9.07
C SER A 186 6.72 -39.65 -9.20
N ALA A 187 5.54 -40.18 -9.49
CA ALA A 187 5.36 -41.62 -9.67
C ALA A 187 4.45 -41.90 -10.85
N ILE A 188 4.74 -43.00 -11.56
CA ILE A 188 3.84 -43.56 -12.55
C ILE A 188 3.70 -45.06 -12.28
N THR A 189 2.46 -45.53 -12.20
CA THR A 189 2.15 -46.94 -12.11
C THR A 189 1.65 -47.40 -13.47
N VAL A 190 2.33 -48.40 -14.05
CA VAL A 190 2.04 -48.87 -15.40
C VAL A 190 1.31 -50.22 -15.30
N PHE A 191 0.09 -50.25 -15.84
CA PHE A 191 -0.71 -51.45 -15.83
C PHE A 191 -0.47 -52.22 -17.13
N PRO A 192 -1.04 -53.41 -17.32
CA PRO A 192 -0.64 -54.23 -18.47
C PRO A 192 -0.97 -53.56 -19.79
N GLN A 193 -0.07 -53.73 -20.76
CA GLN A 193 -0.28 -53.19 -22.10
C GLN A 193 -1.49 -53.82 -22.78
N ARG A 194 -1.73 -53.47 -24.02
CA ARG A 194 -2.91 -53.91 -24.74
C ARG A 194 -2.55 -54.94 -25.79
N CYS A 195 -3.44 -55.91 -25.97
CA CYS A 195 -3.36 -56.90 -27.05
C CYS A 195 -4.77 -57.19 -27.50
N PRO A 196 -4.98 -57.58 -28.76
CA PRO A 196 -6.33 -57.69 -29.30
C PRO A 196 -7.08 -58.87 -28.71
N GLY A 197 -8.36 -58.94 -29.08
CA GLY A 197 -9.24 -60.02 -28.66
C GLY A 197 -9.68 -59.96 -27.20
N ARG A 198 -8.93 -59.27 -26.34
CA ARG A 198 -9.26 -59.14 -24.93
C ARG A 198 -9.50 -57.67 -24.60
N GLY A 199 -10.08 -57.44 -23.42
CA GLY A 199 -10.49 -56.11 -23.02
C GLY A 199 -9.36 -55.12 -22.76
N ASP A 200 -9.61 -54.17 -21.86
CA ASP A 200 -8.65 -53.12 -21.57
C ASP A 200 -8.73 -52.72 -20.10
N PHE A 201 -7.57 -52.63 -19.44
CA PHE A 201 -7.48 -51.93 -18.18
C PHE A 201 -7.73 -50.44 -18.40
N ARG A 202 -8.58 -49.85 -17.56
CA ARG A 202 -8.93 -48.44 -17.64
C ARG A 202 -9.32 -47.93 -16.27
N ILE A 203 -8.97 -46.68 -15.99
CA ILE A 203 -9.51 -45.95 -14.85
C ILE A 203 -10.55 -44.97 -15.39
N TRP A 204 -11.81 -45.16 -15.02
CA TRP A 204 -12.88 -44.34 -15.58
C TRP A 204 -12.83 -42.89 -15.11
N ASN A 205 -12.06 -42.58 -14.07
CA ASN A 205 -11.85 -41.21 -13.65
C ASN A 205 -10.71 -40.59 -14.46
N SER A 206 -10.80 -39.28 -14.68
CA SER A 206 -9.72 -38.54 -15.32
C SER A 206 -8.51 -38.38 -14.40
N GLN A 207 -8.75 -38.33 -13.10
CA GLN A 207 -7.69 -38.30 -12.09
C GLN A 207 -8.10 -39.20 -10.95
N LEU A 208 -7.12 -39.55 -10.12
CA LEU A 208 -7.43 -40.43 -8.99
C LEU A 208 -8.23 -39.69 -7.92
N VAL A 209 -7.89 -38.43 -7.65
CA VAL A 209 -8.67 -37.59 -6.77
C VAL A 209 -9.52 -36.66 -7.61
N ARG A 210 -10.83 -36.70 -7.41
CA ARG A 210 -11.77 -35.81 -8.08
C ARG A 210 -12.85 -35.45 -7.09
N TYR A 211 -13.41 -34.27 -7.25
CA TYR A 211 -14.51 -33.86 -6.39
C TYR A 211 -15.83 -34.05 -7.12
N ALA A 212 -16.88 -34.27 -6.33
CA ALA A 212 -18.19 -34.60 -6.89
C ALA A 212 -18.76 -33.43 -7.69
N GLY A 213 -19.67 -33.75 -8.59
CA GLY A 213 -20.43 -32.76 -9.33
C GLY A 213 -21.91 -33.06 -9.34
N TYR A 214 -22.66 -32.44 -8.42
CA TYR A 214 -24.07 -32.74 -8.22
C TYR A 214 -24.91 -31.71 -8.96
N ARG A 215 -25.71 -32.16 -9.94
CA ARG A 215 -26.67 -31.30 -10.61
C ARG A 215 -27.78 -30.91 -9.63
N GLN A 216 -28.71 -30.06 -10.07
CA GLN A 216 -29.72 -29.54 -9.16
C GLN A 216 -31.09 -29.48 -9.86
N GLN A 217 -32.08 -29.04 -9.07
CA GLN A 217 -33.46 -28.79 -9.49
C GLN A 217 -33.52 -27.69 -10.54
N ASP A 218 -32.34 -27.16 -10.90
CA ASP A 218 -32.24 -26.04 -11.82
C ASP A 218 -30.98 -26.09 -12.68
N GLY A 219 -30.38 -27.26 -12.85
CA GLY A 219 -29.17 -27.37 -13.65
C GLY A 219 -27.86 -27.06 -12.96
N SER A 220 -27.79 -25.93 -12.24
CA SER A 220 -26.53 -25.48 -11.64
C SER A 220 -25.99 -26.55 -10.70
N VAL A 221 -24.67 -26.58 -10.55
CA VAL A 221 -23.96 -27.68 -9.91
C VAL A 221 -23.45 -27.24 -8.54
N ARG A 222 -23.68 -28.07 -7.53
CA ARG A 222 -22.95 -28.02 -6.28
C ARG A 222 -21.78 -28.99 -6.40
N GLY A 223 -20.57 -28.49 -6.13
CA GLY A 223 -19.37 -29.26 -6.37
C GLY A 223 -18.60 -28.85 -7.62
N ASP A 224 -17.88 -29.81 -8.21
CA ASP A 224 -17.00 -29.53 -9.33
C ASP A 224 -17.71 -29.84 -10.63
N PRO A 225 -17.97 -28.84 -11.47
CA PRO A 225 -18.69 -29.08 -12.72
C PRO A 225 -17.91 -29.89 -13.74
N ALA A 226 -16.59 -29.98 -13.61
CA ALA A 226 -15.83 -30.78 -14.56
C ALA A 226 -15.96 -32.27 -14.33
N ASN A 227 -16.64 -32.69 -13.27
CA ASN A 227 -16.76 -34.11 -12.93
C ASN A 227 -18.17 -34.64 -12.94
N VAL A 228 -19.16 -33.78 -12.70
CA VAL A 228 -20.59 -33.99 -12.93
C VAL A 228 -20.95 -35.29 -13.66
N GLU A 229 -20.26 -35.58 -14.77
CA GLU A 229 -20.58 -36.79 -15.53
C GLU A 229 -20.05 -38.04 -14.84
N ILE A 230 -18.77 -38.03 -14.42
CA ILE A 230 -18.24 -39.19 -13.73
C ILE A 230 -18.91 -39.36 -12.37
N THR A 231 -19.52 -38.28 -11.85
CA THR A 231 -20.38 -38.42 -10.68
C THR A 231 -21.67 -39.14 -11.03
N GLU A 232 -22.23 -38.86 -12.21
CA GLU A 232 -23.44 -39.57 -12.63
C GLU A 232 -23.19 -41.07 -12.70
N LEU A 233 -22.02 -41.47 -13.22
CA LEU A 233 -21.74 -42.89 -13.34
C LEU A 233 -21.47 -43.52 -11.98
N CYS A 234 -20.72 -42.84 -11.12
CA CYS A 234 -20.45 -43.38 -9.79
C CYS A 234 -21.74 -43.60 -9.00
N ILE A 235 -22.62 -42.60 -9.00
CA ILE A 235 -23.93 -42.77 -8.36
C ILE A 235 -24.67 -43.93 -9.02
N GLN A 236 -24.62 -44.00 -10.35
CA GLN A 236 -25.30 -45.06 -11.09
C GLN A 236 -24.81 -46.44 -10.66
N HIS A 237 -23.50 -46.59 -10.44
CA HIS A 237 -22.92 -47.87 -10.08
C HIS A 237 -22.88 -48.11 -8.58
N GLY A 238 -23.77 -47.46 -7.81
CA GLY A 238 -24.02 -47.83 -6.43
C GLY A 238 -23.59 -46.82 -5.39
N TRP A 239 -22.86 -45.76 -5.77
CA TRP A 239 -22.30 -44.87 -4.77
C TRP A 239 -23.37 -43.96 -4.18
N THR A 240 -23.31 -43.77 -2.86
CA THR A 240 -24.23 -42.89 -2.15
C THR A 240 -23.74 -41.45 -2.23
N PRO A 241 -24.46 -40.58 -2.97
CA PRO A 241 -24.03 -39.18 -3.11
C PRO A 241 -23.98 -38.46 -1.78
N GLY A 242 -22.97 -37.61 -1.61
CA GLY A 242 -22.90 -36.70 -0.49
C GLY A 242 -23.78 -35.48 -0.74
N ASN A 243 -23.53 -34.45 0.08
CA ASN A 243 -24.18 -33.16 -0.09
C ASN A 243 -23.17 -32.02 -0.20
N GLY A 244 -21.91 -32.32 -0.48
CA GLY A 244 -20.86 -31.32 -0.34
C GLY A 244 -20.18 -30.85 -1.61
N ARG A 245 -19.54 -29.68 -1.53
CA ARG A 245 -18.81 -29.14 -2.67
C ARG A 245 -17.45 -29.81 -2.84
N PHE A 246 -16.97 -30.53 -1.84
CA PHE A 246 -15.67 -31.18 -1.92
C PHE A 246 -15.75 -32.61 -1.41
N ASP A 247 -16.73 -33.38 -1.89
CA ASP A 247 -16.77 -34.82 -1.65
C ASP A 247 -15.84 -35.52 -2.64
N VAL A 248 -14.85 -36.24 -2.14
CA VAL A 248 -13.94 -37.00 -3.00
C VAL A 248 -14.70 -38.12 -3.66
N LEU A 249 -14.66 -38.17 -4.99
CA LEU A 249 -15.42 -39.18 -5.71
C LEU A 249 -14.80 -40.56 -5.47
N PRO A 250 -15.62 -41.62 -5.59
CA PRO A 250 -15.06 -42.98 -5.65
C PRO A 250 -14.14 -43.19 -6.85
N LEU A 251 -13.93 -44.46 -7.22
CA LEU A 251 -12.86 -44.79 -8.18
C LEU A 251 -13.34 -45.93 -9.08
N LEU A 252 -14.10 -45.58 -10.12
CA LEU A 252 -14.60 -46.58 -11.06
C LEU A 252 -13.46 -47.25 -11.81
N LEU A 253 -13.05 -48.42 -11.33
CA LEU A 253 -11.96 -49.18 -11.93
C LEU A 253 -12.52 -50.37 -12.70
N GLN A 254 -11.86 -50.71 -13.81
CA GLN A 254 -12.35 -51.72 -14.73
C GLN A 254 -11.19 -52.58 -15.20
N ALA A 255 -11.40 -53.89 -15.20
CA ALA A 255 -10.48 -54.88 -15.72
C ALA A 255 -11.02 -55.46 -17.02
N PRO A 256 -10.15 -56.01 -17.90
CA PRO A 256 -10.58 -56.45 -19.24
C PRO A 256 -11.95 -57.15 -19.29
N ASP A 257 -12.82 -56.69 -20.19
CA ASP A 257 -14.11 -57.35 -20.47
C ASP A 257 -14.99 -57.43 -19.23
N GLU A 258 -14.83 -56.51 -18.30
CA GLU A 258 -15.59 -56.59 -17.07
C GLU A 258 -16.15 -55.22 -16.72
N PRO A 259 -17.41 -55.14 -16.30
CA PRO A 259 -17.98 -53.84 -15.95
C PRO A 259 -17.23 -53.23 -14.80
N PRO A 260 -17.23 -51.90 -14.70
CA PRO A 260 -16.48 -51.25 -13.62
C PRO A 260 -16.99 -51.65 -12.25
N GLU A 261 -16.13 -51.46 -11.25
CA GLU A 261 -16.48 -51.70 -9.85
C GLU A 261 -15.99 -50.51 -9.04
N LEU A 262 -16.90 -49.89 -8.29
CA LEU A 262 -16.56 -48.75 -7.44
C LEU A 262 -15.57 -49.15 -6.36
N PHE A 263 -14.71 -48.20 -5.98
CA PHE A 263 -13.80 -48.33 -4.85
C PHE A 263 -13.77 -47.03 -4.08
N LEU A 264 -13.99 -47.11 -2.76
CA LEU A 264 -14.03 -45.94 -1.89
C LEU A 264 -12.62 -45.69 -1.37
N LEU A 265 -12.00 -44.59 -1.79
CA LEU A 265 -10.62 -44.31 -1.39
C LEU A 265 -10.54 -44.10 0.12
N PRO A 266 -9.59 -44.73 0.80
CA PRO A 266 -9.46 -44.56 2.26
C PRO A 266 -9.21 -43.10 2.62
N PRO A 267 -10.05 -42.52 3.48
CA PRO A 267 -9.90 -41.10 3.85
C PRO A 267 -8.52 -40.69 4.36
N GLU A 268 -7.79 -41.60 4.99
CA GLU A 268 -6.43 -41.24 5.40
C GLU A 268 -5.47 -41.22 4.23
N LEU A 269 -5.86 -41.82 3.11
CA LEU A 269 -4.97 -41.84 1.94
C LEU A 269 -5.09 -40.59 1.10
N VAL A 270 -6.19 -39.84 1.22
CA VAL A 270 -6.43 -38.67 0.38
C VAL A 270 -5.96 -37.46 1.17
N LEU A 271 -4.71 -37.07 0.97
CA LEU A 271 -4.20 -35.88 1.64
C LEU A 271 -4.84 -34.63 1.06
N GLU A 272 -5.49 -33.85 1.91
CA GLU A 272 -6.15 -32.63 1.48
C GLU A 272 -5.68 -31.45 2.31
N VAL A 273 -5.84 -30.27 1.72
CA VAL A 273 -5.37 -29.00 2.26
C VAL A 273 -6.52 -28.01 2.35
N PRO A 274 -6.98 -27.67 3.54
CA PRO A 274 -7.94 -26.57 3.68
C PRO A 274 -7.29 -25.26 3.28
N LEU A 275 -8.00 -24.44 2.52
CA LEU A 275 -7.42 -23.21 1.99
C LEU A 275 -7.69 -22.06 2.96
N GLU A 276 -6.61 -21.40 3.38
CA GLU A 276 -6.69 -20.24 4.25
CA GLU A 276 -6.70 -20.24 4.25
C GLU A 276 -5.77 -19.17 3.71
N HIS A 277 -6.05 -17.94 4.06
CA HIS A 277 -5.24 -16.86 3.54
C HIS A 277 -4.45 -16.21 4.67
N PRO A 278 -3.16 -15.90 4.46
CA PRO A 278 -2.32 -15.43 5.57
C PRO A 278 -2.82 -14.17 6.26
N THR A 279 -3.55 -13.29 5.57
CA THR A 279 -3.97 -12.05 6.19
C THR A 279 -5.47 -11.78 6.11
N LEU A 280 -6.21 -12.49 5.25
CA LEU A 280 -7.65 -12.34 5.16
C LEU A 280 -8.28 -13.50 5.96
N GLU A 281 -8.68 -13.20 7.19
CA GLU A 281 -9.13 -14.21 8.13
C GLU A 281 -10.43 -14.87 7.68
N TRP A 282 -11.22 -14.19 6.84
CA TRP A 282 -12.50 -14.76 6.39
C TRP A 282 -12.33 -15.80 5.29
N PHE A 283 -11.19 -15.85 4.61
CA PHE A 283 -11.00 -16.82 3.52
C PHE A 283 -11.23 -18.26 4.01
N ALA A 284 -10.66 -18.60 5.18
CA ALA A 284 -10.90 -19.93 5.76
C ALA A 284 -12.39 -20.24 5.86
N ALA A 285 -13.19 -19.24 6.20
CA ALA A 285 -14.64 -19.44 6.36
C ALA A 285 -15.34 -19.71 5.04
N LEU A 286 -14.73 -19.35 3.91
CA LEU A 286 -15.26 -19.80 2.63
C LEU A 286 -15.25 -21.31 2.50
N GLY A 287 -14.57 -22.01 3.42
CA GLY A 287 -14.56 -23.47 3.43
C GLY A 287 -14.01 -24.12 2.17
N LEU A 288 -13.00 -23.51 1.56
CA LEU A 288 -12.41 -24.07 0.36
C LEU A 288 -11.32 -25.08 0.70
N ARG A 289 -11.17 -26.07 -0.17
CA ARG A 289 -10.22 -27.16 -0.01
C ARG A 289 -9.74 -27.57 -1.39
N TRP A 290 -8.51 -28.08 -1.46
CA TRP A 290 -8.08 -28.85 -2.61
C TRP A 290 -7.25 -30.04 -2.12
N TYR A 291 -7.00 -30.99 -3.04
CA TYR A 291 -6.19 -32.14 -2.70
C TYR A 291 -4.72 -31.90 -3.05
N ALA A 292 -3.89 -32.79 -2.53
CA ALA A 292 -2.44 -32.68 -2.63
C ALA A 292 -1.88 -33.35 -3.88
N LEU A 293 -2.54 -34.39 -4.37
CA LEU A 293 -1.89 -35.25 -5.35
C LEU A 293 -2.53 -35.08 -6.72
N PRO A 294 -1.82 -34.51 -7.71
CA PRO A 294 -2.36 -34.43 -9.06
C PRO A 294 -1.98 -35.69 -9.80
N ALA A 295 -2.92 -36.59 -10.04
CA ALA A 295 -2.60 -37.92 -10.53
C ALA A 295 -3.48 -38.21 -11.73
N VAL A 296 -2.89 -38.16 -12.92
CA VAL A 296 -3.61 -38.23 -14.17
C VAL A 296 -3.79 -39.70 -14.55
N SER A 297 -5.04 -40.15 -14.56
CA SER A 297 -5.36 -41.58 -14.64
C SER A 297 -6.14 -41.94 -15.90
N ASN A 298 -6.11 -41.11 -16.93
CA ASN A 298 -6.90 -41.43 -18.11
C ASN A 298 -6.11 -41.34 -19.41
N MET A 299 -4.82 -41.07 -19.34
CA MET A 299 -4.07 -40.93 -20.57
C MET A 299 -3.39 -42.24 -20.93
N LEU A 300 -3.09 -42.37 -22.21
CA LEU A 300 -2.54 -43.59 -22.75
C LEU A 300 -1.05 -43.40 -22.86
N LEU A 301 -0.30 -44.15 -22.06
CA LEU A 301 1.14 -44.23 -22.24
C LEU A 301 1.45 -45.11 -23.44
N GLU A 302 2.37 -44.65 -24.27
CA GLU A 302 2.71 -45.33 -25.50
C GLU A 302 4.23 -45.41 -25.60
N ILE A 303 4.78 -46.61 -25.51
CA ILE A 303 6.22 -46.83 -25.67
C ILE A 303 6.43 -47.92 -26.73
N GLY A 304 7.41 -47.68 -27.61
CA GLY A 304 7.74 -48.58 -28.69
C GLY A 304 6.56 -49.29 -29.31
N GLY A 305 5.51 -48.55 -29.66
CA GLY A 305 4.31 -49.13 -30.23
C GLY A 305 3.39 -49.83 -29.26
N LEU A 306 3.68 -49.79 -27.97
CA LEU A 306 2.85 -50.48 -26.98
C LEU A 306 1.97 -49.48 -26.26
N GLU A 307 0.74 -49.88 -25.99
CA GLU A 307 -0.29 -48.97 -25.49
C GLU A 307 -0.73 -49.43 -24.12
N PHE A 308 -0.50 -48.59 -23.12
CA PHE A 308 -0.91 -48.88 -21.75
C PHE A 308 -2.07 -47.93 -21.43
N PRO A 309 -3.32 -48.30 -21.71
CA PRO A 309 -4.45 -47.39 -21.44
C PRO A 309 -4.64 -47.05 -19.96
N ALA A 310 -4.04 -47.80 -19.06
CA ALA A 310 -4.03 -47.47 -17.63
C ALA A 310 -2.57 -47.34 -17.24
N ALA A 311 -2.11 -46.10 -17.04
CA ALA A 311 -0.75 -45.81 -16.55
C ALA A 311 -0.78 -44.51 -15.78
N PRO A 312 -1.44 -44.48 -14.63
CA PRO A 312 -1.61 -43.21 -13.90
C PRO A 312 -0.28 -42.64 -13.43
N PHE A 313 0.01 -41.41 -13.84
CA PHE A 313 1.19 -40.70 -13.37
C PHE A 313 0.79 -39.55 -12.46
N SER A 314 1.68 -39.20 -11.53
CA SER A 314 1.43 -38.14 -10.58
C SER A 314 2.69 -37.34 -10.33
N GLY A 315 2.54 -36.04 -10.12
CA GLY A 315 3.65 -35.20 -9.76
C GLY A 315 3.26 -34.36 -8.56
N TRP A 316 3.50 -33.06 -8.62
CA TRP A 316 2.90 -32.16 -7.64
C TRP A 316 2.37 -30.94 -8.37
N TYR A 317 1.52 -30.19 -7.68
CA TYR A 317 0.78 -29.11 -8.31
C TYR A 317 1.63 -27.88 -8.49
N MET A 318 1.35 -27.15 -9.56
CA MET A 318 1.68 -25.74 -9.63
C MET A 318 0.50 -24.96 -9.06
N SER A 319 0.79 -23.90 -8.31
CA SER A 319 -0.30 -23.24 -7.59
C SER A 319 -1.37 -22.66 -8.52
N THR A 320 -1.01 -22.20 -9.73
CA THR A 320 -2.03 -21.66 -10.63
C THR A 320 -3.00 -22.74 -11.10
N GLU A 321 -2.55 -23.98 -11.22
CA GLU A 321 -3.48 -25.05 -11.56
C GLU A 321 -4.66 -25.06 -10.60
N ILE A 322 -4.37 -24.97 -9.29
CA ILE A 322 -5.45 -24.98 -8.30
C ILE A 322 -6.12 -23.62 -8.23
N GLY A 323 -5.34 -22.59 -7.97
CA GLY A 323 -5.93 -21.30 -7.62
C GLY A 323 -6.62 -20.64 -8.80
N THR A 324 -6.07 -20.78 -10.00
CA THR A 324 -6.61 -20.05 -11.14
C THR A 324 -7.55 -20.88 -12.00
N ARG A 325 -7.14 -22.07 -12.42
CA ARG A 325 -8.03 -22.84 -13.29
C ARG A 325 -9.13 -23.52 -12.49
N ASN A 326 -8.75 -24.37 -11.51
CA ASN A 326 -9.74 -25.21 -10.83
C ASN A 326 -10.78 -24.39 -10.09
N LEU A 327 -10.36 -23.32 -9.43
CA LEU A 327 -11.25 -22.56 -8.57
C LEU A 327 -11.88 -21.35 -9.24
N CYS A 328 -11.23 -20.79 -10.27
CA CYS A 328 -11.70 -19.54 -10.87
C CYS A 328 -12.24 -19.67 -12.28
N ASP A 329 -12.02 -20.78 -12.98
CA ASP A 329 -12.57 -20.93 -14.32
C ASP A 329 -14.09 -20.82 -14.27
N PRO A 330 -14.71 -20.12 -15.22
CA PRO A 330 -16.16 -19.87 -15.15
C PRO A 330 -16.99 -21.13 -15.16
N HIS A 331 -16.45 -22.22 -15.71
CA HIS A 331 -17.12 -23.51 -15.72
C HIS A 331 -16.54 -24.46 -14.67
N ARG A 332 -15.71 -23.96 -13.76
CA ARG A 332 -15.26 -24.83 -12.67
C ARG A 332 -15.91 -24.34 -11.39
N TYR A 333 -15.16 -24.22 -10.29
CA TYR A 333 -15.79 -23.76 -9.06
C TYR A 333 -16.24 -22.31 -9.15
N ASN A 334 -15.64 -21.51 -10.04
CA ASN A 334 -16.13 -20.15 -10.36
C ASN A 334 -16.29 -19.27 -9.12
N ILE A 335 -15.27 -19.27 -8.24
CA ILE A 335 -15.37 -18.56 -6.96
C ILE A 335 -14.93 -17.10 -7.05
N LEU A 336 -14.49 -16.65 -8.23
CA LEU A 336 -13.80 -15.37 -8.32
C LEU A 336 -14.65 -14.23 -7.77
N GLU A 337 -15.91 -14.15 -8.20
CA GLU A 337 -16.76 -13.07 -7.75
C GLU A 337 -17.04 -13.15 -6.24
N ASP A 338 -17.17 -14.37 -5.70
CA ASP A 338 -17.45 -14.50 -4.27
C ASP A 338 -16.27 -14.01 -3.44
N VAL A 339 -15.04 -14.27 -3.90
CA VAL A 339 -13.87 -13.77 -3.18
C VAL A 339 -13.78 -12.25 -3.29
N ALA A 340 -14.22 -11.68 -4.42
CA ALA A 340 -14.13 -10.23 -4.57
C ALA A 340 -15.15 -9.51 -3.69
N VAL A 341 -16.34 -10.09 -3.51
CA VAL A 341 -17.30 -9.49 -2.59
C VAL A 341 -16.69 -9.42 -1.18
N CYS A 342 -16.07 -10.51 -0.74
CA CYS A 342 -15.43 -10.52 0.57
C CYS A 342 -14.30 -9.51 0.66
N MET A 343 -13.61 -9.25 -0.46
CA MET A 343 -12.55 -8.26 -0.38
C MET A 343 -13.05 -6.84 -0.55
N ASP A 344 -14.38 -6.67 -0.64
CA ASP A 344 -15.01 -5.35 -0.82
C ASP A 344 -14.60 -4.68 -2.13
N LEU A 345 -14.32 -5.46 -3.17
CA LEU A 345 -13.86 -4.88 -4.43
C LEU A 345 -15.06 -4.42 -5.27
N ASP A 346 -14.80 -3.50 -6.17
CA ASP A 346 -15.87 -2.95 -7.01
C ASP A 346 -16.12 -3.89 -8.19
N THR A 347 -16.98 -4.89 -7.99
CA THR A 347 -17.36 -5.74 -9.10
C THR A 347 -18.25 -5.06 -10.13
N ARG A 348 -18.53 -3.76 -10.00
CA ARG A 348 -19.45 -3.11 -10.93
C ARG A 348 -18.75 -2.71 -12.23
N THR A 349 -17.46 -2.40 -12.18
CA THR A 349 -16.71 -2.00 -13.36
C THR A 349 -15.53 -2.95 -13.55
N THR A 350 -15.37 -3.44 -14.78
CA THR A 350 -14.24 -4.32 -15.05
C THR A 350 -12.92 -3.60 -14.88
N SER A 351 -12.92 -2.27 -15.03
CA SER A 351 -11.67 -1.51 -15.04
C SER A 351 -11.11 -1.29 -13.63
N SER A 352 -11.84 -1.69 -12.59
CA SER A 352 -11.23 -1.78 -11.27
C SER A 352 -10.24 -2.94 -11.19
N LEU A 353 -10.29 -3.88 -12.14
CA LEU A 353 -9.42 -5.05 -12.17
C LEU A 353 -9.69 -5.95 -10.96
N TRP A 354 -10.94 -5.91 -10.48
CA TRP A 354 -11.31 -6.75 -9.34
C TRP A 354 -11.04 -8.22 -9.61
N LYS A 355 -11.26 -8.69 -10.84
CA LYS A 355 -10.98 -10.09 -11.15
C LYS A 355 -9.51 -10.41 -10.91
N ASP A 356 -8.61 -9.59 -11.45
CA ASP A 356 -7.19 -9.81 -11.26
C ASP A 356 -6.80 -9.74 -9.78
N LYS A 357 -7.30 -8.75 -9.04
CA LYS A 357 -6.97 -8.61 -7.62
C LYS A 357 -7.40 -9.84 -6.83
N ALA A 358 -8.62 -10.32 -7.07
CA ALA A 358 -9.08 -11.49 -6.33
C ALA A 358 -8.36 -12.74 -6.77
N ALA A 359 -7.93 -12.82 -8.03
CA ALA A 359 -7.26 -14.06 -8.46
C ALA A 359 -5.88 -14.17 -7.79
N VAL A 360 -5.16 -13.06 -7.64
CA VAL A 360 -3.85 -13.13 -7.03
C VAL A 360 -3.95 -13.56 -5.57
N GLU A 361 -4.96 -13.06 -4.85
CA GLU A 361 -5.14 -13.44 -3.45
C GLU A 361 -5.59 -14.88 -3.31
N ILE A 362 -6.41 -15.38 -4.24
CA ILE A 362 -6.72 -16.81 -4.25
C ILE A 362 -5.45 -17.62 -4.41
N ASN A 363 -4.60 -17.25 -5.39
CA ASN A 363 -3.34 -17.98 -5.55
C ASN A 363 -2.47 -17.87 -4.31
N VAL A 364 -2.42 -16.70 -3.69
CA VAL A 364 -1.62 -16.53 -2.48
C VAL A 364 -2.09 -17.51 -1.41
N ALA A 365 -3.41 -17.58 -1.20
CA ALA A 365 -3.99 -18.55 -0.26
C ALA A 365 -3.55 -19.95 -0.57
N VAL A 366 -3.60 -20.33 -1.86
CA VAL A 366 -3.23 -21.69 -2.23
C VAL A 366 -1.79 -21.97 -1.84
N LEU A 367 -0.89 -21.04 -2.17
CA LEU A 367 0.52 -21.23 -1.85
C LEU A 367 0.74 -21.24 -0.35
N HIS A 368 0.05 -20.36 0.38
CA HIS A 368 0.21 -20.30 1.83
C HIS A 368 -0.33 -21.57 2.48
N SER A 369 -1.47 -22.05 2.02
CA SER A 369 -2.14 -23.19 2.64
C SER A 369 -1.33 -24.47 2.47
N TYR A 370 -0.84 -24.72 1.25
CA TYR A 370 -0.01 -25.90 0.99
C TYR A 370 1.30 -25.85 1.78
N GLN A 371 1.95 -24.68 1.83
CA GLN A 371 3.17 -24.56 2.61
C GLN A 371 2.92 -24.75 4.09
N LEU A 372 1.80 -24.24 4.59
CA LEU A 372 1.48 -24.44 6.00
C LEU A 372 1.15 -25.89 6.27
N ALA A 373 0.57 -26.56 5.29
CA ALA A 373 0.30 -27.99 5.36
C ALA A 373 1.53 -28.84 5.09
N LYS A 374 2.68 -28.23 4.80
CA LYS A 374 3.89 -28.99 4.46
C LYS A 374 3.64 -29.92 3.28
N VAL A 375 3.00 -29.39 2.24
CA VAL A 375 2.66 -30.17 1.07
C VAL A 375 3.28 -29.50 -0.14
N THR A 376 4.15 -30.24 -0.82
CA THR A 376 4.87 -29.75 -1.99
C THR A 376 3.95 -28.96 -2.91
N ILE A 377 4.30 -27.70 -3.15
CA ILE A 377 3.62 -26.84 -4.12
C ILE A 377 4.68 -25.95 -4.76
N VAL A 378 4.47 -25.58 -6.02
CA VAL A 378 5.39 -24.69 -6.71
C VAL A 378 4.58 -23.58 -7.39
N ASP A 379 5.05 -22.35 -7.26
CA ASP A 379 4.40 -21.20 -7.88
C ASP A 379 4.78 -21.10 -9.36
N HIS A 380 4.01 -20.31 -10.10
CA HIS A 380 4.24 -20.26 -11.55
C HIS A 380 5.56 -19.56 -11.90
N HIS A 381 6.05 -18.64 -11.05
CA HIS A 381 7.34 -18.00 -11.32
C HIS A 381 8.49 -18.99 -11.16
N ALA A 382 8.54 -19.71 -10.04
CA ALA A 382 9.57 -20.71 -9.84
C ALA A 382 9.49 -21.80 -10.90
N ALA A 383 8.27 -22.23 -11.23
CA ALA A 383 8.09 -23.32 -12.19
C ALA A 383 8.53 -22.88 -13.60
N THR A 384 8.10 -21.70 -14.04
CA THR A 384 8.48 -21.29 -15.39
C THR A 384 9.97 -21.06 -15.49
N ALA A 385 10.59 -20.57 -14.41
CA ALA A 385 12.04 -20.37 -14.42
C ALA A 385 12.78 -21.69 -14.54
N SER A 386 12.27 -22.74 -13.91
CA SER A 386 12.89 -24.05 -14.06
CA SER A 386 12.90 -24.04 -14.07
C SER A 386 12.73 -24.55 -15.49
N PHE A 387 11.59 -24.26 -16.11
CA PHE A 387 11.38 -24.72 -17.47
C PHE A 387 12.39 -24.09 -18.43
N MET A 388 12.63 -22.78 -18.29
CA MET A 388 13.71 -22.14 -19.04
C MET A 388 15.01 -22.91 -18.89
N LYS A 389 15.34 -23.27 -17.65
CA LYS A 389 16.54 -24.05 -17.41
C LYS A 389 16.44 -25.39 -18.12
N HIS A 390 15.24 -25.98 -18.13
CA HIS A 390 15.08 -27.24 -18.83
C HIS A 390 15.24 -27.06 -20.34
N LEU A 391 14.74 -25.96 -20.90
CA LEU A 391 14.95 -25.71 -22.33
C LEU A 391 16.43 -25.65 -22.66
N GLU A 392 17.23 -24.97 -21.82
CA GLU A 392 18.64 -24.86 -22.08
C GLU A 392 19.35 -26.21 -21.99
N ASN A 393 19.04 -27.00 -20.95
CA ASN A 393 19.52 -28.38 -20.87
C ASN A 393 19.12 -29.19 -22.10
N GLU A 394 17.83 -29.19 -22.44
CA GLU A 394 17.39 -30.01 -23.57
C GLU A 394 18.01 -29.53 -24.87
N GLN A 395 18.30 -28.23 -24.98
CA GLN A 395 18.98 -27.72 -26.16
C GLN A 395 20.34 -28.39 -26.33
N LYS A 396 21.17 -28.39 -25.27
CA LYS A 396 22.49 -28.99 -25.39
C LYS A 396 22.42 -30.51 -25.44
N ALA A 397 21.39 -31.12 -24.84
CA ALA A 397 21.24 -32.56 -24.94
C ALA A 397 20.69 -32.96 -26.30
N ARG A 398 19.40 -32.72 -26.53
CA ARG A 398 18.71 -33.23 -27.71
C ARG A 398 18.57 -32.24 -28.85
N GLY A 399 19.15 -31.04 -28.75
CA GLY A 399 19.00 -30.09 -29.84
C GLY A 399 17.62 -29.49 -29.96
N GLY A 400 16.88 -29.41 -28.87
CA GLY A 400 15.59 -28.74 -28.87
C GLY A 400 14.68 -29.37 -27.83
N CYS A 401 13.46 -28.89 -27.81
CA CYS A 401 12.49 -29.40 -26.86
C CYS A 401 11.10 -29.11 -27.38
N PRO A 402 10.21 -30.11 -27.45
CA PRO A 402 8.83 -29.84 -27.88
C PRO A 402 8.07 -29.14 -26.77
N ALA A 403 7.50 -27.98 -27.09
CA ALA A 403 6.90 -27.14 -26.07
C ALA A 403 5.66 -26.51 -26.66
N ASP A 404 4.57 -26.51 -25.89
CA ASP A 404 3.29 -25.96 -26.32
C ASP A 404 3.12 -24.63 -25.59
N TRP A 405 3.44 -23.54 -26.26
CA TRP A 405 3.47 -22.21 -25.64
C TRP A 405 2.21 -21.93 -24.84
N ALA A 406 1.04 -22.21 -25.43
CA ALA A 406 -0.23 -21.89 -24.78
C ALA A 406 -0.40 -22.60 -23.43
N TRP A 407 0.20 -23.79 -23.28
CA TRP A 407 0.10 -24.50 -22.01
C TRP A 407 1.33 -24.31 -21.14
N ILE A 408 2.46 -23.86 -21.67
CA ILE A 408 3.60 -23.60 -20.80
C ILE A 408 3.46 -22.26 -20.09
N VAL A 409 2.93 -21.25 -20.79
CA VAL A 409 2.71 -19.95 -20.16
C VAL A 409 1.57 -20.06 -19.15
N PRO A 410 1.74 -19.59 -17.92
CA PRO A 410 0.71 -19.80 -16.88
C PRO A 410 -0.53 -18.92 -17.12
N PRO A 411 -1.67 -19.31 -16.54
CA PRO A 411 -2.94 -18.60 -16.81
C PRO A 411 -3.13 -17.31 -16.06
N ILE A 412 -2.19 -16.89 -15.23
CA ILE A 412 -2.15 -15.54 -14.72
C ILE A 412 -0.73 -15.06 -14.91
N SER A 413 -0.57 -13.75 -15.06
CA SER A 413 0.75 -13.13 -15.11
C SER A 413 1.63 -13.71 -16.22
N GLY A 414 1.02 -14.15 -17.31
CA GLY A 414 1.75 -14.73 -18.43
C GLY A 414 3.04 -14.00 -18.78
N SER A 415 2.98 -12.70 -19.05
CA SER A 415 4.19 -12.04 -19.53
C SER A 415 5.13 -11.64 -18.43
N LEU A 416 4.77 -11.87 -17.16
CA LEU A 416 5.71 -11.68 -16.07
C LEU A 416 6.65 -12.85 -15.90
N THR A 417 6.41 -13.94 -16.63
CA THR A 417 7.25 -15.11 -16.53
C THR A 417 8.11 -15.21 -17.78
N PRO A 418 9.28 -15.86 -17.69
CA PRO A 418 10.20 -15.85 -18.84
C PRO A 418 9.75 -16.70 -20.03
N VAL A 419 8.97 -17.76 -19.81
CA VAL A 419 8.49 -18.59 -20.90
C VAL A 419 7.68 -17.79 -21.92
N PHE A 420 7.01 -16.72 -21.47
CA PHE A 420 6.18 -15.88 -22.36
C PHE A 420 7.01 -15.35 -23.51
N HIS A 421 8.23 -14.92 -23.21
CA HIS A 421 9.10 -14.26 -24.15
C HIS A 421 9.94 -15.23 -24.94
N GLN A 422 9.68 -16.53 -24.77
CA GLN A 422 10.42 -17.61 -25.42
C GLN A 422 9.55 -18.20 -26.51
N GLU A 423 9.96 -17.99 -27.76
CA GLU A 423 9.37 -18.73 -28.85
C GLU A 423 9.63 -20.23 -28.69
N MET A 424 8.65 -21.02 -29.09
CA MET A 424 8.66 -22.45 -28.86
C MET A 424 8.16 -23.13 -30.11
N VAL A 425 8.53 -24.40 -30.23
CA VAL A 425 8.14 -25.26 -31.34
C VAL A 425 7.42 -26.47 -30.76
N ASN A 426 6.26 -26.78 -31.32
CA ASN A 426 5.43 -27.86 -30.82
C ASN A 426 5.36 -28.96 -31.86
N TYR A 427 5.61 -30.20 -31.42
CA TYR A 427 5.69 -31.38 -32.25
C TYR A 427 5.63 -32.61 -31.35
N PHE A 428 5.42 -33.77 -31.96
CA PHE A 428 5.14 -35.01 -31.25
C PHE A 428 6.32 -35.96 -31.43
N LEU A 429 6.97 -36.29 -30.31
CA LEU A 429 7.96 -37.37 -30.25
C LEU A 429 7.40 -38.57 -29.49
N SER A 430 7.99 -39.74 -29.75
CA SER A 430 7.70 -40.94 -28.98
C SER A 430 8.95 -41.35 -28.19
N PRO A 431 8.79 -41.95 -27.00
CA PRO A 431 7.58 -42.29 -26.23
C PRO A 431 6.78 -41.06 -25.81
N ALA A 432 5.48 -41.24 -25.62
CA ALA A 432 4.60 -40.11 -25.42
C ALA A 432 3.40 -40.52 -24.60
N PHE A 433 2.82 -39.54 -23.92
CA PHE A 433 1.47 -39.69 -23.40
C PHE A 433 0.49 -39.17 -24.45
N ARG A 434 -0.64 -39.86 -24.58
CA ARG A 434 -1.65 -39.53 -25.57
C ARG A 434 -3.00 -39.43 -24.90
N TYR A 435 -3.87 -38.59 -25.45
CA TYR A 435 -5.26 -38.63 -25.05
C TYR A 435 -5.94 -39.83 -25.69
N GLN A 436 -6.99 -40.32 -25.04
CA GLN A 436 -7.65 -41.51 -25.52
C GLN A 436 -9.15 -41.40 -25.33
N PRO A 437 -9.94 -42.09 -26.16
CA PRO A 437 -11.39 -42.07 -25.99
C PRO A 437 -11.80 -42.44 -24.57
N ASP A 438 -12.82 -41.76 -24.06
CA ASP A 438 -13.37 -42.09 -22.76
C ASP A 438 -13.88 -43.54 -22.77
N PRO A 439 -13.83 -44.24 -21.62
CA PRO A 439 -14.06 -45.69 -21.63
C PRO A 439 -15.44 -46.07 -22.12
N TRP A 440 -16.47 -45.56 -21.44
CA TRP A 440 -17.86 -45.78 -21.82
C TRP A 440 -18.16 -45.32 -23.24
N LYS B 27 -13.04 -31.52 -42.78
CA LYS B 27 -12.61 -30.59 -43.83
C LYS B 27 -12.39 -29.21 -43.22
N PHE B 28 -13.28 -28.85 -42.29
CA PHE B 28 -13.25 -27.56 -41.65
C PHE B 28 -13.02 -27.74 -40.16
N PRO B 29 -12.09 -26.98 -39.57
CA PRO B 29 -11.75 -27.18 -38.15
C PRO B 29 -12.94 -26.97 -37.22
N ARG B 30 -13.15 -27.91 -36.31
CA ARG B 30 -14.12 -27.77 -35.24
C ARG B 30 -13.50 -27.07 -34.05
N VAL B 31 -14.20 -26.05 -33.55
CA VAL B 31 -13.65 -25.10 -32.59
C VAL B 31 -14.56 -25.07 -31.37
N LYS B 32 -14.02 -25.40 -30.20
CA LYS B 32 -14.82 -25.47 -28.99
C LYS B 32 -14.61 -24.22 -28.14
N ASN B 33 -15.67 -23.77 -27.48
CA ASN B 33 -15.57 -22.82 -26.40
C ASN B 33 -15.74 -23.54 -25.08
N TRP B 34 -14.71 -23.54 -24.25
CA TRP B 34 -14.74 -24.36 -23.05
C TRP B 34 -15.49 -23.71 -21.91
N GLU B 35 -15.59 -22.39 -21.88
CA GLU B 35 -16.44 -21.74 -20.88
C GLU B 35 -17.91 -22.13 -21.08
N VAL B 36 -18.41 -22.05 -22.32
CA VAL B 36 -19.83 -22.26 -22.57
C VAL B 36 -20.15 -23.67 -23.07
N GLY B 37 -19.17 -24.39 -23.61
CA GLY B 37 -19.43 -25.66 -24.27
C GLY B 37 -19.73 -25.55 -25.75
N SER B 38 -19.80 -24.33 -26.31
CA SER B 38 -20.15 -24.09 -27.70
C SER B 38 -19.18 -24.76 -28.66
N ILE B 39 -19.69 -25.10 -29.84
CA ILE B 39 -18.88 -25.63 -30.92
C ILE B 39 -19.28 -24.94 -32.21
N THR B 40 -18.28 -24.63 -33.05
CA THR B 40 -18.49 -24.08 -34.37
C THR B 40 -17.49 -24.74 -35.32
N TYR B 41 -17.69 -24.54 -36.61
CA TYR B 41 -16.74 -24.97 -37.61
C TYR B 41 -16.29 -23.76 -38.41
N ASP B 42 -14.99 -23.67 -38.67
CA ASP B 42 -14.42 -22.51 -39.32
C ASP B 42 -14.26 -22.83 -40.80
N THR B 43 -15.33 -22.60 -41.56
CA THR B 43 -15.27 -22.81 -43.00
C THR B 43 -14.42 -21.75 -43.69
N LEU B 44 -14.37 -20.55 -43.15
CA LEU B 44 -13.58 -19.49 -43.75
C LEU B 44 -12.10 -19.87 -43.83
N SER B 45 -11.62 -20.71 -42.91
CA SER B 45 -10.21 -21.14 -42.95
C SER B 45 -9.87 -21.78 -44.29
N ALA B 46 -10.82 -22.47 -44.90
CA ALA B 46 -10.56 -23.16 -46.17
C ALA B 46 -10.13 -22.19 -47.27
N GLN B 47 -10.46 -20.91 -47.16
CA GLN B 47 -10.18 -19.94 -48.22
C GLN B 47 -8.88 -19.17 -48.00
N ALA B 48 -7.99 -19.68 -47.15
CA ALA B 48 -6.79 -18.95 -46.75
C ALA B 48 -5.89 -18.64 -47.94
N GLN B 49 -5.75 -17.35 -48.27
CA GLN B 49 -5.13 -16.91 -49.51
C GLN B 49 -3.61 -17.10 -49.53
N GLN B 50 -2.97 -17.28 -48.38
CA GLN B 50 -1.54 -17.50 -48.35
C GLN B 50 -1.23 -18.48 -47.23
N ASP B 51 0.05 -18.80 -47.07
CA ASP B 51 0.45 -19.92 -46.24
C ASP B 51 1.30 -19.46 -45.06
N GLY B 52 1.01 -20.03 -43.89
CA GLY B 52 1.72 -19.74 -42.67
C GLY B 52 2.85 -20.72 -42.40
N PRO B 53 3.45 -20.63 -41.22
CA PRO B 53 4.73 -21.32 -40.96
C PRO B 53 4.62 -22.72 -40.38
N CYS B 54 3.42 -23.18 -40.01
CA CYS B 54 3.25 -24.50 -39.45
C CYS B 54 3.21 -25.56 -40.55
N THR B 55 3.45 -26.81 -40.14
CA THR B 55 3.28 -28.01 -40.94
C THR B 55 2.66 -29.08 -40.07
N PRO B 56 2.27 -30.25 -40.62
CA PRO B 56 1.88 -31.37 -39.75
C PRO B 56 3.04 -31.87 -38.89
N ARG B 57 4.28 -31.57 -39.26
CA ARG B 57 5.45 -31.91 -38.44
C ARG B 57 5.45 -31.14 -37.13
N ARG B 58 5.28 -29.82 -37.22
CA ARG B 58 5.69 -28.93 -36.15
C ARG B 58 4.90 -27.65 -36.27
N CYS B 59 4.36 -27.20 -35.16
CA CYS B 59 3.65 -25.93 -35.08
C CYS B 59 4.64 -24.84 -34.70
N LEU B 60 4.63 -23.75 -35.48
CA LEU B 60 5.39 -22.54 -35.17
C LEU B 60 4.47 -21.36 -34.84
N GLY B 61 3.24 -21.65 -34.42
CA GLY B 61 2.29 -20.60 -34.03
C GLY B 61 2.87 -19.53 -33.13
N SER B 62 3.79 -19.92 -32.22
CA SER B 62 4.31 -18.96 -31.24
C SER B 62 5.38 -18.03 -31.80
N LEU B 63 5.85 -18.23 -33.03
CA LEU B 63 6.88 -17.34 -33.57
C LEU B 63 6.28 -15.97 -33.88
N VAL B 64 6.99 -14.91 -33.46
CA VAL B 64 6.50 -13.56 -33.70
C VAL B 64 6.52 -13.24 -35.20
N PHE B 65 7.63 -13.54 -35.87
CA PHE B 65 7.72 -13.32 -37.32
C PHE B 65 7.75 -14.66 -38.04
N PRO B 66 6.61 -15.17 -38.50
CA PRO B 66 6.48 -16.47 -39.16
C PRO B 66 7.27 -16.56 -40.47
N ALA B 79 4.84 -9.70 -61.33
CA ALA B 79 4.34 -10.91 -61.99
C ALA B 79 2.86 -10.76 -62.35
N PRO B 80 2.58 -10.47 -63.64
CA PRO B 80 1.21 -10.15 -64.05
C PRO B 80 0.18 -11.23 -63.74
N GLU B 81 0.50 -12.50 -64.00
CA GLU B 81 -0.45 -13.59 -63.76
C GLU B 81 -1.02 -13.52 -62.35
N GLN B 82 -0.14 -13.47 -61.35
CA GLN B 82 -0.54 -13.59 -59.96
C GLN B 82 -0.93 -12.26 -59.35
N LEU B 83 -0.61 -11.15 -60.01
CA LEU B 83 -1.26 -9.89 -59.69
C LEU B 83 -2.73 -9.93 -60.10
N LEU B 84 -3.01 -10.46 -61.29
CA LEU B 84 -4.39 -10.56 -61.78
C LEU B 84 -5.25 -11.41 -60.86
N SER B 85 -4.74 -12.54 -60.39
CA SER B 85 -5.59 -13.41 -59.58
C SER B 85 -5.87 -12.79 -58.22
N GLN B 86 -4.87 -12.18 -57.61
CA GLN B 86 -5.09 -11.45 -56.35
C GLN B 86 -6.08 -10.30 -56.56
N ALA B 87 -5.93 -9.57 -57.67
CA ALA B 87 -6.83 -8.46 -57.92
C ALA B 87 -8.24 -8.95 -58.19
N ARG B 88 -8.34 -10.07 -58.90
CA ARG B 88 -9.63 -10.64 -59.22
C ARG B 88 -10.35 -11.07 -57.96
N ASP B 89 -9.63 -11.73 -57.06
CA ASP B 89 -10.24 -12.10 -55.79
C ASP B 89 -10.70 -10.87 -55.04
N PHE B 90 -9.88 -9.81 -55.01
CA PHE B 90 -10.27 -8.65 -54.23
C PHE B 90 -11.49 -7.96 -54.82
N ILE B 91 -11.50 -7.74 -56.15
CA ILE B 91 -12.68 -7.13 -56.78
C ILE B 91 -13.91 -8.00 -56.57
N ASN B 92 -13.74 -9.32 -56.58
CA ASN B 92 -14.86 -10.21 -56.28
C ASN B 92 -15.36 -9.99 -54.85
N GLN B 93 -14.43 -9.86 -53.90
CA GLN B 93 -14.84 -9.53 -52.55
C GLN B 93 -15.57 -8.21 -52.51
N TYR B 94 -15.03 -7.19 -53.19
CA TYR B 94 -15.64 -5.87 -53.12
C TYR B 94 -17.06 -5.90 -53.67
N TYR B 95 -17.25 -6.52 -54.83
CA TYR B 95 -18.59 -6.56 -55.38
C TYR B 95 -19.51 -7.49 -54.61
N SER B 96 -18.96 -8.47 -53.88
CA SER B 96 -19.77 -9.19 -52.90
C SER B 96 -20.33 -8.23 -51.85
N SER B 97 -19.47 -7.36 -51.30
CA SER B 97 -19.86 -6.56 -50.15
C SER B 97 -20.90 -5.50 -50.48
N ILE B 98 -21.06 -5.15 -51.76
CA ILE B 98 -22.07 -4.19 -52.20
C ILE B 98 -23.22 -4.87 -52.92
N LYS B 99 -23.30 -6.21 -52.87
CA LYS B 99 -24.38 -6.98 -53.49
C LYS B 99 -24.49 -6.70 -54.99
N ARG B 100 -23.33 -6.59 -55.65
CA ARG B 100 -23.25 -6.50 -57.10
C ARG B 100 -22.41 -7.63 -57.68
N SER B 101 -22.42 -8.78 -57.01
CA SER B 101 -21.70 -9.95 -57.51
CA SER B 101 -21.71 -9.95 -57.51
C SER B 101 -22.27 -10.39 -58.85
N GLY B 102 -21.40 -10.48 -59.85
CA GLY B 102 -21.81 -10.93 -61.17
C GLY B 102 -22.65 -9.95 -61.96
N SER B 103 -22.65 -8.68 -61.60
CA SER B 103 -23.43 -7.69 -62.31
C SER B 103 -22.61 -7.11 -63.46
N GLN B 104 -23.27 -6.26 -64.26
CA GLN B 104 -22.57 -5.57 -65.33
C GLN B 104 -21.35 -4.81 -64.81
N ALA B 105 -21.54 -4.04 -63.73
CA ALA B 105 -20.46 -3.23 -63.20
C ALA B 105 -19.32 -4.09 -62.68
N HIS B 106 -19.65 -5.26 -62.14
CA HIS B 106 -18.63 -6.20 -61.66
C HIS B 106 -17.72 -6.65 -62.80
N GLU B 107 -18.31 -7.18 -63.88
CA GLU B 107 -17.48 -7.72 -64.96
C GLU B 107 -16.73 -6.61 -65.68
N GLN B 108 -17.29 -5.40 -65.71
CA GLN B 108 -16.58 -4.27 -66.28
C GLN B 108 -15.31 -3.94 -65.49
N ARG B 109 -15.42 -3.92 -64.15
CA ARG B 109 -14.25 -3.66 -63.32
C ARG B 109 -13.19 -4.73 -63.53
N LEU B 110 -13.58 -6.00 -63.59
CA LEU B 110 -12.60 -7.05 -63.85
C LEU B 110 -11.86 -6.81 -65.15
N GLN B 111 -12.60 -6.52 -66.23
CA GLN B 111 -11.95 -6.23 -67.49
C GLN B 111 -11.09 -4.99 -67.41
N GLU B 112 -11.57 -3.96 -66.72
CA GLU B 112 -10.78 -2.74 -66.56
C GLU B 112 -9.42 -3.02 -65.92
N VAL B 113 -9.39 -3.90 -64.90
CA VAL B 113 -8.14 -4.16 -64.19
C VAL B 113 -7.19 -4.98 -65.06
N GLU B 114 -7.70 -6.05 -65.66
CA GLU B 114 -6.91 -6.83 -66.61
C GLU B 114 -6.32 -5.94 -67.69
N ALA B 115 -7.15 -5.11 -68.30
CA ALA B 115 -6.67 -4.21 -69.33
C ALA B 115 -5.57 -3.31 -68.79
N GLU B 116 -5.71 -2.85 -67.55
CA GLU B 116 -4.72 -1.93 -67.02
C GLU B 116 -3.45 -2.65 -66.60
N VAL B 117 -3.58 -3.88 -66.10
CA VAL B 117 -2.40 -4.68 -65.77
C VAL B 117 -1.61 -4.99 -67.03
N ALA B 118 -2.30 -5.32 -68.12
CA ALA B 118 -1.62 -5.56 -69.39
C ALA B 118 -0.91 -4.30 -69.86
N ALA B 119 -1.53 -3.13 -69.69
CA ALA B 119 -1.00 -1.92 -70.28
C ALA B 119 0.14 -1.31 -69.47
N THR B 120 0.06 -1.39 -68.13
CA THR B 120 0.99 -0.70 -67.25
C THR B 120 1.73 -1.60 -66.27
N GLY B 121 1.32 -2.86 -66.12
CA GLY B 121 1.89 -3.75 -65.13
C GLY B 121 1.26 -3.68 -63.75
N THR B 122 0.40 -2.70 -63.51
CA THR B 122 -0.27 -2.51 -62.22
C THR B 122 -1.68 -2.00 -62.51
N TYR B 123 -2.39 -1.59 -61.47
CA TYR B 123 -3.70 -0.96 -61.62
C TYR B 123 -3.92 -0.04 -60.41
N GLN B 124 -4.95 0.81 -60.51
CA GLN B 124 -5.30 1.75 -59.45
C GLN B 124 -6.62 1.37 -58.82
N LEU B 125 -6.68 1.45 -57.48
CA LEU B 125 -7.93 1.22 -56.78
C LEU B 125 -8.84 2.43 -56.91
N ARG B 126 -10.14 2.19 -57.03
CA ARG B 126 -11.07 3.30 -56.82
C ARG B 126 -11.12 3.61 -55.34
N GLU B 127 -11.64 4.80 -55.03
CA GLU B 127 -11.62 5.25 -53.64
C GLU B 127 -12.45 4.32 -52.74
N SER B 128 -13.63 3.91 -53.21
CA SER B 128 -14.46 3.02 -52.41
CA SER B 128 -14.46 3.02 -52.41
C SER B 128 -13.82 1.65 -52.25
N GLU B 129 -13.10 1.19 -53.27
CA GLU B 129 -12.38 -0.06 -53.13
C GLU B 129 -11.28 0.07 -52.08
N LEU B 130 -10.63 1.23 -52.03
CA LEU B 130 -9.55 1.45 -51.06
C LEU B 130 -10.10 1.43 -49.64
N VAL B 131 -11.20 2.17 -49.41
CA VAL B 131 -11.84 2.21 -48.10
C VAL B 131 -12.20 0.80 -47.66
N PHE B 132 -12.83 0.03 -48.55
CA PHE B 132 -13.21 -1.34 -48.25
C PHE B 132 -11.98 -2.21 -47.95
N GLY B 133 -10.95 -2.09 -48.78
CA GLY B 133 -9.74 -2.89 -48.59
C GLY B 133 -9.01 -2.60 -47.28
N ALA B 134 -8.98 -1.33 -46.84
CA ALA B 134 -8.31 -1.01 -45.58
C ALA B 134 -9.12 -1.54 -44.39
N LYS B 135 -10.45 -1.44 -44.46
CA LYS B 135 -11.29 -2.05 -43.44
C LYS B 135 -11.13 -3.57 -43.39
N GLN B 136 -11.10 -4.22 -44.56
CA GLN B 136 -10.93 -5.66 -44.59
C GLN B 136 -9.60 -6.08 -43.97
N ALA B 137 -8.56 -5.30 -44.23
CA ALA B 137 -7.25 -5.64 -43.71
C ALA B 137 -7.27 -5.66 -42.20
N TRP B 138 -7.92 -4.67 -41.60
CA TRP B 138 -8.10 -4.68 -40.15
C TRP B 138 -8.93 -5.87 -39.73
N ARG B 139 -10.08 -6.06 -40.37
CA ARG B 139 -10.93 -7.21 -40.10
C ARG B 139 -10.19 -8.55 -40.18
N ASN B 140 -9.18 -8.66 -41.05
CA ASN B 140 -8.47 -9.91 -41.24
C ASN B 140 -7.24 -10.09 -40.35
N ALA B 141 -6.83 -9.06 -39.62
CA ALA B 141 -5.61 -9.11 -38.79
C ALA B 141 -5.75 -10.06 -37.60
N PRO B 142 -5.08 -11.21 -37.58
CA PRO B 142 -5.38 -12.24 -36.56
C PRO B 142 -4.95 -11.90 -35.16
N ARG B 143 -3.99 -11.00 -35.00
CA ARG B 143 -3.46 -10.69 -33.69
C ARG B 143 -4.13 -9.49 -33.06
N CYS B 144 -5.24 -9.00 -33.65
CA CYS B 144 -5.91 -7.79 -33.18
C CYS B 144 -7.12 -8.16 -32.34
N VAL B 145 -7.08 -7.81 -31.06
CA VAL B 145 -8.24 -8.05 -30.21
C VAL B 145 -9.27 -6.96 -30.36
N GLY B 146 -8.92 -5.85 -31.02
CA GLY B 146 -9.81 -4.71 -31.15
C GLY B 146 -10.72 -4.71 -32.36
N ARG B 147 -10.91 -5.85 -33.01
CA ARG B 147 -11.53 -5.85 -34.33
C ARG B 147 -13.04 -5.68 -34.31
N ILE B 148 -13.68 -5.69 -33.13
CA ILE B 148 -15.12 -5.41 -33.10
C ILE B 148 -15.43 -4.10 -33.80
N GLN B 149 -14.48 -3.16 -33.81
CA GLN B 149 -14.57 -1.83 -34.40
C GLN B 149 -14.25 -1.76 -35.90
N TRP B 150 -13.98 -2.88 -36.57
CA TRP B 150 -13.32 -2.83 -37.89
C TRP B 150 -14.09 -1.95 -38.89
N GLY B 151 -15.41 -1.90 -38.79
CA GLY B 151 -16.19 -1.15 -39.75
C GLY B 151 -16.21 0.35 -39.51
N LYS B 152 -15.83 0.81 -38.32
CA LYS B 152 -15.84 2.24 -38.04
C LYS B 152 -14.46 2.86 -38.23
N LEU B 153 -13.79 2.54 -39.34
CA LEU B 153 -12.41 2.95 -39.60
C LEU B 153 -12.40 4.16 -40.53
N GLN B 154 -11.66 5.18 -40.17
CA GLN B 154 -11.60 6.40 -40.98
C GLN B 154 -10.42 6.27 -41.94
N VAL B 155 -10.69 6.29 -43.24
CA VAL B 155 -9.65 6.09 -44.24
C VAL B 155 -9.32 7.44 -44.87
N PHE B 156 -8.08 7.89 -44.67
CA PHE B 156 -7.58 9.07 -45.37
C PHE B 156 -6.76 8.65 -46.58
N ASP B 157 -7.15 9.15 -47.75
CA ASP B 157 -6.52 8.78 -49.02
C ASP B 157 -5.42 9.77 -49.32
N ALA B 158 -4.18 9.35 -49.14
CA ALA B 158 -3.02 10.19 -49.40
C ALA B 158 -2.21 9.66 -50.58
N ARG B 159 -2.88 8.94 -51.50
CA ARG B 159 -2.21 8.36 -52.66
C ARG B 159 -1.75 9.42 -53.63
N ASP B 160 -2.17 10.66 -53.46
CA ASP B 160 -1.63 11.72 -54.27
C ASP B 160 -0.43 12.39 -53.61
N CYS B 161 0.04 11.84 -52.49
CA CYS B 161 1.16 12.47 -51.81
C CYS B 161 2.39 12.53 -52.71
N ARG B 162 3.22 13.54 -52.48
CA ARG B 162 4.25 13.87 -53.45
C ARG B 162 5.65 13.94 -52.88
N SER B 163 5.79 14.28 -51.60
CA SER B 163 7.12 14.47 -51.02
C SER B 163 7.07 14.00 -49.58
N ALA B 164 8.25 14.00 -48.95
CA ALA B 164 8.32 13.78 -47.52
C ALA B 164 7.62 14.90 -46.76
N GLN B 165 7.63 16.12 -47.30
CA GLN B 165 7.02 17.25 -46.60
C GLN B 165 5.50 17.13 -46.61
N GLU B 166 4.91 16.87 -47.78
CA GLU B 166 3.48 16.59 -47.84
C GLU B 166 3.12 15.36 -47.02
N MET B 167 4.02 14.38 -47.00
CA MET B 167 3.82 13.20 -46.17
C MET B 167 3.68 13.60 -44.70
N PHE B 168 4.57 14.45 -44.22
CA PHE B 168 4.54 14.86 -42.82
C PHE B 168 3.24 15.59 -42.49
N THR B 169 2.74 16.40 -43.42
CA THR B 169 1.49 17.12 -43.19
C THR B 169 0.32 16.17 -43.08
N TYR B 170 0.22 15.22 -44.01
CA TYR B 170 -0.81 14.19 -43.91
C TYR B 170 -0.76 13.48 -42.56
N ILE B 171 0.44 13.24 -42.03
CA ILE B 171 0.58 12.46 -40.79
C ILE B 171 0.11 13.28 -39.61
N CYS B 172 0.55 14.54 -39.55
CA CYS B 172 0.10 15.46 -38.51
C CYS B 172 -1.42 15.54 -38.46
N ASN B 173 -2.06 15.60 -39.63
CA ASN B 173 -3.51 15.64 -39.65
CA ASN B 173 -3.52 15.61 -39.70
C ASN B 173 -4.11 14.30 -39.19
N HIS B 174 -3.47 13.19 -39.51
CA HIS B 174 -3.95 11.92 -39.01
C HIS B 174 -3.88 11.92 -37.48
N ILE B 175 -2.71 12.25 -36.92
CA ILE B 175 -2.54 12.32 -35.47
C ILE B 175 -3.62 13.20 -34.86
N LYS B 176 -3.84 14.37 -35.47
CA LYS B 176 -4.81 15.33 -34.93
C LYS B 176 -6.22 14.76 -34.98
N TYR B 177 -6.59 14.15 -36.10
CA TYR B 177 -7.93 13.56 -36.21
C TYR B 177 -8.12 12.37 -35.26
N ALA B 178 -7.15 11.47 -35.25
CA ALA B 178 -7.25 10.24 -34.44
C ALA B 178 -7.26 10.56 -32.94
N THR B 179 -6.43 11.52 -32.54
CA THR B 179 -6.34 11.87 -31.13
C THR B 179 -7.61 12.56 -30.66
N ASN B 180 -8.02 13.59 -31.37
CA ASN B 180 -9.34 14.18 -31.16
C ASN B 180 -9.51 14.58 -29.69
N ARG B 181 -8.45 15.15 -29.13
CA ARG B 181 -8.43 15.74 -27.79
C ARG B 181 -8.66 14.71 -26.69
N GLY B 182 -8.38 13.44 -26.95
CA GLY B 182 -8.55 12.37 -25.99
C GLY B 182 -9.68 11.45 -26.31
N ASN B 183 -10.64 11.87 -27.14
CA ASN B 183 -11.71 10.99 -27.61
C ASN B 183 -11.26 10.29 -28.89
N LEU B 184 -10.43 9.26 -28.72
CA LEU B 184 -9.68 8.71 -29.86
C LEU B 184 -10.57 8.10 -30.94
N ARG B 185 -10.15 8.23 -32.20
CA ARG B 185 -10.87 7.68 -33.33
C ARG B 185 -9.93 6.84 -34.19
N SER B 186 -10.39 5.66 -34.61
CA SER B 186 -9.58 4.80 -35.50
C SER B 186 -9.41 5.41 -36.89
N ALA B 187 -8.19 5.40 -37.38
CA ALA B 187 -7.90 6.07 -38.64
C ALA B 187 -6.75 5.35 -39.29
N ILE B 188 -6.74 5.38 -40.61
CA ILE B 188 -5.59 4.97 -41.41
C ILE B 188 -5.36 6.02 -42.50
N THR B 189 -4.09 6.35 -42.75
CA THR B 189 -3.73 7.18 -43.88
C THR B 189 -2.93 6.36 -44.87
N VAL B 190 -3.39 6.30 -46.11
CA VAL B 190 -2.83 5.42 -47.14
C VAL B 190 -2.01 6.25 -48.11
N PHE B 191 -0.71 6.04 -48.10
CA PHE B 191 0.21 6.72 -48.99
C PHE B 191 0.36 5.95 -50.30
N PRO B 192 1.05 6.53 -51.30
CA PRO B 192 1.01 5.93 -52.64
C PRO B 192 1.56 4.52 -52.67
N GLN B 193 0.95 3.70 -53.52
CA GLN B 193 1.29 2.30 -53.62
C GLN B 193 2.71 2.11 -54.17
N ARG B 194 3.28 0.96 -53.82
CA ARG B 194 4.46 0.46 -54.52
C ARG B 194 4.14 0.34 -55.99
N CYS B 195 5.04 0.83 -56.85
CA CYS B 195 4.77 0.74 -58.27
C CYS B 195 6.08 0.66 -59.04
N PRO B 196 6.07 0.07 -60.23
CA PRO B 196 7.33 -0.09 -60.97
C PRO B 196 7.91 1.26 -61.41
N GLY B 197 9.22 1.40 -61.19
CA GLY B 197 9.98 2.56 -61.61
C GLY B 197 10.41 3.43 -60.47
N ARG B 198 9.68 3.40 -59.37
CA ARG B 198 9.83 4.33 -58.28
C ARG B 198 10.15 3.55 -57.00
N GLY B 199 10.85 4.20 -56.08
CA GLY B 199 11.03 3.65 -54.76
C GLY B 199 9.79 3.87 -53.90
N ASP B 200 9.84 3.32 -52.70
CA ASP B 200 8.68 3.33 -51.82
C ASP B 200 8.62 4.60 -50.98
N PHE B 201 7.41 5.02 -50.66
CA PHE B 201 7.21 5.81 -49.47
C PHE B 201 7.42 4.92 -48.25
N ARG B 202 8.18 5.38 -47.26
CA ARG B 202 8.34 4.62 -46.01
C ARG B 202 8.37 5.57 -44.82
N ILE B 203 7.82 5.08 -43.71
CA ILE B 203 7.98 5.68 -42.40
C ILE B 203 8.95 4.79 -41.62
N TRP B 204 10.12 5.33 -41.27
CA TRP B 204 11.12 4.47 -40.67
C TRP B 204 10.72 4.06 -39.26
N ASN B 205 10.11 4.98 -38.51
CA ASN B 205 9.59 4.71 -37.18
C ASN B 205 8.54 3.62 -37.21
N SER B 206 8.57 2.77 -36.19
CA SER B 206 7.59 1.69 -36.11
C SER B 206 6.24 2.20 -35.61
N GLN B 207 6.23 3.27 -34.80
CA GLN B 207 5.00 3.97 -34.48
C GLN B 207 5.22 5.47 -34.65
N LEU B 208 4.14 6.19 -34.91
CA LEU B 208 4.24 7.65 -35.02
C LEU B 208 4.74 8.29 -33.74
N VAL B 209 4.40 7.73 -32.58
CA VAL B 209 4.85 8.26 -31.30
C VAL B 209 5.68 7.19 -30.60
N ARG B 210 6.95 7.48 -30.38
CA ARG B 210 7.86 6.57 -29.72
C ARG B 210 8.75 7.37 -28.79
N TYR B 211 9.14 6.75 -27.70
CA TYR B 211 10.09 7.36 -26.79
C TYR B 211 11.49 6.91 -27.14
N ALA B 212 12.43 7.87 -27.12
CA ALA B 212 13.83 7.58 -27.40
C ALA B 212 14.38 6.51 -26.45
N GLY B 213 15.29 5.72 -26.99
CA GLY B 213 16.07 4.78 -26.22
C GLY B 213 17.55 5.08 -26.40
N TYR B 214 18.15 5.65 -25.37
CA TYR B 214 19.54 6.08 -25.39
C TYR B 214 20.40 4.99 -24.80
N ARG B 215 21.08 4.23 -25.65
CA ARG B 215 22.17 3.40 -25.15
C ARG B 215 23.14 4.29 -24.39
N GLN B 216 23.42 3.92 -23.16
CA GLN B 216 24.41 4.63 -22.39
C GLN B 216 25.69 3.79 -22.33
N GLN B 217 26.65 4.27 -21.55
CA GLN B 217 28.04 3.91 -21.83
C GLN B 217 28.32 2.44 -21.55
N ASP B 218 27.55 1.80 -20.67
CA ASP B 218 27.78 0.40 -20.33
C ASP B 218 27.00 -0.54 -21.25
N GLY B 219 25.71 -0.30 -21.44
CA GLY B 219 24.82 -1.21 -22.13
C GLY B 219 23.43 -1.14 -21.52
N SER B 220 23.28 -0.19 -20.59
CA SER B 220 22.01 0.11 -19.94
C SER B 220 21.31 1.24 -20.70
N VAL B 221 20.08 0.97 -21.13
CA VAL B 221 19.34 1.93 -21.92
C VAL B 221 18.59 2.87 -20.98
N ARG B 222 18.72 4.18 -21.24
CA ARG B 222 17.87 5.19 -20.65
C ARG B 222 16.74 5.50 -21.62
N GLY B 223 15.50 5.35 -21.16
CA GLY B 223 14.35 5.49 -22.03
C GLY B 223 13.83 4.14 -22.46
N ASP B 224 13.30 4.02 -23.68
CA ASP B 224 12.67 2.77 -24.09
C ASP B 224 13.67 1.93 -24.86
N PRO B 225 14.03 0.74 -24.35
CA PRO B 225 15.04 -0.08 -25.03
C PRO B 225 14.63 -0.61 -26.39
N ALA B 226 13.33 -0.71 -26.66
CA ALA B 226 12.87 -1.15 -27.97
C ALA B 226 13.19 -0.16 -29.08
N ASN B 227 13.51 1.09 -28.74
CA ASN B 227 13.72 2.13 -29.73
C ASN B 227 15.17 2.58 -29.78
N VAL B 228 16.08 1.72 -29.36
CA VAL B 228 17.50 2.04 -29.39
C VAL B 228 17.97 2.29 -30.82
N GLU B 229 17.58 1.41 -31.75
CA GLU B 229 18.04 1.49 -33.13
C GLU B 229 17.50 2.74 -33.83
N ILE B 230 16.19 2.96 -33.75
CA ILE B 230 15.59 4.11 -34.43
C ILE B 230 16.09 5.41 -33.83
N THR B 231 16.37 5.40 -32.52
CA THR B 231 16.94 6.59 -31.89
C THR B 231 18.30 6.92 -32.48
N GLU B 232 19.15 5.92 -32.71
CA GLU B 232 20.47 6.17 -33.28
C GLU B 232 20.34 6.70 -34.71
N LEU B 233 19.42 6.13 -35.50
CA LEU B 233 19.16 6.64 -36.83
C LEU B 233 18.74 8.10 -36.78
N CYS B 234 17.94 8.50 -35.79
CA CYS B 234 17.51 9.89 -35.71
C CYS B 234 18.69 10.81 -35.46
N ILE B 235 19.55 10.42 -34.53
CA ILE B 235 20.72 11.24 -34.20
C ILE B 235 21.69 11.27 -35.36
N GLN B 236 21.91 10.11 -35.99
CA GLN B 236 22.74 10.04 -37.18
C GLN B 236 22.20 10.92 -38.29
N HIS B 237 20.88 11.13 -38.35
CA HIS B 237 20.29 12.05 -39.30
C HIS B 237 20.07 13.44 -38.72
N GLY B 238 20.81 13.78 -37.66
CA GLY B 238 20.86 15.15 -37.20
C GLY B 238 19.85 15.53 -36.15
N TRP B 239 19.11 14.58 -35.59
CA TRP B 239 18.32 14.90 -34.42
C TRP B 239 19.24 15.26 -33.27
N THR B 240 18.95 16.36 -32.60
CA THR B 240 19.61 16.70 -31.33
C THR B 240 18.94 15.90 -30.22
N PRO B 241 19.61 14.87 -29.69
CA PRO B 241 18.97 14.04 -28.66
C PRO B 241 18.84 14.76 -27.34
N GLY B 242 17.88 14.30 -26.54
CA GLY B 242 17.73 14.67 -25.16
C GLY B 242 18.39 13.67 -24.25
N ASN B 243 17.93 13.64 -22.99
CA ASN B 243 18.46 12.64 -22.07
C ASN B 243 17.42 12.17 -21.06
N GLY B 244 16.13 12.20 -21.44
CA GLY B 244 15.07 11.73 -20.57
C GLY B 244 14.63 10.29 -20.87
N ARG B 245 13.73 9.81 -20.01
CA ARG B 245 13.13 8.50 -20.21
C ARG B 245 11.94 8.53 -21.14
N PHE B 246 11.40 9.72 -21.41
CA PHE B 246 10.18 9.82 -22.21
C PHE B 246 10.32 10.92 -23.27
N ASP B 247 11.42 10.90 -24.01
CA ASP B 247 11.62 11.88 -25.07
C ASP B 247 10.93 11.38 -26.32
N VAL B 248 9.99 12.15 -26.84
CA VAL B 248 9.30 11.75 -28.06
C VAL B 248 10.29 11.81 -29.22
N LEU B 249 10.32 10.75 -30.02
CA LEU B 249 11.23 10.70 -31.16
C LEU B 249 10.70 11.53 -32.33
N PRO B 250 11.59 12.10 -33.14
CA PRO B 250 11.17 12.70 -34.40
C PRO B 250 10.78 11.62 -35.41
N LEU B 251 10.11 12.06 -36.47
CA LEU B 251 9.77 11.14 -37.55
C LEU B 251 10.88 11.15 -38.59
N LEU B 252 11.29 9.97 -39.03
CA LEU B 252 12.14 9.80 -40.20
C LEU B 252 11.26 9.36 -41.35
N LEU B 253 11.10 10.23 -42.35
CA LEU B 253 10.15 10.00 -43.43
C LEU B 253 10.88 9.95 -44.76
N GLN B 254 10.65 8.86 -45.50
CA GLN B 254 11.33 8.56 -46.75
C GLN B 254 10.30 8.64 -47.88
N ALA B 255 10.51 9.61 -48.78
CA ALA B 255 9.86 9.68 -50.08
C ALA B 255 10.66 8.89 -51.12
N PRO B 256 10.04 8.49 -52.22
CA PRO B 256 10.71 7.61 -53.20
C PRO B 256 12.09 8.11 -53.61
N ASP B 257 13.06 7.19 -53.53
CA ASP B 257 14.40 7.40 -54.12
C ASP B 257 15.09 8.61 -53.53
N GLU B 258 14.76 8.88 -52.29
CA GLU B 258 15.27 9.97 -51.47
C GLU B 258 15.80 9.38 -50.18
N PRO B 259 16.82 9.99 -49.58
CA PRO B 259 17.18 9.61 -48.19
C PRO B 259 16.03 9.91 -47.25
N PRO B 260 16.04 9.37 -46.04
CA PRO B 260 14.99 9.74 -45.09
C PRO B 260 15.21 11.16 -44.60
N GLU B 261 14.11 11.83 -44.30
CA GLU B 261 14.12 13.21 -43.87
C GLU B 261 13.48 13.28 -42.50
N LEU B 262 14.07 14.09 -41.62
CA LEU B 262 13.70 14.17 -40.21
C LEU B 262 12.62 15.21 -40.00
N PHE B 263 11.61 14.87 -39.20
CA PHE B 263 10.56 15.85 -38.89
C PHE B 263 10.24 15.78 -37.41
N LEU B 264 10.19 16.94 -36.77
CA LEU B 264 9.80 17.01 -35.37
C LEU B 264 8.28 17.09 -35.28
N LEU B 265 7.70 16.26 -34.44
CA LEU B 265 6.28 16.39 -34.19
C LEU B 265 6.03 17.59 -33.29
N PRO B 266 5.10 18.46 -33.63
CA PRO B 266 4.77 19.57 -32.74
C PRO B 266 4.36 19.06 -31.38
N PRO B 267 4.96 19.60 -30.31
CA PRO B 267 4.62 19.16 -28.94
C PRO B 267 3.12 19.02 -28.68
N GLU B 268 2.32 20.00 -29.11
CA GLU B 268 0.91 19.98 -28.76
C GLU B 268 0.10 19.05 -29.64
N LEU B 269 0.72 18.31 -30.55
CA LEU B 269 0.06 17.27 -31.28
C LEU B 269 0.20 15.90 -30.59
N VAL B 270 1.20 15.74 -29.72
CA VAL B 270 1.47 14.49 -29.03
C VAL B 270 0.81 14.58 -27.65
N LEU B 271 -0.42 14.09 -27.55
CA LEU B 271 -1.11 14.03 -26.26
C LEU B 271 -0.49 12.93 -25.41
N GLU B 272 -0.10 13.28 -24.18
CA GLU B 272 0.55 12.34 -23.27
C GLU B 272 -0.21 12.26 -21.94
N VAL B 273 0.05 11.20 -21.18
CA VAL B 273 -0.68 10.95 -19.94
C VAL B 273 0.32 10.67 -18.82
N PRO B 274 0.52 11.62 -17.91
CA PRO B 274 1.31 11.30 -16.70
C PRO B 274 0.57 10.23 -15.90
N LEU B 275 1.33 9.27 -15.36
CA LEU B 275 0.77 8.10 -14.70
C LEU B 275 0.73 8.33 -13.19
N GLU B 276 -0.43 8.12 -12.59
CA GLU B 276 -0.57 8.19 -11.15
C GLU B 276 -1.45 7.02 -10.69
N HIS B 277 -1.39 6.73 -9.42
CA HIS B 277 -2.17 5.59 -8.98
C HIS B 277 -3.29 6.08 -8.07
N PRO B 278 -4.49 5.51 -8.16
CA PRO B 278 -5.61 6.09 -7.39
C PRO B 278 -5.40 6.03 -5.89
N THR B 279 -4.65 5.05 -5.39
CA THR B 279 -4.41 4.97 -3.95
C THR B 279 -2.95 4.83 -3.54
N LEU B 280 -1.98 4.72 -4.45
CA LEU B 280 -0.58 4.72 -4.02
C LEU B 280 0.00 6.07 -4.47
N GLU B 281 0.16 7.00 -3.53
CA GLU B 281 0.44 8.37 -3.98
C GLU B 281 1.91 8.59 -4.31
N TRP B 282 2.81 7.75 -3.81
CA TRP B 282 4.19 7.81 -4.25
C TRP B 282 4.33 7.42 -5.71
N PHE B 283 3.33 6.76 -6.28
CA PHE B 283 3.44 6.31 -7.67
C PHE B 283 3.71 7.48 -8.61
N ALA B 284 3.09 8.63 -8.36
CA ALA B 284 3.30 9.72 -9.29
C ALA B 284 4.74 10.21 -9.28
N ALA B 285 5.47 9.98 -8.19
CA ALA B 285 6.86 10.37 -8.09
C ALA B 285 7.78 9.50 -8.92
N LEU B 286 7.28 8.42 -9.53
CA LEU B 286 8.09 7.68 -10.49
C LEU B 286 8.29 8.46 -11.78
N GLY B 287 7.44 9.47 -12.04
CA GLY B 287 7.60 10.25 -13.24
C GLY B 287 7.27 9.50 -14.50
N LEU B 288 6.46 8.45 -14.41
CA LEU B 288 6.11 7.70 -15.60
C LEU B 288 5.03 8.44 -16.39
N ARG B 289 5.06 8.24 -17.71
CA ARG B 289 4.14 8.84 -18.67
C ARG B 289 3.90 7.81 -19.77
N TRP B 290 2.79 7.95 -20.50
CA TRP B 290 2.65 7.28 -21.79
C TRP B 290 1.82 8.15 -22.71
N TYR B 291 1.83 7.84 -24.01
CA TYR B 291 1.16 8.68 -24.99
C TYR B 291 -0.24 8.15 -25.33
N ALA B 292 -1.10 9.03 -25.82
CA ALA B 292 -2.50 8.65 -26.04
C ALA B 292 -2.64 7.70 -27.22
N LEU B 293 -1.86 7.91 -28.27
CA LEU B 293 -2.17 7.39 -29.60
C LEU B 293 -1.26 6.24 -29.98
N PRO B 294 -1.75 5.01 -30.06
CA PRO B 294 -0.92 3.94 -30.62
C PRO B 294 -1.09 3.95 -32.14
N ALA B 295 -0.08 4.35 -32.90
CA ALA B 295 -0.19 4.54 -34.35
C ALA B 295 0.90 3.74 -35.05
N VAL B 296 0.55 2.53 -35.48
CA VAL B 296 1.54 1.64 -36.08
C VAL B 296 1.86 2.15 -37.48
N SER B 297 3.14 2.30 -37.78
CA SER B 297 3.55 3.04 -38.95
C SER B 297 4.52 2.28 -39.84
N ASN B 298 4.86 1.03 -39.51
CA ASN B 298 5.83 0.29 -40.29
C ASN B 298 5.26 -0.94 -40.98
N MET B 299 3.94 -1.11 -41.01
CA MET B 299 3.39 -2.29 -41.66
C MET B 299 2.99 -1.98 -43.09
N LEU B 300 3.01 -3.02 -43.90
CA LEU B 300 2.58 -2.94 -45.29
C LEU B 300 1.11 -3.34 -45.39
N LEU B 301 0.32 -2.50 -46.03
CA LEU B 301 -1.07 -2.85 -46.30
C LEU B 301 -1.14 -3.43 -47.72
N GLU B 302 -1.65 -4.65 -47.83
CA GLU B 302 -1.82 -5.33 -49.10
C GLU B 302 -3.30 -5.36 -49.44
N ILE B 303 -3.64 -4.94 -50.66
CA ILE B 303 -5.01 -4.95 -51.16
C ILE B 303 -4.96 -5.38 -52.63
N GLY B 304 -5.68 -6.45 -52.97
CA GLY B 304 -5.78 -6.99 -54.30
C GLY B 304 -4.49 -7.03 -55.10
N GLY B 305 -3.42 -7.51 -54.48
CA GLY B 305 -2.10 -7.54 -55.08
C GLY B 305 -1.31 -6.27 -54.96
N LEU B 306 -1.96 -5.14 -54.70
CA LEU B 306 -1.22 -3.88 -54.59
C LEU B 306 -0.65 -3.75 -53.18
N GLU B 307 0.52 -3.12 -53.09
CA GLU B 307 1.25 -3.01 -51.85
C GLU B 307 1.39 -1.55 -51.47
N PHE B 308 1.01 -1.21 -50.23
CA PHE B 308 1.16 0.15 -49.73
C PHE B 308 2.17 0.09 -48.60
N PRO B 309 3.45 0.31 -48.90
CA PRO B 309 4.47 0.21 -47.85
C PRO B 309 4.32 1.24 -46.76
N ALA B 310 3.57 2.31 -47.01
CA ALA B 310 3.33 3.32 -45.98
C ALA B 310 1.84 3.52 -45.81
N ALA B 311 1.29 3.02 -44.72
CA ALA B 311 -0.11 3.26 -44.46
C ALA B 311 -0.32 3.22 -42.95
N PRO B 312 0.07 4.28 -42.23
CA PRO B 312 -0.01 4.25 -40.76
C PRO B 312 -1.45 4.18 -40.28
N PHE B 313 -1.70 3.28 -39.33
CA PHE B 313 -3.02 3.18 -38.74
C PHE B 313 -2.94 3.33 -37.22
N SER B 314 -4.01 3.84 -36.63
CA SER B 314 -4.04 4.12 -35.20
C SER B 314 -5.40 3.75 -34.65
N GLY B 315 -5.40 3.33 -33.38
CA GLY B 315 -6.62 3.04 -32.67
C GLY B 315 -6.60 3.70 -31.30
N TRP B 316 -6.83 2.92 -30.25
CA TRP B 316 -6.59 3.38 -28.89
C TRP B 316 -6.03 2.18 -28.12
N TYR B 317 -5.47 2.44 -26.94
CA TYR B 317 -4.74 1.41 -26.22
C TYR B 317 -5.66 0.50 -25.41
N MET B 318 -5.25 -0.75 -25.31
CA MET B 318 -5.69 -1.63 -24.24
C MET B 318 -4.69 -1.49 -23.09
N SER B 319 -5.20 -1.35 -21.85
CA SER B 319 -4.34 -1.00 -20.72
C SER B 319 -3.17 -1.97 -20.53
N THR B 320 -3.34 -3.26 -20.86
CA THR B 320 -2.22 -4.18 -20.66
C THR B 320 -1.07 -3.93 -21.63
N GLU B 321 -1.29 -3.31 -22.80
CA GLU B 321 -0.15 -3.00 -23.67
C GLU B 321 0.79 -2.06 -22.94
N ILE B 322 0.23 -1.04 -22.28
CA ILE B 322 1.05 -0.08 -21.59
C ILE B 322 1.52 -0.63 -20.25
N GLY B 323 0.59 -1.16 -19.45
CA GLY B 323 0.91 -1.51 -18.07
C GLY B 323 1.79 -2.74 -17.90
N THR B 324 1.33 -3.84 -18.48
CA THR B 324 2.08 -5.07 -18.46
C THR B 324 3.27 -5.03 -19.42
N ARG B 325 3.02 -4.83 -20.71
CA ARG B 325 4.09 -5.02 -21.68
C ARG B 325 5.07 -3.86 -21.69
N ASN B 326 4.63 -2.67 -22.08
CA ASN B 326 5.60 -1.59 -22.27
C ASN B 326 6.32 -1.25 -20.98
N LEU B 327 5.66 -1.38 -19.83
CA LEU B 327 6.29 -0.93 -18.60
C LEU B 327 6.95 -2.05 -17.81
N CYS B 328 6.46 -3.29 -17.89
CA CYS B 328 7.00 -4.34 -17.02
C CYS B 328 7.87 -5.37 -17.74
N ASP B 329 7.79 -5.44 -19.07
CA ASP B 329 8.63 -6.35 -19.83
C ASP B 329 10.07 -6.17 -19.39
N PRO B 330 10.79 -7.26 -19.02
CA PRO B 330 12.17 -7.11 -18.55
C PRO B 330 13.07 -6.40 -19.53
N HIS B 331 12.73 -6.46 -20.82
CA HIS B 331 13.50 -5.82 -21.87
C HIS B 331 12.86 -4.50 -22.32
N ARG B 332 11.93 -3.96 -21.55
CA ARG B 332 11.42 -2.63 -21.82
C ARG B 332 11.70 -1.74 -20.62
N TYR B 333 10.71 -1.02 -20.11
CA TYR B 333 11.02 -0.12 -19.00
C TYR B 333 11.34 -0.87 -17.72
N ASN B 334 10.80 -2.09 -17.56
CA ASN B 334 11.22 -3.02 -16.52
C ASN B 334 11.07 -2.42 -15.11
N ILE B 335 9.91 -1.81 -14.85
CA ILE B 335 9.70 -1.10 -13.58
C ILE B 335 9.18 -2.00 -12.47
N LEU B 336 8.96 -3.30 -12.75
CA LEU B 336 8.16 -4.13 -11.85
C LEU B 336 8.77 -4.22 -10.47
N GLU B 337 10.06 -4.52 -10.39
CA GLU B 337 10.67 -4.67 -9.08
C GLU B 337 10.69 -3.36 -8.33
N ASP B 338 10.96 -2.26 -9.01
CA ASP B 338 11.00 -0.96 -8.34
C ASP B 338 9.64 -0.63 -7.75
N VAL B 339 8.55 -0.97 -8.45
CA VAL B 339 7.22 -0.79 -7.89
C VAL B 339 7.00 -1.71 -6.69
N ALA B 340 7.38 -2.99 -6.82
CA ALA B 340 7.15 -3.95 -5.75
C ALA B 340 7.87 -3.53 -4.48
N VAL B 341 9.09 -2.98 -4.63
CA VAL B 341 9.84 -2.53 -3.45
C VAL B 341 9.10 -1.39 -2.78
N CYS B 342 8.71 -0.38 -3.56
CA CYS B 342 7.90 0.70 -3.00
C CYS B 342 6.63 0.18 -2.32
N MET B 343 6.00 -0.86 -2.86
CA MET B 343 4.79 -1.39 -2.25
C MET B 343 5.05 -2.18 -0.98
N ASP B 344 6.31 -2.34 -0.57
CA ASP B 344 6.67 -3.12 0.60
C ASP B 344 6.35 -4.59 0.44
N LEU B 345 6.19 -5.04 -0.81
CA LEU B 345 6.10 -6.48 -1.05
C LEU B 345 7.44 -7.16 -0.78
N ASP B 346 7.37 -8.40 -0.31
CA ASP B 346 8.57 -9.19 -0.05
C ASP B 346 9.08 -9.71 -1.39
N THR B 347 10.16 -9.09 -1.90
CA THR B 347 10.71 -9.47 -3.20
C THR B 347 11.79 -10.53 -3.11
N ARG B 348 11.94 -11.18 -1.96
CA ARG B 348 12.98 -12.19 -1.79
C ARG B 348 12.51 -13.61 -2.08
N THR B 349 11.20 -13.87 -2.01
CA THR B 349 10.61 -15.12 -2.47
C THR B 349 9.62 -14.85 -3.60
N THR B 350 9.47 -15.82 -4.50
CA THR B 350 8.51 -15.65 -5.59
C THR B 350 7.10 -16.02 -5.15
N SER B 351 6.98 -16.94 -4.18
CA SER B 351 5.68 -17.45 -3.74
C SER B 351 4.85 -16.39 -2.99
N SER B 352 5.44 -15.25 -2.63
CA SER B 352 4.61 -14.13 -2.21
C SER B 352 3.86 -13.50 -3.38
N LEU B 353 4.23 -13.85 -4.62
CA LEU B 353 3.60 -13.32 -5.83
C LEU B 353 3.72 -11.80 -5.90
N TRP B 354 4.88 -11.27 -5.51
CA TRP B 354 5.08 -9.83 -5.60
C TRP B 354 4.97 -9.34 -7.04
N LYS B 355 5.38 -10.15 -8.02
CA LYS B 355 5.30 -9.69 -9.40
C LYS B 355 3.86 -9.45 -9.80
N ASP B 356 3.00 -10.46 -9.59
CA ASP B 356 1.58 -10.33 -9.90
C ASP B 356 0.93 -9.16 -9.19
N LYS B 357 1.27 -8.95 -7.90
CA LYS B 357 0.66 -7.84 -7.16
C LYS B 357 1.09 -6.49 -7.73
N ALA B 358 2.39 -6.31 -7.98
CA ALA B 358 2.89 -5.05 -8.50
C ALA B 358 2.36 -4.78 -9.90
N ALA B 359 2.31 -5.81 -10.75
CA ALA B 359 1.80 -5.61 -12.10
C ALA B 359 0.34 -5.22 -12.07
N VAL B 360 -0.44 -5.80 -11.15
CA VAL B 360 -1.85 -5.46 -11.14
C VAL B 360 -2.04 -3.97 -10.81
N GLU B 361 -1.27 -3.45 -9.85
CA GLU B 361 -1.39 -2.03 -9.53
C GLU B 361 -0.88 -1.13 -10.65
N ILE B 362 0.19 -1.54 -11.34
CA ILE B 362 0.66 -0.77 -12.50
C ILE B 362 -0.45 -0.62 -13.52
N ASN B 363 -1.21 -1.69 -13.75
CA ASN B 363 -2.31 -1.63 -14.70
C ASN B 363 -3.45 -0.76 -14.19
N VAL B 364 -3.77 -0.89 -12.89
CA VAL B 364 -4.74 0.00 -12.24
C VAL B 364 -4.36 1.45 -12.52
N ALA B 365 -3.10 1.79 -12.27
CA ALA B 365 -2.60 3.15 -12.46
C ALA B 365 -2.75 3.61 -13.92
N VAL B 366 -2.64 2.70 -14.88
CA VAL B 366 -2.73 3.12 -16.28
C VAL B 366 -4.17 3.48 -16.62
N LEU B 367 -5.13 2.64 -16.20
CA LEU B 367 -6.54 2.89 -16.48
C LEU B 367 -7.04 4.14 -15.76
N HIS B 368 -6.72 4.24 -14.47
CA HIS B 368 -7.09 5.43 -13.71
C HIS B 368 -6.52 6.69 -14.36
N SER B 369 -5.26 6.63 -14.75
CA SER B 369 -4.60 7.83 -15.24
C SER B 369 -5.22 8.28 -16.55
N TYR B 370 -5.47 7.34 -17.45
CA TYR B 370 -6.10 7.65 -18.72
C TYR B 370 -7.53 8.14 -18.54
N GLN B 371 -8.29 7.52 -17.63
CA GLN B 371 -9.65 7.99 -17.39
C GLN B 371 -9.65 9.37 -16.77
N LEU B 372 -8.74 9.62 -15.84
CA LEU B 372 -8.56 10.97 -15.29
C LEU B 372 -8.29 11.96 -16.40
N ALA B 373 -7.29 11.70 -17.23
CA ALA B 373 -6.94 12.58 -18.33
C ALA B 373 -8.01 12.63 -19.43
N LYS B 374 -9.08 11.83 -19.33
CA LYS B 374 -10.14 11.78 -20.34
C LYS B 374 -9.59 11.37 -21.71
N VAL B 375 -8.79 10.31 -21.71
CA VAL B 375 -8.21 9.71 -22.90
C VAL B 375 -8.74 8.28 -22.99
N THR B 376 -9.32 7.96 -24.13
CA THR B 376 -9.82 6.61 -24.43
C THR B 376 -8.85 5.52 -24.02
N ILE B 377 -9.38 4.51 -23.35
CA ILE B 377 -8.61 3.34 -22.93
C ILE B 377 -9.63 2.23 -22.72
N VAL B 378 -9.23 1.00 -23.05
CA VAL B 378 -10.04 -0.18 -22.78
C VAL B 378 -9.22 -1.13 -21.93
N ASP B 379 -9.87 -1.79 -20.98
CA ASP B 379 -9.18 -2.77 -20.15
C ASP B 379 -9.28 -4.15 -20.79
N HIS B 380 -8.38 -5.06 -20.41
CA HIS B 380 -8.35 -6.35 -21.07
C HIS B 380 -9.65 -7.15 -20.88
N HIS B 381 -10.39 -6.92 -19.78
CA HIS B 381 -11.70 -7.57 -19.63
C HIS B 381 -12.73 -7.04 -20.63
N ALA B 382 -12.88 -5.72 -20.71
CA ALA B 382 -13.79 -5.15 -21.71
C ALA B 382 -13.35 -5.53 -23.12
N ALA B 383 -12.05 -5.49 -23.38
CA ALA B 383 -11.57 -5.75 -24.73
C ALA B 383 -11.82 -7.21 -25.13
N THR B 384 -11.58 -8.15 -24.21
CA THR B 384 -11.74 -9.54 -24.62
C THR B 384 -13.21 -9.93 -24.70
N ALA B 385 -14.07 -9.34 -23.87
CA ALA B 385 -15.51 -9.57 -24.03
C ALA B 385 -16.01 -9.07 -25.38
N SER B 386 -15.52 -7.92 -25.85
CA SER B 386 -16.07 -7.46 -27.13
C SER B 386 -15.48 -8.26 -28.30
N PHE B 387 -14.25 -8.76 -28.15
CA PHE B 387 -13.72 -9.68 -29.15
C PHE B 387 -14.58 -10.93 -29.27
N MET B 388 -15.12 -11.44 -28.15
CA MET B 388 -16.03 -12.59 -28.22
C MET B 388 -17.26 -12.27 -29.08
N LYS B 389 -17.81 -11.06 -28.92
CA LYS B 389 -18.91 -10.64 -29.78
C LYS B 389 -18.46 -10.54 -31.24
N HIS B 390 -17.27 -9.97 -31.48
CA HIS B 390 -16.70 -9.99 -32.83
C HIS B 390 -16.67 -11.39 -33.41
N LEU B 391 -16.15 -12.35 -32.64
CA LEU B 391 -16.06 -13.74 -33.10
C LEU B 391 -17.43 -14.27 -33.48
N GLU B 392 -18.45 -13.89 -32.71
CA GLU B 392 -19.80 -14.35 -33.03
C GLU B 392 -20.35 -13.64 -34.26
N ASN B 393 -20.08 -12.34 -34.40
CA ASN B 393 -20.52 -11.65 -35.61
C ASN B 393 -19.84 -12.24 -36.83
N GLU B 394 -18.54 -12.51 -36.74
CA GLU B 394 -17.82 -12.99 -37.92
C GLU B 394 -18.24 -14.41 -38.26
N GLN B 395 -18.54 -15.22 -37.25
CA GLN B 395 -18.99 -16.59 -37.52
C GLN B 395 -20.28 -16.59 -38.34
N LYS B 396 -21.20 -15.67 -38.03
CA LYS B 396 -22.44 -15.56 -38.79
C LYS B 396 -22.19 -14.99 -40.19
N ALA B 397 -21.22 -14.08 -40.33
CA ALA B 397 -21.04 -13.34 -41.59
C ALA B 397 -20.18 -14.11 -42.59
N ARG B 398 -19.02 -14.59 -42.17
CA ARG B 398 -18.10 -15.25 -43.09
C ARG B 398 -17.83 -16.69 -42.75
N GLY B 399 -18.32 -17.18 -41.61
CA GLY B 399 -18.13 -18.56 -41.22
C GLY B 399 -16.80 -18.82 -40.57
N GLY B 400 -16.43 -17.98 -39.62
CA GLY B 400 -15.16 -18.09 -38.95
C GLY B 400 -14.45 -16.78 -38.87
N CYS B 401 -13.25 -16.83 -38.32
CA CYS B 401 -12.49 -15.62 -38.00
C CYS B 401 -11.04 -15.96 -37.68
N PRO B 402 -10.10 -15.43 -38.45
CA PRO B 402 -8.68 -15.67 -38.12
C PRO B 402 -8.30 -15.01 -36.81
N ALA B 403 -7.73 -15.81 -35.90
CA ALA B 403 -7.39 -15.33 -34.57
C ALA B 403 -6.17 -16.07 -34.06
N ASP B 404 -5.22 -15.32 -33.52
CA ASP B 404 -3.96 -15.85 -33.01
C ASP B 404 -4.04 -15.81 -31.49
N TRP B 405 -4.46 -16.96 -30.90
CA TRP B 405 -4.77 -17.08 -29.48
C TRP B 405 -3.75 -16.41 -28.58
N ALA B 406 -2.46 -16.61 -28.88
CA ALA B 406 -1.39 -16.13 -28.02
C ALA B 406 -1.28 -14.62 -28.01
N TRP B 407 -1.78 -13.96 -29.06
CA TRP B 407 -1.83 -12.51 -29.12
C TRP B 407 -3.18 -11.95 -28.66
N ILE B 408 -4.24 -12.73 -28.80
CA ILE B 408 -5.57 -12.32 -28.35
C ILE B 408 -5.69 -12.42 -26.81
N VAL B 409 -5.10 -13.43 -26.19
CA VAL B 409 -5.16 -13.59 -24.72
C VAL B 409 -4.27 -12.53 -24.08
N PRO B 410 -4.81 -11.66 -23.22
CA PRO B 410 -3.98 -10.60 -22.58
C PRO B 410 -2.78 -11.17 -21.84
N PRO B 411 -1.73 -10.37 -21.61
CA PRO B 411 -0.52 -10.89 -20.97
C PRO B 411 -0.57 -11.00 -19.45
N ILE B 412 -1.60 -10.48 -18.80
CA ILE B 412 -1.89 -10.81 -17.40
C ILE B 412 -3.32 -11.33 -17.36
N SER B 413 -3.61 -12.13 -16.33
CA SER B 413 -4.98 -12.55 -16.03
C SER B 413 -5.66 -13.27 -17.20
N GLY B 414 -4.88 -13.96 -18.01
CA GLY B 414 -5.36 -14.65 -19.20
C GLY B 414 -6.63 -15.46 -19.05
N SER B 415 -6.65 -16.45 -18.15
CA SER B 415 -7.79 -17.35 -18.04
C SER B 415 -8.98 -16.72 -17.34
N LEU B 416 -8.82 -15.51 -16.82
CA LEU B 416 -9.93 -14.71 -16.32
C LEU B 416 -10.72 -14.03 -17.45
N THR B 417 -10.21 -14.05 -18.68
CA THR B 417 -10.93 -13.47 -19.80
C THR B 417 -11.54 -14.58 -20.65
N PRO B 418 -12.66 -14.31 -21.34
CA PRO B 418 -13.32 -15.36 -22.12
C PRO B 418 -12.51 -15.85 -23.32
N VAL B 419 -11.57 -15.06 -23.86
CA VAL B 419 -10.87 -15.54 -25.04
C VAL B 419 -9.93 -16.69 -24.67
N PHE B 420 -9.51 -16.79 -23.41
CA PHE B 420 -8.63 -17.89 -23.01
C PHE B 420 -9.28 -19.23 -23.29
N HIS B 421 -10.60 -19.35 -23.08
CA HIS B 421 -11.32 -20.61 -23.17
C HIS B 421 -11.92 -20.83 -24.53
N GLN B 422 -11.51 -20.06 -25.52
CA GLN B 422 -12.02 -20.13 -26.88
C GLN B 422 -10.90 -20.64 -27.77
N GLU B 423 -11.09 -21.83 -28.34
CA GLU B 423 -10.18 -22.28 -29.36
C GLU B 423 -10.30 -21.38 -30.59
N MET B 424 -9.17 -21.15 -31.23
CA MET B 424 -9.12 -20.23 -32.37
C MET B 424 -8.35 -20.88 -33.51
N VAL B 425 -8.61 -20.38 -34.71
CA VAL B 425 -7.94 -20.85 -35.91
C VAL B 425 -7.21 -19.66 -36.50
N ASN B 426 -5.93 -19.83 -36.74
CA ASN B 426 -5.08 -18.77 -37.25
C ASN B 426 -4.79 -19.03 -38.73
N TYR B 427 -5.10 -18.06 -39.58
CA TYR B 427 -4.79 -18.17 -41.00
C TYR B 427 -4.72 -16.77 -41.60
N PHE B 428 -4.21 -16.70 -42.83
CA PHE B 428 -3.91 -15.44 -43.49
C PHE B 428 -4.94 -15.18 -44.58
N LEU B 429 -5.79 -14.19 -44.35
CA LEU B 429 -6.69 -13.66 -45.37
C LEU B 429 -6.13 -12.37 -45.95
N SER B 430 -6.45 -12.11 -47.23
CA SER B 430 -6.11 -10.85 -47.84
C SER B 430 -7.39 -10.15 -48.28
N PRO B 431 -7.47 -8.81 -48.19
CA PRO B 431 -6.45 -7.82 -47.77
C PRO B 431 -5.95 -8.01 -46.33
N ALA B 432 -4.74 -7.50 -46.13
CA ALA B 432 -3.99 -7.80 -44.92
C ALA B 432 -3.00 -6.70 -44.64
N PHE B 433 -2.65 -6.55 -43.37
CA PHE B 433 -1.45 -5.88 -42.93
C PHE B 433 -0.37 -6.93 -42.74
N ARG B 434 0.83 -6.63 -43.23
CA ARG B 434 1.96 -7.55 -43.16
C ARG B 434 3.16 -6.81 -42.58
N TYR B 435 4.06 -7.56 -41.96
CA TYR B 435 5.35 -7.00 -41.59
C TYR B 435 6.22 -6.84 -42.82
N GLN B 436 7.15 -5.90 -42.76
CA GLN B 436 8.10 -5.71 -43.85
C GLN B 436 9.45 -5.42 -43.23
N PRO B 437 10.53 -5.64 -43.97
CA PRO B 437 11.85 -5.36 -43.41
C PRO B 437 11.98 -3.86 -43.14
N ASP B 438 12.79 -3.54 -42.13
CA ASP B 438 13.14 -2.15 -41.90
C ASP B 438 13.84 -1.58 -43.12
N PRO B 439 13.58 -0.33 -43.48
CA PRO B 439 14.16 0.20 -44.73
C PRO B 439 15.68 0.22 -44.72
N TRP B 440 16.29 0.35 -43.54
CA TRP B 440 17.75 0.44 -43.42
C TRP B 440 18.44 -0.92 -43.28
N LYS C 27 -2.39 31.75 46.56
CA LYS C 27 -3.25 31.18 45.53
C LYS C 27 -3.25 32.06 44.27
N PHE C 28 -2.09 32.63 44.00
CA PHE C 28 -1.73 32.98 42.63
C PHE C 28 -0.82 31.87 42.12
N PRO C 29 -1.20 31.10 41.11
CA PRO C 29 -0.33 30.01 40.64
C PRO C 29 1.09 30.48 40.32
N ARG C 30 2.06 29.84 40.98
CA ARG C 30 3.47 30.01 40.69
C ARG C 30 3.86 29.12 39.51
N VAL C 31 4.60 29.68 38.56
CA VAL C 31 4.80 29.08 37.25
C VAL C 31 6.29 29.17 36.93
N LYS C 32 6.90 28.03 36.64
CA LYS C 32 8.34 27.98 36.45
C LYS C 32 8.68 27.73 34.98
N ASN C 33 9.74 28.39 34.50
CA ASN C 33 10.40 28.02 33.27
C ASN C 33 11.63 27.20 33.62
N TRP C 34 11.68 25.96 33.15
CA TRP C 34 12.65 24.97 33.60
C TRP C 34 13.97 25.05 32.87
N GLU C 35 14.00 25.64 31.67
CA GLU C 35 15.26 25.90 30.98
C GLU C 35 16.01 27.03 31.66
N VAL C 36 15.29 28.09 32.04
CA VAL C 36 15.92 29.28 32.60
C VAL C 36 16.03 29.16 34.11
N GLY C 37 15.02 28.60 34.73
CA GLY C 37 14.91 28.57 36.17
C GLY C 37 14.12 29.71 36.77
N SER C 38 13.49 30.53 35.93
CA SER C 38 12.80 31.71 36.41
C SER C 38 11.38 31.37 36.86
N ILE C 39 10.87 32.20 37.76
CA ILE C 39 9.56 32.02 38.38
C ILE C 39 8.75 33.29 38.17
N THR C 40 7.50 33.14 37.73
CA THR C 40 6.52 34.23 37.79
C THR C 40 5.22 33.74 38.42
N TYR C 41 4.40 34.67 38.86
CA TYR C 41 3.08 34.40 39.39
C TYR C 41 2.02 34.93 38.43
N ASP C 42 1.05 34.09 38.09
CA ASP C 42 -0.02 34.48 37.18
C ASP C 42 -1.13 35.07 38.02
N THR C 43 -1.16 36.41 38.14
CA THR C 43 -2.22 37.05 38.89
C THR C 43 -3.46 37.30 38.05
N LEU C 44 -3.31 37.28 36.71
CA LEU C 44 -4.46 37.49 35.84
C LEU C 44 -5.47 36.35 35.92
N SER C 45 -5.01 35.12 36.18
CA SER C 45 -5.95 34.00 36.23
C SER C 45 -7.00 34.18 37.30
N ALA C 46 -6.71 34.99 38.33
CA ALA C 46 -7.72 35.29 39.35
C ALA C 46 -8.95 35.97 38.76
N GLN C 47 -8.82 36.61 37.60
CA GLN C 47 -9.91 37.31 36.94
C GLN C 47 -10.58 36.49 35.84
N ALA C 48 -10.47 35.15 35.89
CA ALA C 48 -11.06 34.33 34.84
C ALA C 48 -12.57 34.27 35.01
N GLN C 49 -13.32 34.79 34.05
CA GLN C 49 -14.77 34.88 34.20
C GLN C 49 -15.41 33.50 34.22
N GLN C 50 -15.56 32.90 33.04
CA GLN C 50 -16.26 31.63 32.96
C GLN C 50 -15.40 30.52 33.58
N ASP C 51 -15.99 29.33 33.64
CA ASP C 51 -15.34 28.18 34.26
C ASP C 51 -14.93 27.18 33.18
N GLY C 52 -13.71 26.66 33.33
CA GLY C 52 -13.21 25.62 32.45
C GLY C 52 -13.65 24.22 32.88
N PRO C 53 -13.09 23.21 32.22
CA PRO C 53 -13.55 21.82 32.44
C PRO C 53 -12.92 21.10 33.62
N CYS C 54 -11.85 21.64 34.19
CA CYS C 54 -11.01 20.92 35.15
C CYS C 54 -11.57 21.03 36.57
N THR C 55 -11.33 20.01 37.38
CA THR C 55 -11.67 20.08 38.80
C THR C 55 -10.52 19.56 39.62
N PRO C 56 -10.52 19.80 40.94
CA PRO C 56 -9.50 19.18 41.79
C PRO C 56 -9.42 17.68 41.61
N ARG C 57 -10.54 17.04 41.26
CA ARG C 57 -10.56 15.59 41.16
C ARG C 57 -9.86 15.08 39.89
N ARG C 58 -9.89 15.84 38.80
CA ARG C 58 -9.42 15.34 37.51
C ARG C 58 -9.20 16.51 36.55
N CYS C 59 -8.14 16.40 35.77
CA CYS C 59 -7.79 17.43 34.79
C CYS C 59 -8.27 17.04 33.40
N LEU C 60 -9.03 17.91 32.75
CA LEU C 60 -9.51 17.68 31.39
C LEU C 60 -8.89 18.63 30.39
N GLY C 61 -7.69 19.14 30.68
CA GLY C 61 -7.08 20.12 29.80
C GLY C 61 -6.85 19.60 28.40
N SER C 62 -6.62 18.30 28.24
CA SER C 62 -6.31 17.79 26.92
C SER C 62 -7.53 17.68 26.01
N LEU C 63 -8.76 17.89 26.48
CA LEU C 63 -9.92 17.73 25.60
C LEU C 63 -10.03 18.91 24.64
N VAL C 64 -10.33 18.63 23.37
CA VAL C 64 -10.46 19.71 22.37
C VAL C 64 -11.68 20.58 22.66
N PHE C 65 -12.83 19.95 22.88
CA PHE C 65 -14.04 20.65 23.29
C PHE C 65 -14.39 20.30 24.74
N PRO C 66 -13.98 21.11 25.74
CA PRO C 66 -14.15 20.87 27.18
C PRO C 66 -15.48 20.24 27.61
N ALA C 79 -31.94 36.06 30.61
CA ALA C 79 -32.50 37.30 31.11
C ALA C 79 -31.71 38.49 30.57
N PRO C 80 -32.35 39.66 30.52
CA PRO C 80 -31.59 40.90 30.25
C PRO C 80 -30.67 41.32 31.38
N GLU C 81 -30.80 40.75 32.57
CA GLU C 81 -29.89 41.12 33.65
C GLU C 81 -28.50 40.56 33.42
N GLN C 82 -28.40 39.34 32.88
CA GLN C 82 -27.10 38.73 32.65
C GLN C 82 -26.34 39.43 31.53
N LEU C 83 -27.05 39.80 30.46
CA LEU C 83 -26.43 40.59 29.41
C LEU C 83 -25.84 41.86 29.98
N LEU C 84 -26.59 42.53 30.86
CA LEU C 84 -26.14 43.77 31.47
C LEU C 84 -24.80 43.59 32.16
N SER C 85 -24.65 42.51 32.94
CA SER C 85 -23.45 42.34 33.74
C SER C 85 -22.21 42.17 32.87
N GLN C 86 -22.32 41.41 31.78
CA GLN C 86 -21.20 41.25 30.85
C GLN C 86 -20.94 42.55 30.09
N ALA C 87 -22.00 43.28 29.74
CA ALA C 87 -21.82 44.54 29.04
C ALA C 87 -21.04 45.54 29.89
N ARG C 88 -21.43 45.69 31.17
CA ARG C 88 -20.73 46.67 32.00
C ARG C 88 -19.27 46.27 32.23
N ASP C 89 -19.01 44.97 32.38
CA ASP C 89 -17.65 44.54 32.68
C ASP C 89 -16.72 44.74 31.48
N PHE C 90 -17.23 44.54 30.27
CA PHE C 90 -16.42 44.87 29.10
C PHE C 90 -16.15 46.37 29.01
N ILE C 91 -17.11 47.20 29.45
CA ILE C 91 -16.93 48.63 29.29
C ILE C 91 -15.81 49.14 30.18
N ASN C 92 -15.75 48.66 31.42
CA ASN C 92 -14.70 49.10 32.32
C ASN C 92 -13.35 48.63 31.87
N GLN C 93 -13.31 47.42 31.30
CA GLN C 93 -12.12 46.97 30.60
C GLN C 93 -11.68 47.98 29.56
N TYR C 94 -12.62 48.39 28.71
CA TYR C 94 -12.27 49.28 27.60
C TYR C 94 -11.75 50.62 28.12
N TYR C 95 -12.45 51.23 29.07
CA TYR C 95 -12.03 52.55 29.51
C TYR C 95 -10.77 52.48 30.36
N SER C 96 -10.51 51.35 31.01
CA SER C 96 -9.23 51.17 31.68
C SER C 96 -8.10 51.06 30.67
N SER C 97 -8.35 50.36 29.56
CA SER C 97 -7.33 50.20 28.53
C SER C 97 -6.99 51.51 27.83
N ILE C 98 -7.89 52.49 27.86
CA ILE C 98 -7.61 53.78 27.25
C ILE C 98 -7.36 54.85 28.32
N LYS C 99 -6.98 54.41 29.53
CA LYS C 99 -6.55 55.31 30.61
C LYS C 99 -7.62 56.34 30.98
N ARG C 100 -8.90 56.04 30.72
CA ARG C 100 -9.98 56.98 30.98
C ARG C 100 -11.15 56.26 31.63
N SER C 101 -10.88 55.58 32.74
CA SER C 101 -11.91 54.80 33.42
C SER C 101 -12.63 55.64 34.47
N GLY C 102 -13.90 55.33 34.68
CA GLY C 102 -14.70 56.00 35.69
C GLY C 102 -15.05 57.44 35.34
N SER C 103 -14.34 58.01 34.35
CA SER C 103 -14.49 59.41 33.98
C SER C 103 -15.86 59.66 33.36
N GLN C 104 -16.02 60.85 32.78
CA GLN C 104 -17.31 61.25 32.23
C GLN C 104 -17.73 60.34 31.09
N ALA C 105 -16.83 60.08 30.15
CA ALA C 105 -17.18 59.24 28.99
C ALA C 105 -17.61 57.84 29.42
N HIS C 106 -16.90 57.25 30.39
CA HIS C 106 -17.29 55.94 30.90
C HIS C 106 -18.75 55.95 31.32
N GLU C 107 -19.15 56.92 32.15
CA GLU C 107 -20.48 56.87 32.75
C GLU C 107 -21.58 57.03 31.71
N GLN C 108 -21.35 57.84 30.66
CA GLN C 108 -22.35 57.97 29.61
C GLN C 108 -22.60 56.63 28.93
N ARG C 109 -21.52 55.94 28.55
CA ARG C 109 -21.63 54.68 27.83
C ARG C 109 -22.40 53.63 28.62
N LEU C 110 -22.26 53.63 29.95
CA LEU C 110 -22.98 52.65 30.79
C LEU C 110 -24.49 52.75 30.62
N GLN C 111 -25.08 53.92 30.95
CA GLN C 111 -26.53 54.04 30.87
C GLN C 111 -27.04 54.02 29.44
N GLU C 112 -26.21 54.45 28.48
CA GLU C 112 -26.62 54.31 27.08
C GLU C 112 -26.89 52.84 26.73
N VAL C 113 -26.11 51.91 27.30
CA VAL C 113 -26.36 50.49 27.07
C VAL C 113 -27.61 50.03 27.80
N GLU C 114 -27.80 50.48 29.04
CA GLU C 114 -29.00 50.15 29.82
C GLU C 114 -30.28 50.47 29.07
N ALA C 115 -30.43 51.72 28.63
CA ALA C 115 -31.65 52.12 27.92
C ALA C 115 -31.85 51.27 26.67
N GLU C 116 -30.75 50.97 25.96
CA GLU C 116 -30.82 50.19 24.73
C GLU C 116 -31.25 48.74 25.01
N VAL C 117 -30.72 48.14 26.07
CA VAL C 117 -31.17 46.81 26.45
C VAL C 117 -32.63 46.86 26.90
N ALA C 118 -32.98 47.89 27.67
CA ALA C 118 -34.36 48.03 28.13
C ALA C 118 -35.32 48.21 26.96
N ALA C 119 -34.87 48.86 25.89
CA ALA C 119 -35.70 49.06 24.71
C ALA C 119 -35.69 47.86 23.77
N THR C 120 -34.49 47.34 23.44
CA THR C 120 -34.37 46.39 22.33
C THR C 120 -33.98 44.96 22.75
N GLY C 121 -33.64 44.73 24.01
CA GLY C 121 -33.22 43.42 24.47
C GLY C 121 -31.73 43.18 24.37
N THR C 122 -31.04 43.81 23.42
CA THR C 122 -29.61 43.73 23.23
C THR C 122 -29.03 45.15 23.23
N TYR C 123 -27.89 45.38 22.58
CA TYR C 123 -27.36 46.73 22.46
C TYR C 123 -26.25 46.72 21.41
N GLN C 124 -25.84 47.93 21.01
CA GLN C 124 -24.88 48.13 19.95
C GLN C 124 -23.51 48.52 20.51
N LEU C 125 -22.45 47.97 19.90
CA LEU C 125 -21.08 48.35 20.21
C LEU C 125 -20.64 49.53 19.37
N ARG C 126 -19.92 50.46 19.99
CA ARG C 126 -19.21 51.49 19.23
C ARG C 126 -18.09 50.85 18.41
N GLU C 127 -17.83 51.44 17.24
CA GLU C 127 -16.86 50.86 16.32
C GLU C 127 -15.52 50.61 17.00
N SER C 128 -15.06 51.54 17.84
CA SER C 128 -13.81 51.37 18.55
C SER C 128 -13.93 50.30 19.63
N GLU C 129 -15.09 50.21 20.30
CA GLU C 129 -15.36 49.10 21.22
C GLU C 129 -15.28 47.76 20.50
N LEU C 130 -15.87 47.66 19.31
CA LEU C 130 -15.75 46.44 18.50
C LEU C 130 -14.31 46.17 18.10
N VAL C 131 -13.54 47.22 17.80
CA VAL C 131 -12.13 46.98 17.51
C VAL C 131 -11.40 46.50 18.75
N PHE C 132 -11.75 47.03 19.92
CA PHE C 132 -11.12 46.59 21.15
C PHE C 132 -11.45 45.12 21.44
N GLY C 133 -12.72 44.74 21.25
CA GLY C 133 -13.15 43.39 21.58
C GLY C 133 -12.56 42.33 20.66
N ALA C 134 -12.50 42.61 19.36
CA ALA C 134 -11.87 41.66 18.46
C ALA C 134 -10.42 41.40 18.85
N LYS C 135 -9.66 42.45 19.19
CA LYS C 135 -8.26 42.27 19.55
C LYS C 135 -8.10 41.60 20.91
N GLN C 136 -8.96 41.95 21.88
CA GLN C 136 -8.89 41.28 23.16
C GLN C 136 -9.17 39.79 23.01
N ALA C 137 -10.12 39.44 22.15
CA ALA C 137 -10.53 38.06 22.01
C ALA C 137 -9.42 37.22 21.39
N TRP C 138 -8.60 37.82 20.52
CA TRP C 138 -7.40 37.14 20.02
C TRP C 138 -6.35 37.05 21.11
N ARG C 139 -6.08 38.17 21.77
CA ARG C 139 -5.13 38.23 22.87
C ARG C 139 -5.48 37.23 23.97
N ASN C 140 -6.76 36.94 24.15
CA ASN C 140 -7.15 36.01 25.20
C ASN C 140 -7.27 34.57 24.72
N ALA C 141 -7.07 34.31 23.43
CA ALA C 141 -7.18 32.96 22.87
C ALA C 141 -6.10 32.04 23.39
N PRO C 142 -6.38 31.11 24.32
CA PRO C 142 -5.28 30.40 24.98
C PRO C 142 -4.55 29.43 24.08
N ARG C 143 -5.15 28.98 23.00
CA ARG C 143 -4.52 27.98 22.15
C ARG C 143 -3.72 28.56 21.02
N CYS C 144 -3.60 29.90 20.94
CA CYS C 144 -2.98 30.56 19.80
C CYS C 144 -1.54 30.96 20.13
N VAL C 145 -0.60 30.38 19.40
CA VAL C 145 0.80 30.74 19.57
C VAL C 145 1.16 32.02 18.84
N GLY C 146 0.29 32.54 17.97
CA GLY C 146 0.62 33.71 17.19
C GLY C 146 0.27 35.02 17.86
N ARG C 147 0.05 35.01 19.17
CA ARG C 147 -0.54 36.21 19.77
C ARG C 147 0.43 37.38 19.93
N ILE C 148 1.73 37.22 19.68
CA ILE C 148 2.61 38.40 19.69
C ILE C 148 2.04 39.50 18.79
N GLN C 149 1.27 39.15 17.78
CA GLN C 149 0.76 40.05 16.75
C GLN C 149 -0.57 40.70 17.08
N TRP C 150 -1.02 40.61 18.35
CA TRP C 150 -2.45 40.78 18.63
C TRP C 150 -2.94 42.21 18.43
N GLY C 151 -2.10 43.21 18.68
CA GLY C 151 -2.54 44.59 18.51
C GLY C 151 -2.55 45.10 17.09
N LYS C 152 -1.94 44.35 16.17
CA LYS C 152 -1.90 44.66 14.75
C LYS C 152 -2.89 43.70 14.07
N LEU C 153 -4.15 44.10 14.08
CA LEU C 153 -5.26 43.30 13.56
C LEU C 153 -6.23 44.24 12.86
N GLN C 154 -6.49 43.99 11.59
CA GLN C 154 -7.43 44.80 10.84
C GLN C 154 -8.87 44.30 11.08
N VAL C 155 -9.72 45.16 11.58
CA VAL C 155 -11.11 44.80 11.85
C VAL C 155 -12.00 45.43 10.81
N PHE C 156 -12.91 44.65 10.26
CA PHE C 156 -13.84 45.08 9.22
C PHE C 156 -15.25 44.97 9.77
N ASP C 157 -15.92 46.11 9.87
CA ASP C 157 -17.25 46.18 10.45
C ASP C 157 -18.28 45.88 9.36
N ALA C 158 -18.93 44.72 9.46
CA ALA C 158 -19.93 44.30 8.49
C ALA C 158 -21.28 44.11 9.17
N ARG C 159 -21.47 44.72 10.34
CA ARG C 159 -22.71 44.63 11.13
C ARG C 159 -23.92 45.20 10.42
N ASP C 160 -23.81 45.58 9.14
CA ASP C 160 -24.92 46.08 8.35
C ASP C 160 -25.16 45.19 7.14
N CYS C 161 -24.90 43.89 7.28
CA CYS C 161 -24.96 42.98 6.14
C CYS C 161 -26.40 42.62 5.82
N ARG C 162 -26.81 42.85 4.58
CA ARG C 162 -28.18 42.58 4.17
C ARG C 162 -28.43 41.08 4.00
N SER C 163 -27.75 40.45 3.04
CA SER C 163 -28.06 39.05 2.71
C SER C 163 -26.77 38.30 2.42
N ALA C 164 -26.93 37.06 1.95
CA ALA C 164 -25.80 36.19 1.67
C ALA C 164 -24.93 36.74 0.57
N GLN C 165 -25.53 37.35 -0.46
CA GLN C 165 -24.73 37.91 -1.54
C GLN C 165 -23.87 39.07 -1.03
N GLU C 166 -24.40 39.87 -0.10
CA GLU C 166 -23.57 40.91 0.50
C GLU C 166 -22.51 40.31 1.41
N MET C 167 -22.88 39.28 2.19
CA MET C 167 -21.90 38.55 2.97
C MET C 167 -20.76 38.07 2.09
N PHE C 168 -21.09 37.44 0.96
CA PHE C 168 -20.07 36.96 0.04
C PHE C 168 -19.17 38.10 -0.44
N THR C 169 -19.67 39.34 -0.47
CA THR C 169 -18.82 40.45 -0.90
C THR C 169 -17.89 40.90 0.21
N TYR C 170 -18.38 40.98 1.46
CA TYR C 170 -17.52 41.28 2.59
C TYR C 170 -16.43 40.22 2.76
N ILE C 171 -16.75 38.96 2.45
CA ILE C 171 -15.78 37.89 2.57
C ILE C 171 -14.69 38.04 1.52
N CYS C 172 -15.08 38.29 0.27
CA CYS C 172 -14.10 38.36 -0.81
C CYS C 172 -13.13 39.51 -0.59
N ASN C 173 -13.59 40.60 0.02
CA ASN C 173 -12.70 41.72 0.31
C ASN C 173 -11.76 41.38 1.45
N HIS C 174 -12.30 40.84 2.56
CA HIS C 174 -11.47 40.24 3.60
C HIS C 174 -10.37 39.39 2.98
N ILE C 175 -10.74 38.41 2.17
CA ILE C 175 -9.75 37.52 1.57
C ILE C 175 -8.75 38.31 0.74
N LYS C 176 -9.23 39.25 -0.08
CA LYS C 176 -8.33 40.04 -0.91
C LYS C 176 -7.40 40.88 -0.04
N TYR C 177 -7.94 41.55 0.98
CA TYR C 177 -7.11 42.34 1.87
C TYR C 177 -6.11 41.45 2.62
N ALA C 178 -6.57 40.31 3.11
CA ALA C 178 -5.71 39.49 3.97
C ALA C 178 -4.63 38.78 3.15
N THR C 179 -4.98 38.27 1.97
CA THR C 179 -3.98 37.65 1.10
C THR C 179 -2.92 38.65 0.69
N ASN C 180 -3.32 39.76 0.08
CA ASN C 180 -2.41 40.86 -0.25
C ASN C 180 -1.23 40.35 -1.08
N ARG C 181 -1.55 39.55 -2.11
CA ARG C 181 -0.56 39.02 -3.04
C ARG C 181 0.56 38.25 -2.33
N GLY C 182 0.26 37.63 -1.19
CA GLY C 182 1.21 36.81 -0.48
C GLY C 182 1.80 37.43 0.77
N ASN C 183 1.68 38.74 0.93
CA ASN C 183 2.16 39.42 2.12
C ASN C 183 1.02 39.50 3.12
N LEU C 184 0.88 38.48 3.96
CA LEU C 184 -0.37 38.27 4.67
C LEU C 184 -0.52 39.24 5.84
N ARG C 185 -1.75 39.68 6.07
CA ARG C 185 -2.08 40.67 7.10
C ARG C 185 -3.23 40.14 7.92
N SER C 186 -3.10 40.22 9.25
CA SER C 186 -4.16 39.75 10.14
C SER C 186 -5.42 40.58 9.97
N ALA C 187 -6.56 39.91 9.95
CA ALA C 187 -7.82 40.62 9.73
C ALA C 187 -8.97 39.83 10.33
N ILE C 188 -10.05 40.53 10.64
CA ILE C 188 -11.31 39.91 11.01
C ILE C 188 -12.46 40.72 10.41
N THR C 189 -13.54 40.02 10.10
CA THR C 189 -14.75 40.66 9.59
C THR C 189 -15.93 40.27 10.47
N VAL C 190 -16.54 41.26 11.10
CA VAL C 190 -17.61 41.03 12.06
C VAL C 190 -18.94 41.27 11.38
N PHE C 191 -19.72 40.21 11.23
CA PHE C 191 -21.07 40.27 10.69
C PHE C 191 -22.07 40.55 11.81
N PRO C 192 -23.36 40.76 11.50
CA PRO C 192 -24.28 41.22 12.53
C PRO C 192 -24.41 40.25 13.70
N GLN C 193 -24.50 40.82 14.89
CA GLN C 193 -24.60 40.02 16.09
C GLN C 193 -25.90 39.23 16.11
N ARG C 194 -25.90 38.16 16.87
CA ARG C 194 -27.17 37.50 17.16
C ARG C 194 -27.98 38.42 18.04
N CYS C 195 -29.19 38.74 17.60
CA CYS C 195 -30.13 39.38 18.48
C CYS C 195 -31.30 38.44 18.71
N PRO C 196 -31.97 38.54 19.85
CA PRO C 196 -33.18 37.74 20.06
C PRO C 196 -34.22 38.07 19.00
N GLY C 197 -35.01 37.06 18.64
CA GLY C 197 -36.11 37.25 17.70
C GLY C 197 -35.83 36.82 16.28
N ARG C 198 -34.66 37.14 15.77
CA ARG C 198 -34.30 36.83 14.38
C ARG C 198 -33.19 35.81 14.33
N GLY C 199 -32.94 35.31 13.12
CA GLY C 199 -31.96 34.27 12.90
C GLY C 199 -30.53 34.79 12.93
N ASP C 200 -29.61 33.90 12.60
CA ASP C 200 -28.19 34.18 12.65
C ASP C 200 -27.57 34.18 11.26
N PHE C 201 -26.55 35.01 11.09
CA PHE C 201 -25.60 34.82 10.01
C PHE C 201 -24.66 33.69 10.38
N ARG C 202 -24.53 32.71 9.49
CA ARG C 202 -23.60 31.61 9.68
C ARG C 202 -22.81 31.41 8.42
N ILE C 203 -21.51 31.21 8.57
CA ILE C 203 -20.68 30.60 7.54
C ILE C 203 -20.62 29.12 7.86
N TRP C 204 -21.09 28.30 6.94
CA TRP C 204 -21.12 26.87 7.20
C TRP C 204 -19.75 26.23 7.09
N ASN C 205 -18.89 26.75 6.23
CA ASN C 205 -17.53 26.24 6.14
C ASN C 205 -16.77 26.58 7.42
N SER C 206 -15.88 25.68 7.81
CA SER C 206 -15.05 25.92 8.99
C SER C 206 -13.89 26.85 8.71
N GLN C 207 -13.48 26.93 7.44
CA GLN C 207 -12.50 27.88 6.96
C GLN C 207 -12.97 28.43 5.62
N LEU C 208 -12.59 29.67 5.32
CA LEU C 208 -12.96 30.23 4.02
C LEU C 208 -12.36 29.43 2.88
N VAL C 209 -11.15 28.89 3.06
CA VAL C 209 -10.52 28.01 2.08
C VAL C 209 -10.46 26.59 2.66
N ARG C 210 -11.22 25.69 2.05
CA ARG C 210 -11.17 24.27 2.38
C ARG C 210 -11.04 23.47 1.10
N TYR C 211 -10.32 22.35 1.19
CA TYR C 211 -10.23 21.40 0.09
C TYR C 211 -11.32 20.33 0.21
N ALA C 212 -11.95 20.00 -0.92
CA ALA C 212 -13.03 19.02 -0.95
C ALA C 212 -12.59 17.67 -0.39
N GLY C 213 -13.58 16.90 0.06
CA GLY C 213 -13.33 15.59 0.63
C GLY C 213 -14.39 14.63 0.15
N TYR C 214 -14.08 13.91 -0.93
CA TYR C 214 -15.01 12.99 -1.57
C TYR C 214 -14.78 11.59 -1.01
N ARG C 215 -15.86 10.93 -0.60
CA ARG C 215 -15.80 9.55 -0.17
C ARG C 215 -15.95 8.63 -1.39
N GLN C 216 -15.36 7.45 -1.28
CA GLN C 216 -15.26 6.51 -2.40
C GLN C 216 -15.94 5.19 -2.05
N GLN C 217 -16.22 4.39 -3.09
CA GLN C 217 -16.74 3.04 -2.87
C GLN C 217 -15.79 2.21 -2.02
N ASP C 218 -14.52 2.59 -1.98
CA ASP C 218 -13.55 2.03 -1.06
C ASP C 218 -13.87 2.37 0.40
N GLY C 219 -14.78 3.31 0.64
CA GLY C 219 -14.97 3.87 1.97
C GLY C 219 -13.94 4.90 2.37
N SER C 220 -12.83 5.00 1.63
CA SER C 220 -11.78 5.98 1.89
C SER C 220 -12.19 7.34 1.34
N VAL C 221 -11.31 8.32 1.50
CA VAL C 221 -11.58 9.70 1.12
C VAL C 221 -10.48 10.18 0.18
N ARG C 222 -10.90 10.74 -0.95
CA ARG C 222 -10.03 11.47 -1.87
C ARG C 222 -10.18 12.95 -1.57
N GLY C 223 -9.06 13.63 -1.37
CA GLY C 223 -9.12 14.98 -0.84
C GLY C 223 -9.01 15.00 0.67
N ASP C 224 -9.59 16.01 1.29
CA ASP C 224 -9.36 16.25 2.71
C ASP C 224 -10.45 15.55 3.53
N PRO C 225 -10.10 14.50 4.27
CA PRO C 225 -11.12 13.81 5.10
C PRO C 225 -11.87 14.73 6.03
N ALA C 226 -11.19 15.72 6.64
CA ALA C 226 -11.82 16.63 7.58
C ALA C 226 -13.02 17.34 6.98
N ASN C 227 -13.20 17.29 5.67
CA ASN C 227 -14.21 18.09 5.00
C ASN C 227 -15.28 17.26 4.30
N VAL C 228 -15.30 15.95 4.54
CA VAL C 228 -16.31 15.08 3.90
C VAL C 228 -17.71 15.63 4.12
N GLU C 229 -17.99 16.17 5.31
CA GLU C 229 -19.35 16.63 5.62
C GLU C 229 -19.68 17.89 4.84
N ILE C 230 -18.84 18.93 4.95
CA ILE C 230 -19.11 20.18 4.26
C ILE C 230 -19.05 19.96 2.75
N THR C 231 -18.27 18.99 2.28
CA THR C 231 -18.23 18.71 0.85
C THR C 231 -19.56 18.13 0.37
N GLU C 232 -20.15 17.21 1.14
CA GLU C 232 -21.44 16.65 0.73
C GLU C 232 -22.60 17.61 0.93
N LEU C 233 -22.46 18.59 1.83
CA LEU C 233 -23.51 19.61 1.94
C LEU C 233 -23.48 20.55 0.74
N CYS C 234 -22.29 20.89 0.26
CA CYS C 234 -22.19 21.68 -0.95
C CYS C 234 -22.76 20.92 -2.14
N ILE C 235 -22.44 19.63 -2.24
CA ILE C 235 -23.00 18.81 -3.32
C ILE C 235 -24.52 18.81 -3.26
N GLN C 236 -25.08 18.79 -2.05
CA GLN C 236 -26.53 18.86 -1.91
C GLN C 236 -27.01 20.23 -2.31
N HIS C 237 -26.69 21.25 -1.50
CA HIS C 237 -27.15 22.62 -1.74
C HIS C 237 -26.53 23.22 -3.01
N GLY C 238 -26.43 22.44 -4.08
CA GLY C 238 -26.05 23.03 -5.34
C GLY C 238 -24.76 22.53 -5.97
N TRP C 239 -23.67 22.51 -5.20
CA TRP C 239 -22.34 22.47 -5.82
C TRP C 239 -22.15 21.27 -6.74
N THR C 240 -21.50 21.53 -7.86
CA THR C 240 -21.12 20.51 -8.82
C THR C 240 -19.73 19.97 -8.47
N PRO C 241 -19.59 18.68 -8.16
CA PRO C 241 -18.35 18.21 -7.54
C PRO C 241 -17.21 18.00 -8.53
N GLY C 242 -16.00 18.35 -8.08
CA GLY C 242 -14.78 17.97 -8.77
C GLY C 242 -14.37 16.55 -8.45
N ASN C 243 -13.12 16.21 -8.79
CA ASN C 243 -12.61 14.89 -8.44
C ASN C 243 -11.10 14.90 -8.15
N GLY C 244 -10.57 16.05 -7.70
CA GLY C 244 -9.16 16.16 -7.37
C GLY C 244 -8.92 16.06 -5.86
N ARG C 245 -7.64 15.97 -5.51
CA ARG C 245 -7.23 15.96 -4.11
C ARG C 245 -7.24 17.34 -3.49
N PHE C 246 -7.32 18.40 -4.29
CA PHE C 246 -7.25 19.77 -3.78
C PHE C 246 -8.26 20.68 -4.46
N ASP C 247 -9.48 20.18 -4.68
CA ASP C 247 -10.60 21.00 -5.16
C ASP C 247 -11.09 21.94 -4.06
N VAL C 248 -10.97 23.26 -4.30
CA VAL C 248 -11.42 24.27 -3.34
C VAL C 248 -12.94 24.26 -3.25
N LEU C 249 -13.47 24.18 -2.03
CA LEU C 249 -14.90 24.10 -1.85
C LEU C 249 -15.57 25.44 -2.11
N PRO C 250 -16.83 25.45 -2.54
CA PRO C 250 -17.58 26.70 -2.55
C PRO C 250 -17.82 27.15 -1.12
N LEU C 251 -18.40 28.34 -1.01
CA LEU C 251 -18.83 28.87 0.27
C LEU C 251 -20.32 28.62 0.44
N LEU C 252 -20.71 28.11 1.60
CA LEU C 252 -22.11 27.99 1.99
C LEU C 252 -22.38 29.08 3.03
N LEU C 253 -23.01 30.16 2.59
CA LEU C 253 -23.29 31.30 3.45
C LEU C 253 -24.77 31.34 3.79
N GLN C 254 -25.09 31.75 5.01
CA GLN C 254 -26.45 31.68 5.51
C GLN C 254 -26.80 32.99 6.21
N ALA C 255 -27.80 33.71 5.63
CA ALA C 255 -28.40 34.90 6.23
C ALA C 255 -29.53 34.50 7.17
N PRO C 256 -29.92 35.37 8.10
CA PRO C 256 -30.93 34.99 9.09
C PRO C 256 -32.21 34.47 8.46
N ASP C 257 -32.66 33.30 8.94
CA ASP C 257 -33.95 32.70 8.63
C ASP C 257 -34.04 32.19 7.19
N GLU C 258 -33.10 32.56 6.35
CA GLU C 258 -33.03 32.03 4.99
C GLU C 258 -32.23 30.74 4.99
N PRO C 259 -32.30 29.95 3.91
CA PRO C 259 -31.43 28.79 3.80
C PRO C 259 -30.07 29.19 3.25
N PRO C 260 -29.05 28.34 3.35
CA PRO C 260 -27.73 28.75 2.87
C PRO C 260 -27.64 28.73 1.36
N GLU C 261 -26.94 29.72 0.82
CA GLU C 261 -26.72 29.85 -0.62
C GLU C 261 -25.27 29.49 -0.96
N LEU C 262 -25.11 28.89 -2.13
CA LEU C 262 -23.82 28.44 -2.61
C LEU C 262 -23.10 29.56 -3.34
N PHE C 263 -21.82 29.75 -3.03
CA PHE C 263 -21.03 30.81 -3.64
C PHE C 263 -19.65 30.26 -4.01
N LEU C 264 -19.34 30.29 -5.30
CA LEU C 264 -18.02 29.87 -5.77
C LEU C 264 -17.03 31.01 -5.56
N LEU C 265 -15.90 30.70 -4.94
CA LEU C 265 -14.86 31.70 -4.73
C LEU C 265 -14.13 31.95 -6.04
N PRO C 266 -13.92 33.20 -6.43
CA PRO C 266 -13.20 33.49 -7.69
C PRO C 266 -11.79 32.96 -7.64
N PRO C 267 -11.44 32.05 -8.55
CA PRO C 267 -10.15 31.33 -8.44
C PRO C 267 -8.93 32.23 -8.30
N GLU C 268 -8.96 33.45 -8.85
CA GLU C 268 -7.83 34.36 -8.69
C GLU C 268 -7.78 35.00 -7.32
N LEU C 269 -8.82 34.80 -6.49
CA LEU C 269 -8.77 35.28 -5.13
C LEU C 269 -8.05 34.34 -4.19
N VAL C 270 -7.97 33.05 -4.54
CA VAL C 270 -7.60 31.97 -3.63
C VAL C 270 -6.15 31.59 -3.90
N LEU C 271 -5.22 32.19 -3.16
CA LEU C 271 -3.80 32.02 -3.44
C LEU C 271 -3.36 30.64 -2.94
N GLU C 272 -2.82 29.81 -3.85
CA GLU C 272 -2.31 28.50 -3.48
C GLU C 272 -0.83 28.38 -3.79
N VAL C 273 -0.16 27.54 -3.02
CA VAL C 273 1.27 27.26 -3.11
C VAL C 273 1.42 25.80 -3.56
N PRO C 274 2.00 25.53 -4.73
CA PRO C 274 2.41 24.16 -5.03
C PRO C 274 3.62 23.80 -4.19
N LEU C 275 3.67 22.56 -3.70
CA LEU C 275 4.73 22.19 -2.76
C LEU C 275 5.87 21.49 -3.49
N GLU C 276 7.09 21.96 -3.21
CA GLU C 276 8.31 21.37 -3.74
CA GLU C 276 8.30 21.36 -3.74
C GLU C 276 9.34 21.30 -2.63
N HIS C 277 10.36 20.51 -2.85
CA HIS C 277 11.39 20.37 -1.85
C HIS C 277 12.70 20.94 -2.40
N PRO C 278 13.47 21.67 -1.58
CA PRO C 278 14.69 22.29 -2.12
C PRO C 278 15.66 21.32 -2.77
N THR C 279 15.69 20.04 -2.37
CA THR C 279 16.66 19.10 -2.94
C THR C 279 16.10 17.73 -3.32
N LEU C 280 14.84 17.42 -3.02
CA LEU C 280 14.23 16.15 -3.40
C LEU C 280 13.35 16.46 -4.60
N GLU C 281 13.86 16.18 -5.80
CA GLU C 281 13.23 16.72 -7.01
C GLU C 281 11.91 16.03 -7.30
N TRP C 282 11.75 14.79 -6.82
CA TRP C 282 10.50 14.06 -7.00
C TRP C 282 9.38 14.60 -6.12
N PHE C 283 9.70 15.38 -5.08
CA PHE C 283 8.64 15.86 -4.18
C PHE C 283 7.57 16.61 -4.96
N ALA C 284 7.99 17.47 -5.89
CA ALA C 284 7.05 18.23 -6.71
C ALA C 284 6.07 17.32 -7.43
N ALA C 285 6.55 16.16 -7.87
CA ALA C 285 5.73 15.20 -8.60
C ALA C 285 4.58 14.64 -7.78
N LEU C 286 4.71 14.66 -6.44
CA LEU C 286 3.63 14.15 -5.61
C LEU C 286 2.36 14.92 -5.83
N GLY C 287 2.47 16.19 -6.22
CA GLY C 287 1.30 17.00 -6.55
C GLY C 287 0.66 17.68 -5.37
N LEU C 288 1.39 17.85 -4.27
CA LEU C 288 0.83 18.46 -3.08
C LEU C 288 0.75 19.98 -3.26
N ARG C 289 -0.30 20.55 -2.67
CA ARG C 289 -0.52 21.99 -2.64
C ARG C 289 -1.04 22.34 -1.27
N TRP C 290 -0.85 23.59 -0.84
CA TRP C 290 -1.72 24.16 0.17
C TRP C 290 -2.07 25.59 -0.20
N TYR C 291 -2.99 26.17 0.57
CA TYR C 291 -3.46 27.53 0.36
C TYR C 291 -2.78 28.49 1.33
N ALA C 292 -2.74 29.76 0.95
CA ALA C 292 -1.94 30.73 1.69
C ALA C 292 -2.61 31.20 2.98
N LEU C 293 -3.95 31.27 3.00
CA LEU C 293 -4.68 32.04 3.99
C LEU C 293 -5.41 31.14 4.98
N PRO C 294 -4.94 30.99 6.21
CA PRO C 294 -5.75 30.29 7.21
C PRO C 294 -6.79 31.26 7.76
N ALA C 295 -8.06 30.98 7.50
CA ALA C 295 -9.14 31.93 7.79
C ALA C 295 -10.26 31.16 8.48
N VAL C 296 -10.35 31.30 9.80
CA VAL C 296 -11.28 30.51 10.60
C VAL C 296 -12.65 31.18 10.55
N SER C 297 -13.67 30.41 10.16
CA SER C 297 -14.97 30.98 9.84
C SER C 297 -16.14 30.34 10.56
N ASN C 298 -15.89 29.47 11.54
CA ASN C 298 -16.98 28.78 12.24
C ASN C 298 -16.95 29.05 13.74
N MET C 299 -16.20 30.04 14.18
CA MET C 299 -16.13 30.34 15.61
C MET C 299 -17.00 31.54 15.94
N LEU C 300 -17.42 31.59 17.20
CA LEU C 300 -18.27 32.66 17.69
C LEU C 300 -17.42 33.68 18.43
N LEU C 301 -17.54 34.94 18.03
CA LEU C 301 -16.90 36.04 18.74
C LEU C 301 -17.84 36.53 19.83
N GLU C 302 -17.30 36.78 21.02
CA GLU C 302 -18.09 37.20 22.17
C GLU C 302 -17.49 38.46 22.78
N ILE C 303 -18.29 39.53 22.86
CA ILE C 303 -17.86 40.83 23.37
C ILE C 303 -18.95 41.41 24.28
N GLY C 304 -18.64 41.59 25.55
CA GLY C 304 -19.59 42.25 26.45
C GLY C 304 -20.95 41.59 26.52
N GLY C 305 -20.98 40.27 26.47
CA GLY C 305 -22.24 39.56 26.42
C GLY C 305 -22.90 39.53 25.06
N LEU C 306 -22.35 40.24 24.08
CA LEU C 306 -22.82 40.12 22.70
C LEU C 306 -22.11 38.96 22.01
N GLU C 307 -22.79 38.38 21.03
CA GLU C 307 -22.31 37.19 20.35
C GLU C 307 -22.41 37.40 18.85
N PHE C 308 -21.35 37.05 18.14
CA PHE C 308 -21.33 37.14 16.69
C PHE C 308 -21.09 35.75 16.12
N PRO C 309 -22.13 35.04 15.71
CA PRO C 309 -21.94 33.69 15.16
C PRO C 309 -21.16 33.68 13.85
N ALA C 310 -20.98 34.83 13.19
CA ALA C 310 -20.18 34.90 11.98
C ALA C 310 -19.17 36.04 12.13
N ALA C 311 -17.90 35.71 12.33
CA ALA C 311 -16.83 36.69 12.45
C ALA C 311 -15.52 36.07 11.98
N PRO C 312 -15.39 35.81 10.69
CA PRO C 312 -14.20 35.10 10.20
C PRO C 312 -12.96 35.94 10.41
N PHE C 313 -11.92 35.31 10.99
CA PHE C 313 -10.61 35.93 11.14
C PHE C 313 -9.57 35.12 10.40
N SER C 314 -8.43 35.77 10.10
CA SER C 314 -7.38 35.13 9.34
C SER C 314 -6.03 35.66 9.79
N GLY C 315 -5.01 34.83 9.66
CA GLY C 315 -3.66 35.29 9.89
C GLY C 315 -2.72 34.82 8.81
N TRP C 316 -1.64 34.16 9.20
CA TRP C 316 -0.81 33.40 8.27
C TRP C 316 -0.41 32.10 8.95
N TYR C 317 0.06 31.15 8.16
CA TYR C 317 0.31 29.81 8.67
C TYR C 317 1.63 29.70 9.42
N MET C 318 1.64 28.90 10.48
CA MET C 318 2.86 28.30 10.99
C MET C 318 3.14 27.03 10.19
N SER C 319 4.41 26.76 9.89
CA SER C 319 4.70 25.68 8.97
C SER C 319 4.22 24.32 9.47
N THR C 320 4.28 24.05 10.79
CA THR C 320 3.86 22.75 11.28
C THR C 320 2.36 22.52 11.11
N GLU C 321 1.56 23.59 11.08
CA GLU C 321 0.12 23.40 10.81
C GLU C 321 -0.10 22.71 9.48
N ILE C 322 0.65 23.10 8.46
CA ILE C 322 0.44 22.55 7.12
C ILE C 322 1.15 21.22 6.96
N GLY C 323 2.45 21.21 7.20
CA GLY C 323 3.29 20.06 6.93
C GLY C 323 3.10 18.92 7.90
N THR C 324 2.85 19.20 9.17
CA THR C 324 2.66 18.12 10.13
C THR C 324 1.19 17.75 10.32
N ARG C 325 0.34 18.72 10.66
CA ARG C 325 -1.02 18.37 11.01
C ARG C 325 -1.86 18.09 9.76
N ASN C 326 -1.89 19.02 8.81
CA ASN C 326 -2.81 18.87 7.67
C ASN C 326 -2.35 17.76 6.73
N LEU C 327 -1.05 17.62 6.51
CA LEU C 327 -0.61 16.64 5.53
C LEU C 327 -0.16 15.33 6.17
N CYS C 328 0.17 15.33 7.47
CA CYS C 328 0.64 14.10 8.09
C CYS C 328 -0.29 13.51 9.15
N ASP C 329 -1.33 14.19 9.60
CA ASP C 329 -2.21 13.55 10.57
C ASP C 329 -2.81 12.31 9.92
N PRO C 330 -3.00 11.22 10.67
CA PRO C 330 -3.51 9.98 10.05
C PRO C 330 -4.92 10.11 9.52
N HIS C 331 -5.70 11.04 10.07
CA HIS C 331 -7.06 11.29 9.62
C HIS C 331 -7.15 12.48 8.69
N ARG C 332 -6.01 13.04 8.27
CA ARG C 332 -6.02 14.09 7.26
C ARG C 332 -5.51 13.52 5.94
N TYR C 333 -4.62 14.24 5.25
CA TYR C 333 -4.05 13.71 4.01
C TYR C 333 -3.17 12.49 4.23
N ASN C 334 -2.51 12.37 5.37
CA ASN C 334 -1.83 11.13 5.76
C ASN C 334 -0.77 10.72 4.73
N ILE C 335 0.04 11.70 4.29
CA ILE C 335 1.04 11.47 3.22
C ILE C 335 2.37 10.92 3.73
N LEU C 336 2.53 10.73 5.04
CA LEU C 336 3.86 10.48 5.59
C LEU C 336 4.52 9.25 4.97
N GLU C 337 3.79 8.14 4.92
CA GLU C 337 4.37 6.91 4.36
C GLU C 337 4.70 7.07 2.87
N ASP C 338 3.86 7.81 2.13
CA ASP C 338 4.15 8.06 0.73
C ASP C 338 5.49 8.76 0.56
N VAL C 339 5.75 9.79 1.38
CA VAL C 339 7.01 10.52 1.32
C VAL C 339 8.17 9.65 1.79
N ALA C 340 7.94 8.82 2.81
CA ALA C 340 9.02 7.95 3.31
C ALA C 340 9.47 6.95 2.25
N VAL C 341 8.51 6.39 1.50
CA VAL C 341 8.83 5.48 0.40
C VAL C 341 9.69 6.19 -0.64
N CYS C 342 9.32 7.43 -0.98
CA CYS C 342 10.11 8.18 -1.96
C CYS C 342 11.51 8.48 -1.46
N MET C 343 11.67 8.69 -0.16
CA MET C 343 12.98 8.93 0.42
C MET C 343 13.78 7.65 0.61
N ASP C 344 13.20 6.49 0.30
CA ASP C 344 13.87 5.19 0.44
C ASP C 344 14.18 4.86 1.90
N LEU C 345 13.29 5.26 2.81
CA LEU C 345 13.46 4.92 4.20
C LEU C 345 12.99 3.50 4.45
N ASP C 346 13.49 2.92 5.55
CA ASP C 346 13.07 1.59 5.97
C ASP C 346 11.78 1.73 6.76
N THR C 347 10.65 1.49 6.12
CA THR C 347 9.37 1.68 6.79
C THR C 347 8.89 0.42 7.52
N ARG C 348 9.71 -0.62 7.59
CA ARG C 348 9.28 -1.87 8.20
C ARG C 348 9.67 -1.97 9.67
N THR C 349 10.44 -1.01 10.18
CA THR C 349 10.75 -0.94 11.60
C THR C 349 10.63 0.51 12.05
N THR C 350 9.91 0.74 13.16
CA THR C 350 9.75 2.10 13.66
C THR C 350 11.06 2.69 14.14
N SER C 351 12.04 1.87 14.53
CA SER C 351 13.26 2.38 15.13
C SER C 351 14.20 3.04 14.12
N SER C 352 13.94 2.94 12.81
CA SER C 352 14.69 3.77 11.88
C SER C 352 14.23 5.21 11.88
N LEU C 353 13.14 5.52 12.59
CA LEU C 353 12.61 6.89 12.68
C LEU C 353 12.22 7.45 11.30
N TRP C 354 11.81 6.56 10.39
CA TRP C 354 11.36 6.99 9.07
C TRP C 354 10.22 7.98 9.15
N LYS C 355 9.35 7.84 10.16
CA LYS C 355 8.24 8.78 10.30
C LYS C 355 8.76 10.17 10.62
N ASP C 356 9.81 10.25 11.43
CA ASP C 356 10.35 11.55 11.85
C ASP C 356 11.14 12.20 10.71
N LYS C 357 11.93 11.41 9.99
CA LYS C 357 12.74 11.94 8.91
C LYS C 357 11.85 12.48 7.80
N ALA C 358 10.82 11.72 7.45
CA ALA C 358 9.88 12.13 6.42
C ALA C 358 9.14 13.40 6.82
N ALA C 359 8.72 13.49 8.08
CA ALA C 359 7.98 14.66 8.54
C ALA C 359 8.85 15.91 8.51
N VAL C 360 10.13 15.79 8.84
CA VAL C 360 10.98 16.96 8.77
C VAL C 360 11.13 17.43 7.32
N GLU C 361 11.26 16.50 6.38
CA GLU C 361 11.42 16.92 5.00
C GLU C 361 10.14 17.49 4.42
N ILE C 362 8.97 17.06 4.91
CA ILE C 362 7.73 17.71 4.47
C ILE C 362 7.65 19.14 4.98
N ASN C 363 8.04 19.37 6.24
CA ASN C 363 8.02 20.74 6.75
C ASN C 363 9.05 21.63 6.07
N VAL C 364 10.19 21.05 5.66
CA VAL C 364 11.18 21.77 4.87
C VAL C 364 10.59 22.17 3.53
N ALA C 365 9.91 21.23 2.86
CA ALA C 365 9.21 21.51 1.62
C ALA C 365 8.16 22.60 1.80
N VAL C 366 7.42 22.58 2.89
CA VAL C 366 6.41 23.62 3.12
C VAL C 366 7.08 24.97 3.30
N LEU C 367 8.13 25.03 4.12
CA LEU C 367 8.82 26.29 4.33
C LEU C 367 9.49 26.78 3.05
N HIS C 368 10.14 25.88 2.32
CA HIS C 368 10.81 26.28 1.09
C HIS C 368 9.81 26.76 0.06
N SER C 369 8.68 26.07 -0.08
CA SER C 369 7.71 26.38 -1.12
C SER C 369 7.01 27.69 -0.84
N TYR C 370 6.66 27.97 0.41
CA TYR C 370 6.02 29.24 0.72
C TYR C 370 6.99 30.40 0.53
N GLN C 371 8.25 30.22 0.95
CA GLN C 371 9.24 31.27 0.75
C GLN C 371 9.44 31.57 -0.74
N LEU C 372 9.55 30.51 -1.54
CA LEU C 372 9.80 30.66 -2.98
C LEU C 372 8.68 31.46 -3.63
N ALA C 373 7.45 31.25 -3.17
CA ALA C 373 6.26 31.93 -3.67
C ALA C 373 6.00 33.24 -2.96
N LYS C 374 6.87 33.65 -2.04
CA LYS C 374 6.76 34.93 -1.36
C LYS C 374 5.47 35.02 -0.55
N VAL C 375 5.01 33.89 -0.02
CA VAL C 375 3.83 33.84 0.82
C VAL C 375 4.27 33.76 2.26
N THR C 376 3.63 34.54 3.13
CA THR C 376 4.03 34.62 4.52
C THR C 376 3.86 33.26 5.23
N ILE C 377 4.92 32.84 5.92
CA ILE C 377 4.88 31.60 6.69
C ILE C 377 5.92 31.72 7.79
N VAL C 378 5.63 31.12 8.93
CA VAL C 378 6.53 31.15 10.07
C VAL C 378 6.84 29.70 10.46
N ASP C 379 8.11 29.41 10.72
CA ASP C 379 8.42 28.09 11.22
C ASP C 379 8.16 28.06 12.71
N HIS C 380 8.06 26.84 13.26
CA HIS C 380 7.68 26.69 14.67
C HIS C 380 8.76 27.15 15.65
N HIS C 381 10.03 27.21 15.23
CA HIS C 381 11.04 27.76 16.12
C HIS C 381 10.85 29.25 16.30
N ALA C 382 10.76 29.96 15.18
CA ALA C 382 10.51 31.39 15.23
C ALA C 382 9.21 31.70 15.98
N ALA C 383 8.17 30.91 15.73
CA ALA C 383 6.87 31.22 16.32
C ALA C 383 6.89 31.01 17.83
N THR C 384 7.48 29.91 18.31
CA THR C 384 7.51 29.66 19.75
C THR C 384 8.40 30.66 20.47
N ALA C 385 9.52 31.05 19.87
CA ALA C 385 10.33 32.11 20.46
C ALA C 385 9.55 33.44 20.53
N SER C 386 8.73 33.74 19.52
CA SER C 386 7.93 34.96 19.58
CA SER C 386 7.92 34.94 19.57
C SER C 386 6.86 34.85 20.68
N PHE C 387 6.27 33.68 20.86
CA PHE C 387 5.29 33.54 21.93
C PHE C 387 5.93 33.68 23.31
N MET C 388 7.18 33.23 23.45
CA MET C 388 7.91 33.48 24.70
C MET C 388 8.01 34.97 24.97
N LYS C 389 8.31 35.79 23.94
CA LYS C 389 8.31 37.24 24.14
C LYS C 389 6.93 37.73 24.55
N HIS C 390 5.89 37.22 23.87
CA HIS C 390 4.52 37.54 24.27
C HIS C 390 4.28 37.29 25.77
N LEU C 391 4.69 36.13 26.30
CA LEU C 391 4.47 35.84 27.71
C LEU C 391 5.15 36.89 28.58
N GLU C 392 6.38 37.27 28.23
CA GLU C 392 7.09 38.32 28.95
C GLU C 392 6.30 39.63 28.94
N ASN C 393 5.95 40.13 27.74
CA ASN C 393 5.17 41.36 27.65
C ASN C 393 3.89 41.27 28.47
N GLU C 394 3.11 40.19 28.29
CA GLU C 394 1.84 40.09 29.00
C GLU C 394 2.05 39.98 30.50
N GLN C 395 3.14 39.35 30.94
CA GLN C 395 3.44 39.31 32.38
C GLN C 395 3.51 40.73 32.93
N LYS C 396 4.20 41.64 32.22
CA LYS C 396 4.25 43.03 32.64
C LYS C 396 2.92 43.73 32.42
N ALA C 397 2.23 43.43 31.31
CA ALA C 397 1.04 44.21 30.96
C ALA C 397 -0.14 43.87 31.86
N ARG C 398 -0.45 42.57 32.00
CA ARG C 398 -1.66 42.16 32.71
C ARG C 398 -1.37 41.17 33.83
N GLY C 399 -0.11 40.92 34.17
CA GLY C 399 0.19 39.97 35.23
C GLY C 399 0.05 38.52 34.85
N GLY C 400 0.00 38.22 33.55
CA GLY C 400 -0.02 36.83 33.12
C GLY C 400 -0.60 36.71 31.73
N CYS C 401 -0.76 35.47 31.31
CA CYS C 401 -1.27 35.22 29.99
C CYS C 401 -1.84 33.80 29.93
N PRO C 402 -3.14 33.65 29.67
CA PRO C 402 -3.72 32.30 29.58
C PRO C 402 -3.16 31.57 28.36
N ALA C 403 -2.70 30.35 28.60
CA ALA C 403 -2.01 29.61 27.56
C ALA C 403 -2.25 28.12 27.78
N ASP C 404 -2.47 27.41 26.69
CA ASP C 404 -2.85 26.00 26.69
C ASP C 404 -1.68 25.22 26.11
N TRP C 405 -0.86 24.69 27.01
CA TRP C 405 0.44 24.13 26.67
C TRP C 405 0.36 23.12 25.54
N ALA C 406 -0.68 22.27 25.56
CA ALA C 406 -0.82 21.22 24.55
C ALA C 406 -0.93 21.81 23.15
N TRP C 407 -1.54 22.99 23.02
CA TRP C 407 -1.65 23.61 21.70
C TRP C 407 -0.52 24.60 21.43
N ILE C 408 0.15 25.11 22.45
CA ILE C 408 1.25 26.03 22.18
C ILE C 408 2.50 25.28 21.74
N VAL C 409 2.78 24.14 22.37
CA VAL C 409 3.93 23.32 21.94
C VAL C 409 3.71 22.80 20.53
N PRO C 410 4.66 22.99 19.61
CA PRO C 410 4.46 22.51 18.24
C PRO C 410 4.37 21.00 18.17
N PRO C 411 3.68 20.45 17.16
CA PRO C 411 3.48 18.99 17.05
C PRO C 411 4.68 18.19 16.56
N ILE C 412 5.79 18.83 16.23
CA ILE C 412 7.05 18.14 16.03
C ILE C 412 8.09 18.94 16.79
N SER C 413 9.16 18.26 17.22
CA SER C 413 10.29 18.93 17.84
C SER C 413 9.88 19.75 19.08
N GLY C 414 8.86 19.29 19.80
CA GLY C 414 8.31 20.11 20.87
C GLY C 414 9.35 20.56 21.87
N SER C 415 10.19 19.64 22.32
CA SER C 415 11.12 19.98 23.40
C SER C 415 12.34 20.72 22.88
N LEU C 416 12.48 20.85 21.56
CA LEU C 416 13.48 21.72 20.95
C LEU C 416 13.05 23.18 20.94
N THR C 417 11.81 23.47 21.32
CA THR C 417 11.34 24.84 21.33
C THR C 417 11.13 25.29 22.76
N PRO C 418 11.29 26.58 23.04
CA PRO C 418 11.34 27.03 24.45
C PRO C 418 10.00 26.95 25.19
N VAL C 419 8.87 26.86 24.49
CA VAL C 419 7.61 26.80 25.20
C VAL C 419 7.40 25.44 25.87
N PHE C 420 8.15 24.42 25.43
CA PHE C 420 8.06 23.11 26.07
C PHE C 420 8.42 23.22 27.54
N HIS C 421 9.43 24.04 27.84
CA HIS C 421 9.96 24.18 29.18
C HIS C 421 9.27 25.28 29.97
N GLN C 422 8.23 25.89 29.42
CA GLN C 422 7.49 26.95 30.10
C GLN C 422 6.20 26.35 30.64
N GLU C 423 6.08 26.31 31.96
CA GLU C 423 4.81 25.96 32.59
C GLU C 423 3.78 27.03 32.24
N MET C 424 2.53 26.61 32.06
CA MET C 424 1.52 27.55 31.63
C MET C 424 0.25 27.36 32.43
N VAL C 425 -0.53 28.43 32.50
CA VAL C 425 -1.84 28.43 33.14
C VAL C 425 -2.90 28.68 32.08
N ASN C 426 -3.90 27.81 32.03
CA ASN C 426 -5.00 27.94 31.09
C ASN C 426 -6.26 28.38 31.82
N TYR C 427 -6.94 29.38 31.25
CA TYR C 427 -8.18 29.92 31.78
C TYR C 427 -8.85 30.74 30.68
N PHE C 428 -10.11 31.10 30.92
CA PHE C 428 -10.94 31.76 29.91
C PHE C 428 -11.19 33.20 30.33
N LEU C 429 -10.73 34.13 29.52
CA LEU C 429 -11.06 35.54 29.65
C LEU C 429 -12.06 35.93 28.58
N SER C 430 -12.75 37.05 28.82
CA SER C 430 -13.63 37.65 27.84
C SER C 430 -13.19 39.08 27.56
N PRO C 431 -13.31 39.57 26.31
CA PRO C 431 -13.80 38.93 25.07
C PRO C 431 -13.04 37.67 24.64
N ALA C 432 -13.73 36.79 23.91
CA ALA C 432 -13.13 35.52 23.53
C ALA C 432 -13.71 35.01 22.22
N PHE C 433 -12.95 34.12 21.59
CA PHE C 433 -13.47 33.31 20.50
C PHE C 433 -13.93 31.97 21.04
N ARG C 434 -15.06 31.50 20.54
CA ARG C 434 -15.75 30.35 21.12
C ARG C 434 -16.17 29.40 20.01
N TYR C 435 -16.01 28.10 20.27
CA TYR C 435 -16.61 27.13 19.39
C TYR C 435 -18.12 27.21 19.49
N GLN C 436 -18.80 26.88 18.40
CA GLN C 436 -20.24 26.93 18.38
C GLN C 436 -20.73 25.67 17.68
N PRO C 437 -21.96 25.23 17.97
CA PRO C 437 -22.48 24.08 17.26
C PRO C 437 -22.53 24.37 15.76
N ASP C 438 -22.43 23.32 14.96
CA ASP C 438 -22.58 23.48 13.53
C ASP C 438 -24.01 23.91 13.20
N PRO C 439 -24.22 24.68 12.13
CA PRO C 439 -25.58 25.12 11.78
C PRO C 439 -26.56 23.97 11.59
N TRP C 440 -26.15 22.92 10.87
CA TRP C 440 -27.04 21.77 10.65
C TRP C 440 -27.13 20.88 11.90
N PHE D 28 -19.37 11.80 34.17
CA PHE D 28 -18.27 11.02 33.59
C PHE D 28 -17.68 11.69 32.34
N PRO D 29 -16.39 12.02 32.38
CA PRO D 29 -15.74 12.67 31.25
C PRO D 29 -15.73 11.81 29.98
N ARG D 30 -16.12 12.43 28.88
CA ARG D 30 -16.15 11.79 27.57
C ARG D 30 -14.86 12.11 26.83
N VAL D 31 -14.12 11.06 26.47
CA VAL D 31 -12.80 11.19 25.86
C VAL D 31 -12.90 10.75 24.40
N LYS D 32 -12.32 11.53 23.51
CA LYS D 32 -12.32 11.19 22.09
C LYS D 32 -10.90 10.87 21.65
N ASN D 33 -10.75 9.82 20.84
CA ASN D 33 -9.58 9.63 20.00
C ASN D 33 -9.87 10.25 18.63
N TRP D 34 -9.06 11.22 18.22
CA TRP D 34 -9.37 11.97 16.99
C TRP D 34 -8.86 11.29 15.73
N GLU D 35 -7.94 10.34 15.87
CA GLU D 35 -7.50 9.58 14.71
C GLU D 35 -8.59 8.60 14.27
N VAL D 36 -9.08 7.81 15.21
CA VAL D 36 -10.11 6.80 14.97
C VAL D 36 -11.52 7.39 14.96
N GLY D 37 -11.74 8.47 15.70
CA GLY D 37 -13.07 9.02 15.89
C GLY D 37 -13.85 8.41 17.02
N SER D 38 -13.24 7.53 17.83
CA SER D 38 -13.92 6.73 18.84
C SER D 38 -14.04 7.46 20.18
N ILE D 39 -15.14 7.20 20.87
CA ILE D 39 -15.48 7.89 22.10
C ILE D 39 -15.55 6.87 23.25
N THR D 40 -14.90 7.19 24.35
CA THR D 40 -15.08 6.47 25.60
C THR D 40 -15.47 7.45 26.68
N TYR D 41 -15.86 6.89 27.84
CA TYR D 41 -16.18 7.64 29.05
C TYR D 41 -15.29 7.13 30.18
N ASP D 42 -14.63 8.04 30.89
CA ASP D 42 -13.66 7.64 31.91
C ASP D 42 -14.36 7.63 33.28
N THR D 43 -15.05 6.52 33.57
CA THR D 43 -15.75 6.40 34.85
C THR D 43 -14.79 6.25 36.02
N LEU D 44 -13.55 5.81 35.76
CA LEU D 44 -12.59 5.57 36.84
C LEU D 44 -12.22 6.87 37.55
N SER D 45 -12.16 7.98 36.81
CA SER D 45 -11.76 9.26 37.38
C SER D 45 -12.64 9.67 38.56
N ALA D 46 -13.87 9.16 38.61
CA ALA D 46 -14.78 9.48 39.71
C ALA D 46 -14.26 8.97 41.05
N GLN D 47 -13.36 7.98 41.02
CA GLN D 47 -12.79 7.40 42.21
C GLN D 47 -11.47 8.02 42.63
N ALA D 48 -11.11 9.20 42.11
CA ALA D 48 -9.82 9.81 42.44
C ALA D 48 -9.81 10.17 43.93
N GLN D 49 -8.90 9.55 44.67
CA GLN D 49 -8.87 9.62 46.14
C GLN D 49 -7.98 10.74 46.66
N GLN D 50 -7.29 11.45 45.79
CA GLN D 50 -6.62 12.69 46.16
C GLN D 50 -6.96 13.75 45.12
N ASP D 51 -6.72 15.01 45.48
CA ASP D 51 -7.08 16.13 44.64
C ASP D 51 -5.83 16.75 44.01
N GLY D 52 -6.00 17.23 42.79
CA GLY D 52 -4.92 17.79 42.01
C GLY D 52 -4.97 19.30 41.98
N PRO D 53 -4.20 19.90 41.07
CA PRO D 53 -4.00 21.36 41.11
C PRO D 53 -5.05 22.19 40.39
N CYS D 54 -5.94 21.59 39.60
CA CYS D 54 -6.81 22.38 38.75
C CYS D 54 -8.11 22.69 39.46
N THR D 55 -8.74 23.78 39.03
CA THR D 55 -10.06 24.19 39.47
C THR D 55 -10.87 24.56 38.25
N PRO D 56 -12.19 24.72 38.40
CA PRO D 56 -12.96 25.31 37.29
C PRO D 56 -12.40 26.64 36.81
N ARG D 57 -11.71 27.37 37.68
CA ARG D 57 -11.23 28.70 37.30
C ARG D 57 -10.00 28.64 36.40
N ARG D 58 -9.11 27.67 36.60
CA ARG D 58 -7.89 27.59 35.82
C ARG D 58 -7.28 26.20 35.91
N CYS D 59 -6.71 25.77 34.78
CA CYS D 59 -6.04 24.48 34.64
C CYS D 59 -4.54 24.65 34.83
N LEU D 60 -3.96 23.82 35.70
CA LEU D 60 -2.53 23.77 35.95
C LEU D 60 -1.96 22.43 35.54
N GLY D 61 -2.55 21.81 34.51
CA GLY D 61 -2.09 20.50 34.08
C GLY D 61 -0.64 20.45 33.65
N SER D 62 -0.06 21.60 33.31
CA SER D 62 1.27 21.66 32.73
C SER D 62 2.38 21.82 33.77
N LEU D 63 2.05 22.03 35.04
CA LEU D 63 3.07 22.24 36.05
C LEU D 63 3.75 20.92 36.42
N VAL D 64 5.06 20.97 36.65
CA VAL D 64 5.80 19.75 36.91
C VAL D 64 5.50 19.24 38.32
N PHE D 65 5.56 20.12 39.31
CA PHE D 65 5.25 19.75 40.70
C PHE D 65 3.99 20.46 41.13
N PRO D 66 2.85 19.79 41.12
CA PRO D 66 1.59 20.34 41.62
C PRO D 66 1.40 20.00 43.11
N ALA D 79 -4.44 10.86 62.46
CA ALA D 79 -4.15 9.71 61.61
C ALA D 79 -5.25 8.65 61.62
N PRO D 80 -5.58 8.07 62.81
CA PRO D 80 -6.23 6.74 62.86
C PRO D 80 -7.25 6.44 61.78
N GLU D 81 -8.38 7.15 61.76
CA GLU D 81 -9.45 6.76 60.83
C GLU D 81 -9.16 7.17 59.39
N GLN D 82 -8.34 8.19 59.17
CA GLN D 82 -7.92 8.47 57.80
C GLN D 82 -7.04 7.35 57.27
N LEU D 83 -6.07 6.91 58.08
CA LEU D 83 -5.24 5.75 57.70
C LEU D 83 -6.10 4.54 57.39
N LEU D 84 -7.13 4.31 58.20
CA LEU D 84 -7.96 3.12 58.07
C LEU D 84 -8.81 3.16 56.81
N SER D 85 -9.28 4.35 56.42
CA SER D 85 -10.12 4.39 55.24
C SER D 85 -9.29 4.20 53.97
N GLN D 86 -8.03 4.65 54.00
CA GLN D 86 -7.07 4.31 52.95
C GLN D 86 -6.70 2.83 52.99
N ALA D 87 -6.53 2.27 54.20
CA ALA D 87 -6.17 0.87 54.29
C ALA D 87 -7.30 -0.02 53.82
N ARG D 88 -8.54 0.30 54.23
CA ARG D 88 -9.68 -0.48 53.76
C ARG D 88 -9.84 -0.39 52.26
N ASP D 89 -9.71 0.81 51.71
CA ASP D 89 -9.83 0.93 50.27
C ASP D 89 -8.79 0.06 49.59
N PHE D 90 -7.53 0.12 50.05
CA PHE D 90 -6.49 -0.69 49.46
C PHE D 90 -6.81 -2.18 49.55
N ILE D 91 -7.23 -2.64 50.74
CA ILE D 91 -7.53 -4.04 50.96
C ILE D 91 -8.71 -4.47 50.10
N ASN D 92 -9.71 -3.60 49.96
CA ASN D 92 -10.77 -3.87 48.98
C ASN D 92 -10.20 -4.04 47.58
N GLN D 93 -9.22 -3.22 47.20
CA GLN D 93 -8.64 -3.35 45.88
C GLN D 93 -7.95 -4.70 45.74
N TYR D 94 -7.16 -5.09 46.76
CA TYR D 94 -6.46 -6.37 46.71
C TYR D 94 -7.44 -7.52 46.49
N TYR D 95 -8.56 -7.52 47.22
CA TYR D 95 -9.47 -8.65 47.09
C TYR D 95 -10.28 -8.60 45.81
N SER D 96 -10.45 -7.42 45.19
CA SER D 96 -11.02 -7.39 43.85
C SER D 96 -10.06 -8.02 42.83
N SER D 97 -8.76 -7.70 42.93
CA SER D 97 -7.81 -8.19 41.96
C SER D 97 -7.83 -9.71 41.85
N ILE D 98 -7.89 -10.41 42.98
CA ILE D 98 -7.82 -11.87 42.95
C ILE D 98 -9.23 -12.45 42.93
N LYS D 99 -10.22 -11.60 42.64
CA LYS D 99 -11.60 -12.03 42.41
C LYS D 99 -12.20 -12.70 43.64
N ARG D 100 -11.93 -12.16 44.82
CA ARG D 100 -12.46 -12.75 46.06
C ARG D 100 -13.02 -11.67 46.97
N SER D 101 -13.71 -10.69 46.38
CA SER D 101 -14.33 -9.64 47.17
CA SER D 101 -14.33 -9.64 47.17
C SER D 101 -15.49 -10.21 47.99
N GLY D 102 -15.64 -9.72 49.22
CA GLY D 102 -16.70 -10.17 50.10
C GLY D 102 -16.45 -11.53 50.73
N SER D 103 -15.34 -12.18 50.42
CA SER D 103 -15.04 -13.48 50.97
C SER D 103 -14.78 -13.38 52.47
N GLN D 104 -14.66 -14.54 53.11
CA GLN D 104 -14.23 -14.61 54.50
C GLN D 104 -12.83 -14.03 54.67
N ALA D 105 -11.90 -14.42 53.79
CA ALA D 105 -10.53 -13.94 53.90
C ALA D 105 -10.46 -12.41 53.81
N HIS D 106 -11.36 -11.82 53.03
CA HIS D 106 -11.41 -10.37 52.86
C HIS D 106 -11.87 -9.68 54.14
N GLU D 107 -13.06 -10.07 54.64
CA GLU D 107 -13.55 -9.61 55.94
C GLU D 107 -12.47 -9.73 57.02
N GLN D 108 -11.77 -10.86 57.07
CA GLN D 108 -10.86 -11.09 58.19
C GLN D 108 -9.62 -10.20 58.10
N ARG D 109 -9.15 -9.92 56.88
CA ARG D 109 -8.00 -9.04 56.74
C ARG D 109 -8.37 -7.60 57.11
N LEU D 110 -9.61 -7.18 56.79
CA LEU D 110 -10.06 -5.85 57.19
C LEU D 110 -10.09 -5.72 58.71
N GLN D 111 -10.66 -6.70 59.41
CA GLN D 111 -10.69 -6.67 60.87
C GLN D 111 -9.28 -6.74 61.43
N GLU D 112 -8.44 -7.59 60.84
CA GLU D 112 -7.05 -7.68 61.26
C GLU D 112 -6.34 -6.32 61.14
N VAL D 113 -6.48 -5.64 59.99
CA VAL D 113 -5.83 -4.34 59.81
C VAL D 113 -6.41 -3.33 60.77
N GLU D 114 -7.71 -3.41 61.00
CA GLU D 114 -8.37 -2.47 61.90
C GLU D 114 -7.89 -2.65 63.34
N ALA D 115 -7.54 -3.88 63.73
CA ALA D 115 -7.03 -4.08 65.08
C ALA D 115 -5.58 -3.63 65.21
N GLU D 116 -4.74 -3.93 64.22
CA GLU D 116 -3.35 -3.50 64.31
C GLU D 116 -3.26 -1.98 64.40
N VAL D 117 -4.03 -1.27 63.58
CA VAL D 117 -4.09 0.19 63.70
C VAL D 117 -4.55 0.62 65.09
N ALA D 118 -5.57 -0.05 65.62
CA ALA D 118 -6.12 0.32 66.93
C ALA D 118 -5.08 0.18 68.03
N ALA D 119 -4.29 -0.89 67.98
CA ALA D 119 -3.29 -1.24 68.97
C ALA D 119 -1.96 -0.53 68.80
N THR D 120 -1.57 -0.20 67.57
CA THR D 120 -0.23 0.29 67.30
C THR D 120 -0.21 1.56 66.46
N GLY D 121 -1.36 2.07 66.03
CA GLY D 121 -1.41 3.25 65.20
C GLY D 121 -0.98 3.04 63.76
N THR D 122 -0.47 1.85 63.41
CA THR D 122 -0.03 1.55 62.05
C THR D 122 -0.31 0.06 61.77
N TYR D 123 0.03 -0.39 60.57
CA TYR D 123 -0.11 -1.82 60.28
C TYR D 123 0.95 -2.21 59.26
N GLN D 124 1.05 -3.52 59.03
CA GLN D 124 2.03 -4.11 58.12
C GLN D 124 1.31 -4.76 56.95
N LEU D 125 1.77 -4.46 55.72
CA LEU D 125 1.25 -5.15 54.55
C LEU D 125 1.65 -6.62 54.57
N ARG D 126 0.73 -7.49 54.18
CA ARG D 126 1.20 -8.81 53.83
C ARG D 126 2.13 -8.72 52.62
N GLU D 127 3.00 -9.72 52.46
CA GLU D 127 3.91 -9.72 51.30
C GLU D 127 3.15 -9.66 49.98
N SER D 128 2.06 -10.42 49.85
CA SER D 128 1.30 -10.41 48.61
CA SER D 128 1.28 -10.42 48.63
C SER D 128 0.63 -9.06 48.38
N GLU D 129 0.24 -8.35 49.45
CA GLU D 129 -0.33 -7.02 49.28
C GLU D 129 0.74 -6.02 48.86
N LEU D 130 1.98 -6.16 49.34
CA LEU D 130 3.05 -5.29 48.89
C LEU D 130 3.30 -5.45 47.39
N VAL D 131 3.32 -6.69 46.91
CA VAL D 131 3.56 -6.94 45.50
C VAL D 131 2.45 -6.30 44.69
N PHE D 132 1.20 -6.49 45.12
CA PHE D 132 0.06 -5.92 44.43
C PHE D 132 0.09 -4.39 44.44
N GLY D 133 0.43 -3.82 45.60
CA GLY D 133 0.43 -2.37 45.72
C GLY D 133 1.46 -1.69 44.84
N ALA D 134 2.69 -2.22 44.80
CA ALA D 134 3.73 -1.69 43.93
C ALA D 134 3.30 -1.71 42.46
N LYS D 135 2.75 -2.84 42.01
CA LYS D 135 2.25 -2.92 40.64
C LYS D 135 1.14 -1.90 40.40
N GLN D 136 0.19 -1.79 41.35
CA GLN D 136 -0.87 -0.81 41.20
C GLN D 136 -0.34 0.60 41.12
N ALA D 137 0.71 0.90 41.89
CA ALA D 137 1.28 2.23 41.87
C ALA D 137 1.79 2.60 40.47
N TRP D 138 2.59 1.70 39.87
CA TRP D 138 3.03 1.87 38.49
C TRP D 138 1.83 2.03 37.56
N ARG D 139 0.87 1.13 37.67
CA ARG D 139 -0.32 1.17 36.85
C ARG D 139 -1.04 2.50 36.95
N ASN D 140 -0.96 3.15 38.12
CA ASN D 140 -1.66 4.41 38.39
C ASN D 140 -0.84 5.64 38.04
N ALA D 141 0.44 5.48 37.67
CA ALA D 141 1.32 6.61 37.40
C ALA D 141 0.93 7.32 36.10
N PRO D 142 0.23 8.47 36.16
CA PRO D 142 -0.35 9.06 34.93
C PRO D 142 0.68 9.54 33.93
N ARG D 143 1.90 9.85 34.36
CA ARG D 143 2.94 10.36 33.48
C ARG D 143 3.77 9.27 32.82
N CYS D 144 3.46 8.00 33.06
CA CYS D 144 4.31 6.90 32.62
C CYS D 144 3.72 6.29 31.37
N VAL D 145 4.49 6.31 30.28
CA VAL D 145 4.02 5.75 29.02
C VAL D 145 4.33 4.26 28.92
N GLY D 146 5.14 3.72 29.83
CA GLY D 146 5.51 2.31 29.77
C GLY D 146 4.61 1.36 30.54
N ARG D 147 3.36 1.73 30.80
CA ARG D 147 2.55 0.95 31.72
C ARG D 147 1.95 -0.29 31.10
N ILE D 148 2.14 -0.54 29.80
CA ILE D 148 1.68 -1.82 29.28
C ILE D 148 2.30 -2.96 30.08
N GLN D 149 3.49 -2.75 30.60
CA GLN D 149 4.26 -3.78 31.33
C GLN D 149 3.90 -3.91 32.82
N TRP D 150 2.90 -3.17 33.34
CA TRP D 150 2.80 -2.97 34.78
C TRP D 150 2.68 -4.28 35.55
N GLY D 151 2.05 -5.29 34.96
CA GLY D 151 1.86 -6.59 35.59
C GLY D 151 3.12 -7.43 35.70
N LYS D 152 4.13 -7.15 34.88
CA LYS D 152 5.41 -7.87 34.94
C LYS D 152 6.42 -6.94 35.62
N LEU D 153 6.34 -6.94 36.93
CA LEU D 153 7.16 -6.09 37.78
C LEU D 153 7.69 -6.98 38.87
N GLN D 154 8.99 -7.04 39.01
CA GLN D 154 9.62 -7.89 40.01
C GLN D 154 9.77 -7.07 41.29
N VAL D 155 9.12 -7.51 42.38
CA VAL D 155 9.08 -6.76 43.63
C VAL D 155 10.05 -7.40 44.60
N PHE D 156 11.10 -6.69 44.97
CA PHE D 156 12.04 -7.13 45.99
C PHE D 156 11.61 -6.55 47.35
N ASP D 157 11.39 -7.42 48.33
CA ASP D 157 10.98 -6.99 49.67
C ASP D 157 12.23 -6.76 50.50
N ALA D 158 12.57 -5.50 50.74
CA ALA D 158 13.67 -5.19 51.64
C ALA D 158 13.17 -4.61 52.97
N ARG D 159 11.96 -4.99 53.40
CA ARG D 159 11.38 -4.32 54.55
C ARG D 159 12.07 -4.70 55.86
N ASP D 160 12.94 -5.69 55.85
CA ASP D 160 13.72 -6.02 57.04
C ASP D 160 15.13 -5.44 56.98
N CYS D 161 15.42 -4.62 55.99
CA CYS D 161 16.71 -3.96 55.91
C CYS D 161 16.98 -3.16 57.18
N ARG D 162 18.25 -3.12 57.63
CA ARG D 162 18.50 -2.43 58.89
C ARG D 162 19.80 -1.65 58.98
N SER D 163 20.36 -1.20 57.85
CA SER D 163 21.54 -0.34 57.87
C SER D 163 21.76 0.22 56.48
N ALA D 164 22.55 1.30 56.40
CA ALA D 164 22.96 1.82 55.11
C ALA D 164 23.69 0.75 54.31
N GLN D 165 24.51 -0.05 54.99
CA GLN D 165 25.27 -1.09 54.33
C GLN D 165 24.35 -2.13 53.70
N GLU D 166 23.31 -2.55 54.43
CA GLU D 166 22.42 -3.54 53.83
C GLU D 166 21.56 -2.94 52.72
N MET D 167 21.31 -1.62 52.75
CA MET D 167 20.63 -0.97 51.64
C MET D 167 21.41 -1.17 50.35
N PHE D 168 22.71 -0.84 50.39
CA PHE D 168 23.59 -0.98 49.24
C PHE D 168 23.56 -2.40 48.68
N THR D 169 23.57 -3.40 49.56
CA THR D 169 23.49 -4.79 49.11
C THR D 169 22.19 -5.05 48.39
N TYR D 170 21.07 -4.57 48.96
CA TYR D 170 19.79 -4.69 48.27
C TYR D 170 19.81 -3.97 46.92
N ILE D 171 20.51 -2.83 46.84
CA ILE D 171 20.47 -2.04 45.62
C ILE D 171 21.30 -2.71 44.54
N CYS D 172 22.50 -3.18 44.89
CA CYS D 172 23.32 -3.91 43.95
C CYS D 172 22.60 -5.13 43.41
N ASN D 173 21.91 -5.88 44.27
CA ASN D 173 21.11 -7.01 43.79
C ASN D 173 20.03 -6.55 42.82
N HIS D 174 19.35 -5.44 43.13
CA HIS D 174 18.34 -4.90 42.24
C HIS D 174 18.97 -4.55 40.89
N ILE D 175 20.07 -3.78 40.90
CA ILE D 175 20.74 -3.38 39.67
C ILE D 175 21.14 -4.60 38.84
N LYS D 176 21.75 -5.57 39.51
CA LYS D 176 22.13 -6.83 38.88
C LYS D 176 20.92 -7.53 38.24
N TYR D 177 19.83 -7.69 38.99
CA TYR D 177 18.65 -8.35 38.43
C TYR D 177 18.08 -7.59 37.23
N ALA D 178 18.00 -6.25 37.33
CA ALA D 178 17.25 -5.47 36.35
C ALA D 178 18.05 -5.27 35.07
N THR D 179 19.34 -4.98 35.20
CA THR D 179 20.21 -4.89 34.03
C THR D 179 20.19 -6.19 33.26
N ASN D 180 20.48 -7.32 33.92
CA ASN D 180 20.42 -8.65 33.32
C ASN D 180 21.24 -8.68 32.03
N ARG D 181 22.48 -8.22 32.15
CA ARG D 181 23.45 -8.09 31.05
C ARG D 181 22.79 -7.55 29.78
N GLY D 182 22.07 -6.45 29.92
CA GLY D 182 21.50 -5.73 28.81
C GLY D 182 20.07 -6.10 28.47
N ASN D 183 19.57 -7.22 28.96
CA ASN D 183 18.19 -7.63 28.70
C ASN D 183 17.32 -7.21 29.90
N LEU D 184 16.84 -5.97 29.86
CA LEU D 184 16.41 -5.29 31.08
C LEU D 184 15.08 -5.84 31.61
N ARG D 185 14.99 -5.94 32.93
CA ARG D 185 13.80 -6.42 33.61
C ARG D 185 13.33 -5.38 34.61
N SER D 186 12.05 -5.03 34.54
CA SER D 186 11.47 -4.09 35.50
C SER D 186 11.55 -4.61 36.93
N ALA D 187 11.88 -3.73 37.87
CA ALA D 187 11.96 -4.17 39.26
C ALA D 187 11.73 -3.01 40.20
N ILE D 188 11.37 -3.35 41.44
CA ILE D 188 11.27 -2.39 42.52
C ILE D 188 11.73 -3.08 43.81
N THR D 189 12.53 -2.36 44.60
CA THR D 189 12.94 -2.81 45.92
C THR D 189 12.36 -1.84 46.92
N VAL D 190 11.50 -2.31 47.82
CA VAL D 190 10.92 -1.40 48.79
C VAL D 190 11.55 -1.66 50.15
N PHE D 191 12.17 -0.62 50.68
CA PHE D 191 12.78 -0.61 51.99
C PHE D 191 11.71 -0.35 53.05
N PRO D 192 12.06 -0.37 54.35
CA PRO D 192 11.04 -0.29 55.40
C PRO D 192 10.21 0.98 55.31
N GLN D 193 8.94 0.84 55.72
CA GLN D 193 8.00 1.94 55.71
C GLN D 193 8.38 3.00 56.74
N ARG D 194 7.82 4.19 56.54
CA ARG D 194 7.91 5.27 57.49
C ARG D 194 7.18 4.86 58.77
N CYS D 195 7.80 5.10 59.92
CA CYS D 195 7.11 4.81 61.17
C CYS D 195 7.50 5.82 62.25
N PRO D 196 6.56 6.16 63.12
CA PRO D 196 6.86 7.15 64.18
C PRO D 196 8.03 6.70 65.03
N GLY D 197 8.84 7.69 65.44
CA GLY D 197 9.92 7.40 66.36
C GLY D 197 11.16 6.80 65.72
N ARG D 198 11.32 6.97 64.42
CA ARG D 198 12.47 6.48 63.69
C ARG D 198 12.57 7.32 62.43
N GLY D 199 13.79 7.54 61.98
CA GLY D 199 13.98 8.25 60.74
C GLY D 199 13.61 7.39 59.54
N ASP D 200 13.53 8.06 58.39
CA ASP D 200 13.25 7.40 57.13
C ASP D 200 14.51 6.81 56.55
N PHE D 201 14.39 5.64 55.92
CA PHE D 201 15.37 5.25 54.93
C PHE D 201 15.23 6.18 53.73
N ARG D 202 16.33 6.73 53.24
CA ARG D 202 16.29 7.53 52.02
C ARG D 202 17.49 7.25 51.14
N ILE D 203 17.23 7.25 49.85
CA ILE D 203 18.29 7.32 48.83
C ILE D 203 18.37 8.77 48.37
N TRP D 204 19.52 9.41 48.61
CA TRP D 204 19.62 10.83 48.27
C TRP D 204 19.66 11.06 46.76
N ASN D 205 20.23 10.13 45.99
CA ASN D 205 20.32 10.27 44.54
C ASN D 205 18.95 10.16 43.89
N SER D 206 18.70 10.99 42.88
CA SER D 206 17.41 10.89 42.19
C SER D 206 17.31 9.62 41.36
N GLN D 207 18.42 9.03 40.96
CA GLN D 207 18.40 7.74 40.30
C GLN D 207 19.65 6.98 40.72
N LEU D 208 19.57 5.66 40.64
CA LEU D 208 20.72 4.86 41.06
C LEU D 208 21.93 5.12 40.15
N VAL D 209 21.73 5.45 38.89
CA VAL D 209 22.86 5.77 38.02
C VAL D 209 22.70 7.21 37.54
N ARG D 210 23.66 8.04 37.90
CA ARG D 210 23.65 9.45 37.53
C ARG D 210 25.05 9.86 37.19
N TYR D 211 25.18 10.72 36.18
CA TYR D 211 26.47 11.26 35.82
C TYR D 211 26.75 12.53 36.63
N ALA D 212 27.96 12.63 37.15
CA ALA D 212 28.39 13.80 37.91
C ALA D 212 28.24 15.08 37.08
N GLY D 213 27.90 16.16 37.77
CA GLY D 213 27.79 17.45 37.13
C GLY D 213 28.60 18.44 37.94
N TYR D 214 29.73 18.86 37.39
CA TYR D 214 30.69 19.71 38.06
C TYR D 214 30.43 21.16 37.67
N ARG D 215 29.92 21.96 38.61
CA ARG D 215 29.73 23.38 38.35
C ARG D 215 31.07 24.02 38.02
N GLN D 216 31.02 25.08 37.23
CA GLN D 216 32.23 25.73 36.79
C GLN D 216 32.28 27.17 37.28
N GLN D 217 33.51 27.65 37.39
CA GLN D 217 33.80 29.06 37.64
C GLN D 217 33.12 29.95 36.60
N ASP D 218 33.13 29.52 35.33
CA ASP D 218 32.50 30.25 34.23
C ASP D 218 30.99 30.37 34.41
N GLY D 219 30.48 29.90 35.56
CA GLY D 219 29.07 29.64 35.74
C GLY D 219 28.55 28.43 35.00
N SER D 220 29.38 27.78 34.17
CA SER D 220 28.96 26.67 33.33
C SER D 220 29.04 25.35 34.11
N VAL D 221 28.86 24.23 33.41
CA VAL D 221 28.85 22.91 34.01
C VAL D 221 29.58 21.94 33.09
N ARG D 222 30.47 21.13 33.65
CA ARG D 222 31.00 19.95 32.99
C ARG D 222 30.23 18.72 33.49
N GLY D 223 29.68 17.95 32.56
CA GLY D 223 28.88 16.80 32.91
C GLY D 223 27.39 17.04 32.78
N ASP D 224 26.61 16.45 33.66
CA ASP D 224 25.17 16.60 33.57
C ASP D 224 24.72 17.71 34.50
N PRO D 225 24.20 18.82 33.98
CA PRO D 225 23.81 19.95 34.85
C PRO D 225 22.66 19.62 35.79
N ALA D 226 21.88 18.58 35.50
CA ALA D 226 20.81 18.20 36.40
C ALA D 226 21.33 17.65 37.73
N ASN D 227 22.62 17.29 37.81
CA ASN D 227 23.17 16.59 38.96
C ASN D 227 24.21 17.42 39.68
N VAL D 228 24.23 18.73 39.46
CA VAL D 228 25.21 19.60 40.11
C VAL D 228 25.06 19.54 41.62
N GLU D 229 23.82 19.47 42.12
CA GLU D 229 23.61 19.50 43.55
C GLU D 229 24.02 18.18 44.20
N ILE D 230 23.51 17.06 43.67
CA ILE D 230 23.86 15.77 44.28
C ILE D 230 25.35 15.52 44.12
N THR D 231 25.95 16.08 43.07
CA THR D 231 27.39 16.00 42.88
C THR D 231 28.14 16.69 44.02
N GLU D 232 27.71 17.90 44.38
CA GLU D 232 28.38 18.66 45.43
C GLU D 232 28.14 18.03 46.80
N LEU D 233 26.94 17.48 47.02
CA LEU D 233 26.71 16.71 48.24
C LEU D 233 27.63 15.49 48.32
N CYS D 234 27.89 14.84 47.18
CA CYS D 234 28.82 13.72 47.20
C CYS D 234 30.23 14.16 47.56
N ILE D 235 30.72 15.26 46.98
CA ILE D 235 32.02 15.81 47.35
C ILE D 235 32.09 16.03 48.85
N GLN D 236 31.13 16.81 49.35
CA GLN D 236 31.10 17.21 50.74
C GLN D 236 31.10 16.02 51.67
N HIS D 237 30.50 14.91 51.26
CA HIS D 237 30.53 13.69 52.06
C HIS D 237 31.72 12.80 51.75
N GLY D 238 32.70 13.29 51.02
CA GLY D 238 33.98 12.64 50.91
C GLY D 238 34.24 11.84 49.66
N TRP D 239 33.57 12.16 48.57
CA TRP D 239 33.85 11.49 47.30
C TRP D 239 34.98 12.22 46.58
N THR D 240 35.94 11.44 46.09
CA THR D 240 36.98 12.02 45.25
C THR D 240 36.42 12.22 43.84
N PRO D 241 36.34 13.46 43.35
CA PRO D 241 35.65 13.71 42.09
C PRO D 241 36.49 13.30 40.89
N GLY D 242 35.80 13.04 39.78
CA GLY D 242 36.43 12.95 38.48
C GLY D 242 36.48 14.31 37.83
N ASN D 243 36.73 14.31 36.51
CA ASN D 243 36.55 15.54 35.74
C ASN D 243 35.92 15.28 34.37
N GLY D 244 35.27 14.13 34.17
CA GLY D 244 34.72 13.80 32.88
C GLY D 244 33.26 14.21 32.73
N ARG D 245 32.79 14.09 31.49
CA ARG D 245 31.39 14.33 31.18
C ARG D 245 30.49 13.18 31.59
N PHE D 246 31.05 12.01 31.90
CA PHE D 246 30.25 10.86 32.25
C PHE D 246 30.85 10.09 33.42
N ASP D 247 31.06 10.78 34.55
CA ASP D 247 31.50 10.15 35.78
C ASP D 247 30.28 9.67 36.55
N VAL D 248 30.17 8.36 36.75
CA VAL D 248 29.08 7.81 37.55
C VAL D 248 29.26 8.26 38.99
N LEU D 249 28.18 8.83 39.57
CA LEU D 249 28.20 9.26 40.95
C LEU D 249 28.16 8.06 41.91
N PRO D 250 28.68 8.22 43.12
CA PRO D 250 28.42 7.21 44.16
C PRO D 250 27.01 7.39 44.69
N LEU D 251 26.56 6.43 45.48
CA LEU D 251 25.26 6.53 46.12
C LEU D 251 25.41 7.10 47.52
N LEU D 252 24.50 8.01 47.87
CA LEU D 252 24.36 8.49 49.24
C LEU D 252 23.13 7.84 49.84
N LEU D 253 23.37 6.93 50.78
CA LEU D 253 22.33 6.10 51.39
C LEU D 253 22.12 6.51 52.83
N GLN D 254 20.87 6.72 53.20
CA GLN D 254 20.52 7.20 54.53
C GLN D 254 19.68 6.16 55.24
N ALA D 255 20.25 5.53 56.24
CA ALA D 255 19.53 4.69 57.19
C ALA D 255 18.91 5.60 58.26
N PRO D 256 17.89 5.12 58.97
CA PRO D 256 17.18 6.02 59.90
C PRO D 256 18.13 6.68 60.88
N ASP D 257 17.98 8.01 61.01
CA ASP D 257 18.59 8.83 62.06
C ASP D 257 20.11 8.91 61.94
N GLU D 258 20.66 8.61 60.77
CA GLU D 258 22.08 8.68 60.50
C GLU D 258 22.32 9.62 59.32
N PRO D 259 23.49 10.27 59.27
CA PRO D 259 23.86 10.98 58.06
C PRO D 259 23.99 10.02 56.90
N PRO D 260 23.90 10.51 55.66
CA PRO D 260 24.04 9.62 54.52
C PRO D 260 25.45 9.05 54.43
N GLU D 261 25.55 7.83 53.92
CA GLU D 261 26.81 7.14 53.75
C GLU D 261 27.10 7.00 52.25
N LEU D 262 28.39 7.09 51.91
CA LEU D 262 28.86 7.02 50.54
C LEU D 262 29.13 5.57 50.15
N PHE D 263 28.55 5.12 49.04
CA PHE D 263 28.84 3.80 48.49
C PHE D 263 29.12 3.94 47.00
N LEU D 264 30.23 3.35 46.56
CA LEU D 264 30.58 3.31 45.14
C LEU D 264 29.90 2.11 44.49
N LEU D 265 29.24 2.35 43.38
CA LEU D 265 28.77 1.22 42.59
C LEU D 265 29.97 0.48 42.01
N PRO D 266 29.92 -0.85 41.96
CA PRO D 266 30.97 -1.59 41.25
C PRO D 266 30.85 -1.37 39.76
N PRO D 267 31.90 -0.87 39.13
CA PRO D 267 31.88 -0.65 37.68
C PRO D 267 31.25 -1.78 36.87
N GLU D 268 31.48 -3.03 37.23
CA GLU D 268 30.90 -4.14 36.47
C GLU D 268 29.39 -4.17 36.56
N LEU D 269 28.81 -3.41 37.49
CA LEU D 269 27.38 -3.36 37.70
C LEU D 269 26.70 -2.29 36.89
N VAL D 270 27.46 -1.26 36.47
CA VAL D 270 26.94 -0.09 35.79
C VAL D 270 27.16 -0.28 34.29
N LEU D 271 26.13 -0.74 33.59
CA LEU D 271 26.26 -1.02 32.18
C LEU D 271 26.00 0.25 31.36
N GLU D 272 26.94 0.58 30.46
CA GLU D 272 26.91 1.83 29.70
C GLU D 272 26.98 1.53 28.21
N VAL D 273 26.29 2.33 27.41
CA VAL D 273 26.31 2.22 25.95
C VAL D 273 27.06 3.41 25.40
N PRO D 274 28.20 3.23 24.75
CA PRO D 274 28.79 4.34 24.00
C PRO D 274 27.98 4.57 22.74
N LEU D 275 27.78 5.85 22.41
CA LEU D 275 26.90 6.22 21.32
C LEU D 275 27.68 6.37 20.01
N GLU D 276 27.26 5.63 18.99
CA GLU D 276 27.76 5.80 17.63
C GLU D 276 26.55 5.87 16.71
N HIS D 277 26.79 6.34 15.44
CA HIS D 277 25.71 6.53 14.47
C HIS D 277 25.87 5.56 13.30
N PRO D 278 24.80 4.93 12.82
CA PRO D 278 24.97 3.88 11.81
C PRO D 278 25.57 4.39 10.51
N THR D 279 25.41 5.69 10.19
CA THR D 279 26.03 6.29 9.04
C THR D 279 26.87 7.51 9.36
N LEU D 280 26.65 8.23 10.45
CA LEU D 280 27.55 9.37 10.71
C LEU D 280 28.73 8.87 11.54
N GLU D 281 29.84 8.54 10.86
CA GLU D 281 30.98 7.88 11.53
C GLU D 281 31.69 8.82 12.49
N TRP D 282 31.69 10.13 12.21
CA TRP D 282 32.31 11.06 13.15
C TRP D 282 31.55 11.14 14.48
N PHE D 283 30.30 10.67 14.51
CA PHE D 283 29.50 10.79 15.74
C PHE D 283 30.20 10.13 16.92
N ALA D 284 30.81 8.96 16.70
CA ALA D 284 31.50 8.25 17.77
C ALA D 284 32.59 9.09 18.44
N ALA D 285 33.23 10.00 17.69
CA ALA D 285 34.28 10.85 18.25
C ALA D 285 33.74 11.88 19.25
N LEU D 286 32.46 12.26 19.15
CA LEU D 286 31.84 13.12 20.16
C LEU D 286 32.05 12.57 21.57
N GLY D 287 32.29 11.27 21.71
CA GLY D 287 32.55 10.67 23.00
C GLY D 287 31.32 10.53 23.87
N LEU D 288 30.17 10.26 23.26
CA LEU D 288 28.93 10.21 24.02
C LEU D 288 28.67 8.80 24.53
N ARG D 289 27.93 8.74 25.63
CA ARG D 289 27.56 7.46 26.22
C ARG D 289 26.41 7.73 27.17
N TRP D 290 25.57 6.71 27.35
CA TRP D 290 24.56 6.76 28.39
C TRP D 290 24.54 5.41 29.09
N TYR D 291 23.77 5.33 30.16
CA TYR D 291 23.75 4.11 30.97
C TYR D 291 22.50 3.30 30.63
N ALA D 292 22.57 2.01 30.95
CA ALA D 292 21.52 1.12 30.48
C ALA D 292 20.24 1.24 31.32
N LEU D 293 20.37 1.51 32.60
CA LEU D 293 19.29 1.27 33.56
C LEU D 293 18.76 2.58 34.12
N PRO D 294 17.52 2.95 33.78
CA PRO D 294 16.87 4.11 34.41
C PRO D 294 16.19 3.68 35.70
N ALA D 295 16.76 4.07 36.83
CA ALA D 295 16.30 3.57 38.12
C ALA D 295 15.96 4.76 39.00
N VAL D 296 14.69 5.18 39.02
CA VAL D 296 14.29 6.29 39.87
C VAL D 296 14.39 5.86 41.33
N SER D 297 15.10 6.65 42.15
CA SER D 297 15.32 6.30 43.56
C SER D 297 14.81 7.32 44.56
N ASN D 298 14.18 8.41 44.12
CA ASN D 298 13.85 9.48 45.05
C ASN D 298 12.35 9.69 45.20
N MET D 299 11.52 8.78 44.72
CA MET D 299 10.09 8.94 44.94
C MET D 299 9.60 8.12 46.15
N LEU D 300 8.42 8.50 46.60
CA LEU D 300 7.77 7.83 47.72
C LEU D 300 6.70 6.91 47.15
N LEU D 301 6.68 5.68 47.62
CA LEU D 301 5.62 4.74 47.29
C LEU D 301 4.60 4.71 48.43
N GLU D 302 3.33 4.94 48.10
CA GLU D 302 2.26 5.01 49.08
C GLU D 302 1.30 3.86 48.81
N ILE D 303 1.11 2.98 49.81
CA ILE D 303 0.22 1.83 49.67
C ILE D 303 -0.66 1.77 50.90
N GLY D 304 -1.96 1.93 50.69
CA GLY D 304 -2.93 1.80 51.77
C GLY D 304 -2.67 2.72 52.94
N GLY D 305 -2.19 3.93 52.69
CA GLY D 305 -1.83 4.84 53.75
C GLY D 305 -0.44 4.65 54.31
N LEU D 306 0.20 3.52 54.08
CA LEU D 306 1.59 3.39 54.45
C LEU D 306 2.49 4.06 53.42
N GLU D 307 3.60 4.61 53.88
CA GLU D 307 4.51 5.34 53.02
C GLU D 307 5.85 4.65 53.05
N PHE D 308 6.43 4.49 51.88
CA PHE D 308 7.77 3.91 51.74
C PHE D 308 8.65 4.96 51.09
N PRO D 309 9.41 5.72 51.88
CA PRO D 309 10.19 6.82 51.31
C PRO D 309 11.36 6.37 50.48
N ALA D 310 11.77 5.12 50.60
CA ALA D 310 12.83 4.55 49.79
C ALA D 310 12.29 3.28 49.16
N ALA D 311 12.15 3.32 47.81
CA ALA D 311 11.59 2.24 46.99
C ALA D 311 12.03 2.40 45.54
N PRO D 312 13.33 2.26 45.26
CA PRO D 312 13.80 2.56 43.90
C PRO D 312 13.21 1.57 42.91
N PHE D 313 12.78 2.08 41.75
CA PHE D 313 12.20 1.24 40.72
C PHE D 313 12.88 1.52 39.38
N SER D 314 12.83 0.55 38.48
CA SER D 314 13.60 0.69 37.24
C SER D 314 12.91 -0.09 36.13
N GLY D 315 12.93 0.48 34.93
CA GLY D 315 12.48 -0.27 33.77
C GLY D 315 13.55 -0.28 32.68
N TRP D 316 13.22 0.31 31.54
CA TRP D 316 14.20 0.53 30.50
C TRP D 316 13.82 1.78 29.72
N TYR D 317 14.77 2.27 28.96
CA TYR D 317 14.65 3.58 28.40
C TYR D 317 13.77 3.58 27.17
N MET D 318 13.01 4.65 27.01
CA MET D 318 12.52 5.10 25.70
C MET D 318 13.55 6.06 25.11
N SER D 319 13.92 5.86 23.84
CA SER D 319 15.12 6.52 23.31
C SER D 319 15.00 8.03 23.30
N THR D 320 13.79 8.57 23.25
CA THR D 320 13.71 10.03 23.33
C THR D 320 14.09 10.55 24.70
N GLU D 321 14.02 9.73 25.77
CA GLU D 321 14.48 10.26 27.05
C GLU D 321 15.98 10.55 26.99
N ILE D 322 16.73 9.72 26.27
CA ILE D 322 18.16 9.93 26.17
C ILE D 322 18.49 10.92 25.05
N GLY D 323 18.04 10.61 23.84
CA GLY D 323 18.49 11.39 22.69
C GLY D 323 17.98 12.82 22.69
N THR D 324 16.73 13.03 23.08
CA THR D 324 16.12 14.34 23.03
C THR D 324 16.26 15.09 24.35
N ARG D 325 15.78 14.50 25.46
CA ARG D 325 15.83 15.24 26.72
C ARG D 325 17.24 15.31 27.30
N ASN D 326 17.89 14.17 27.51
CA ASN D 326 19.14 14.21 28.26
C ASN D 326 20.29 14.80 27.43
N LEU D 327 20.29 14.57 26.13
CA LEU D 327 21.38 15.07 25.30
C LEU D 327 21.09 16.43 24.67
N CYS D 328 19.81 16.76 24.41
CA CYS D 328 19.48 17.98 23.68
C CYS D 328 18.77 19.07 24.47
N ASP D 329 18.29 18.79 25.69
CA ASP D 329 17.70 19.88 26.44
C ASP D 329 18.76 20.96 26.60
N PRO D 330 18.41 22.24 26.39
CA PRO D 330 19.39 23.32 26.55
C PRO D 330 20.04 23.34 27.92
N HIS D 331 19.30 22.97 28.96
CA HIS D 331 19.83 22.95 30.31
C HIS D 331 20.43 21.60 30.68
N ARG D 332 20.54 20.67 29.73
CA ARG D 332 21.20 19.41 30.00
C ARG D 332 22.54 19.36 29.28
N TYR D 333 22.85 18.25 28.58
CA TYR D 333 24.10 18.20 27.83
C TYR D 333 24.10 19.12 26.59
N ASN D 334 22.94 19.52 26.09
CA ASN D 334 22.84 20.58 25.09
C ASN D 334 23.84 20.39 23.92
N ILE D 335 23.78 19.22 23.28
CA ILE D 335 24.71 18.90 22.18
C ILE D 335 24.16 19.21 20.79
N LEU D 336 22.97 19.81 20.68
CA LEU D 336 22.28 19.86 19.40
C LEU D 336 23.01 20.72 18.38
N GLU D 337 23.58 21.84 18.83
CA GLU D 337 24.20 22.76 17.89
C GLU D 337 25.49 22.17 17.31
N ASP D 338 26.26 21.45 18.14
CA ASP D 338 27.51 20.89 17.64
C ASP D 338 27.26 19.75 16.67
N VAL D 339 26.29 18.89 16.98
CA VAL D 339 25.89 17.84 16.04
C VAL D 339 25.50 18.44 14.69
N ALA D 340 24.70 19.52 14.73
CA ALA D 340 24.20 20.12 13.49
C ALA D 340 25.32 20.81 12.71
N VAL D 341 26.22 21.49 13.40
CA VAL D 341 27.44 22.01 12.78
C VAL D 341 28.23 20.89 12.12
N CYS D 342 28.38 19.77 12.83
CA CYS D 342 29.08 18.62 12.25
C CYS D 342 28.33 18.04 11.07
N MET D 343 27.00 18.08 11.08
CA MET D 343 26.26 17.57 9.94
C MET D 343 26.29 18.53 8.77
N ASP D 344 26.89 19.71 8.97
CA ASP D 344 26.97 20.81 8.01
C ASP D 344 25.63 21.50 7.75
N LEU D 345 24.68 21.39 8.67
CA LEU D 345 23.41 22.08 8.51
C LEU D 345 23.59 23.58 8.66
N ASP D 346 22.67 24.34 8.08
CA ASP D 346 22.76 25.80 8.13
C ASP D 346 22.14 26.28 9.43
N THR D 347 22.95 26.33 10.49
CA THR D 347 22.47 26.69 11.81
C THR D 347 22.17 28.17 11.97
N ARG D 348 22.32 28.95 10.90
CA ARG D 348 22.19 30.40 10.99
C ARG D 348 20.76 30.87 10.77
N THR D 349 19.81 29.97 10.58
CA THR D 349 18.41 30.36 10.54
C THR D 349 17.58 29.20 11.08
N THR D 350 16.40 29.54 11.60
CA THR D 350 15.51 28.50 12.10
C THR D 350 14.85 27.72 10.96
N SER D 351 14.55 28.39 9.83
CA SER D 351 13.77 27.76 8.79
C SER D 351 14.51 26.63 8.06
N SER D 352 15.80 26.42 8.33
CA SER D 352 16.41 25.21 7.78
C SER D 352 15.99 23.96 8.56
N LEU D 353 15.44 24.13 9.76
CA LEU D 353 15.03 23.00 10.62
C LEU D 353 16.22 22.12 10.95
N TRP D 354 17.37 22.78 11.08
CA TRP D 354 18.58 22.09 11.51
C TRP D 354 18.41 21.48 12.89
N LYS D 355 17.68 22.17 13.78
CA LYS D 355 17.44 21.61 15.11
C LYS D 355 16.70 20.29 15.01
N ASP D 356 15.63 20.26 14.22
CA ASP D 356 14.84 19.05 14.05
C ASP D 356 15.66 17.96 13.38
N LYS D 357 16.46 18.34 12.38
CA LYS D 357 17.26 17.36 11.65
C LYS D 357 18.33 16.75 12.55
N ALA D 358 19.04 17.57 13.31
CA ALA D 358 20.09 17.02 14.16
C ALA D 358 19.51 16.22 15.31
N ALA D 359 18.36 16.60 15.82
CA ALA D 359 17.78 15.85 16.94
C ALA D 359 17.31 14.48 16.49
N VAL D 360 16.76 14.40 15.29
CA VAL D 360 16.38 13.09 14.73
C VAL D 360 17.60 12.17 14.67
N GLU D 361 18.73 12.68 14.17
CA GLU D 361 19.94 11.87 14.04
C GLU D 361 20.51 11.44 15.39
N ILE D 362 20.39 12.27 16.43
CA ILE D 362 20.87 11.86 17.75
C ILE D 362 20.03 10.71 18.26
N ASN D 363 18.71 10.77 18.02
CA ASN D 363 17.83 9.70 18.44
C ASN D 363 18.08 8.41 17.65
N VAL D 364 18.35 8.54 16.34
CA VAL D 364 18.82 7.39 15.55
C VAL D 364 20.05 6.77 16.18
N ALA D 365 21.04 7.61 16.53
CA ALA D 365 22.26 7.08 17.12
C ALA D 365 21.96 6.32 18.41
N VAL D 366 21.15 6.92 19.29
CA VAL D 366 20.80 6.28 20.56
C VAL D 366 20.17 4.92 20.32
N LEU D 367 19.18 4.86 19.41
CA LEU D 367 18.51 3.58 19.14
C LEU D 367 19.49 2.59 18.55
N HIS D 368 20.29 3.04 17.60
CA HIS D 368 21.23 2.14 16.96
C HIS D 368 22.28 1.67 17.95
N SER D 369 22.81 2.57 18.77
CA SER D 369 23.81 2.17 19.75
C SER D 369 23.28 1.14 20.72
N TYR D 370 22.07 1.35 21.25
CA TYR D 370 21.57 0.38 22.23
C TYR D 370 21.31 -0.96 21.56
N GLN D 371 20.75 -0.95 20.35
CA GLN D 371 20.53 -2.20 19.65
C GLN D 371 21.84 -2.90 19.37
N LEU D 372 22.89 -2.14 19.05
CA LEU D 372 24.19 -2.74 18.80
C LEU D 372 24.77 -3.34 20.07
N ALA D 373 24.65 -2.64 21.19
CA ALA D 373 25.19 -3.16 22.44
C ALA D 373 24.28 -4.21 23.06
N LYS D 374 23.17 -4.57 22.41
CA LYS D 374 22.24 -5.55 22.94
C LYS D 374 21.72 -5.12 24.32
N VAL D 375 21.24 -3.88 24.39
CA VAL D 375 20.62 -3.34 25.59
C VAL D 375 19.22 -2.89 25.25
N THR D 376 18.25 -3.36 26.03
CA THR D 376 16.84 -3.04 25.79
C THR D 376 16.65 -1.54 25.63
N ILE D 377 15.95 -1.16 24.57
CA ILE D 377 15.54 0.22 24.37
C ILE D 377 14.27 0.17 23.53
N VAL D 378 13.43 1.18 23.67
CA VAL D 378 12.21 1.24 22.88
C VAL D 378 12.10 2.64 22.26
N ASP D 379 11.76 2.70 20.98
CA ASP D 379 11.59 4.00 20.36
C ASP D 379 10.20 4.56 20.67
N HIS D 380 10.04 5.88 20.51
CA HIS D 380 8.81 6.51 20.95
C HIS D 380 7.61 6.10 20.11
N HIS D 381 7.81 5.52 18.92
CA HIS D 381 6.65 5.03 18.19
C HIS D 381 6.13 3.73 18.76
N ALA D 382 7.03 2.78 19.01
CA ALA D 382 6.59 1.54 19.63
C ALA D 382 6.03 1.80 21.04
N ALA D 383 6.68 2.67 21.81
CA ALA D 383 6.20 2.91 23.18
C ALA D 383 4.80 3.49 23.18
N THR D 384 4.53 4.47 22.32
CA THR D 384 3.22 5.10 22.28
C THR D 384 2.16 4.16 21.70
N ALA D 385 2.53 3.30 20.75
CA ALA D 385 1.57 2.28 20.30
C ALA D 385 1.27 1.27 21.41
N SER D 386 2.26 0.92 22.23
CA SER D 386 1.94 -0.02 23.30
C SER D 386 1.04 0.64 24.34
N PHE D 387 1.24 1.94 24.59
CA PHE D 387 0.41 2.66 25.55
C PHE D 387 -1.06 2.72 25.13
N MET D 388 -1.31 2.90 23.82
CA MET D 388 -2.66 2.84 23.29
C MET D 388 -3.33 1.50 23.59
N LYS D 389 -2.60 0.39 23.39
CA LYS D 389 -3.12 -0.90 23.80
C LYS D 389 -3.37 -0.96 25.31
N HIS D 390 -2.50 -0.33 26.10
CA HIS D 390 -2.75 -0.21 27.54
C HIS D 390 -4.05 0.52 27.83
N LEU D 391 -4.34 1.60 27.09
CA LEU D 391 -5.57 2.34 27.34
C LEU D 391 -6.78 1.49 27.06
N GLU D 392 -6.73 0.74 25.96
CA GLU D 392 -7.84 -0.12 25.61
C GLU D 392 -8.03 -1.22 26.65
N ASN D 393 -6.92 -1.73 27.20
CA ASN D 393 -7.02 -2.72 28.28
C ASN D 393 -7.64 -2.11 29.52
N GLU D 394 -7.12 -0.97 29.95
CA GLU D 394 -7.59 -0.34 31.17
C GLU D 394 -9.04 0.11 31.05
N GLN D 395 -9.45 0.56 29.86
CA GLN D 395 -10.86 0.88 29.67
C GLN D 395 -11.74 -0.34 29.95
N LYS D 396 -11.36 -1.50 29.40
CA LYS D 396 -12.08 -2.74 29.68
C LYS D 396 -11.99 -3.11 31.17
N ALA D 397 -10.77 -3.04 31.74
CA ALA D 397 -10.57 -3.56 33.10
C ALA D 397 -11.17 -2.63 34.15
N ARG D 398 -10.89 -1.33 34.06
CA ARG D 398 -11.27 -0.40 35.11
C ARG D 398 -12.18 0.72 34.64
N GLY D 399 -12.45 0.82 33.34
CA GLY D 399 -13.26 1.91 32.84
C GLY D 399 -12.51 3.22 32.76
N GLY D 400 -11.21 3.18 32.57
CA GLY D 400 -10.45 4.42 32.50
C GLY D 400 -9.00 4.21 32.88
N CYS D 401 -8.27 5.30 32.81
CA CYS D 401 -6.83 5.26 32.98
C CYS D 401 -6.30 6.68 33.21
N PRO D 402 -5.69 6.97 34.36
CA PRO D 402 -5.12 8.31 34.54
C PRO D 402 -3.94 8.47 33.60
N ALA D 403 -4.01 9.49 32.75
CA ALA D 403 -2.92 9.80 31.82
C ALA D 403 -2.70 11.29 31.80
N ASP D 404 -1.43 11.70 31.94
CA ASP D 404 -0.99 13.09 31.81
C ASP D 404 -0.50 13.33 30.37
N TRP D 405 -1.33 13.97 29.55
CA TRP D 405 -1.06 14.08 28.11
C TRP D 405 0.33 14.65 27.80
N ALA D 406 0.71 15.73 28.46
CA ALA D 406 2.00 16.36 28.18
C ALA D 406 3.21 15.47 28.46
N TRP D 407 3.07 14.46 29.33
CA TRP D 407 4.19 13.57 29.58
C TRP D 407 4.13 12.31 28.73
N ILE D 408 2.93 11.88 28.34
CA ILE D 408 2.75 10.70 27.50
C ILE D 408 3.16 10.98 26.05
N VAL D 409 2.92 12.19 25.55
CA VAL D 409 3.34 12.56 24.19
C VAL D 409 4.86 12.76 24.18
N PRO D 410 5.55 12.15 23.22
CA PRO D 410 7.02 12.21 23.18
C PRO D 410 7.51 13.62 22.92
N PRO D 411 8.75 13.93 23.31
CA PRO D 411 9.26 15.30 23.16
C PRO D 411 9.64 15.70 21.74
N ILE D 412 9.73 14.76 20.81
CA ILE D 412 9.78 15.01 19.37
C ILE D 412 8.67 14.21 18.72
N SER D 413 8.22 14.70 17.57
CA SER D 413 7.34 13.95 16.67
C SER D 413 5.97 13.64 17.27
N GLY D 414 5.51 14.46 18.21
CA GLY D 414 4.25 14.22 18.89
C GLY D 414 3.06 13.77 18.03
N SER D 415 2.60 14.62 17.11
CA SER D 415 1.44 14.27 16.31
C SER D 415 1.71 13.06 15.39
N LEU D 416 2.97 12.71 15.20
CA LEU D 416 3.25 11.45 14.50
C LEU D 416 2.94 10.23 15.37
N THR D 417 2.75 10.42 16.73
CA THR D 417 2.40 9.23 17.46
C THR D 417 0.91 9.20 17.72
N PRO D 418 0.32 8.01 17.94
CA PRO D 418 -1.13 7.93 18.17
C PRO D 418 -1.62 8.59 19.46
N VAL D 419 -0.79 8.65 20.51
CA VAL D 419 -1.24 9.24 21.78
C VAL D 419 -1.51 10.73 21.62
N PHE D 420 -0.88 11.38 20.65
CA PHE D 420 -1.17 12.79 20.42
C PHE D 420 -2.67 13.01 20.17
N HIS D 421 -3.28 12.13 19.41
CA HIS D 421 -4.68 12.31 19.03
C HIS D 421 -5.65 11.67 20.01
N GLN D 422 -5.18 11.24 21.17
CA GLN D 422 -6.02 10.62 22.18
C GLN D 422 -6.23 11.63 23.30
N GLU D 423 -7.47 12.12 23.46
CA GLU D 423 -7.78 12.91 24.63
C GLU D 423 -7.58 12.06 25.88
N MET D 424 -7.09 12.67 26.95
CA MET D 424 -6.74 11.94 28.16
C MET D 424 -7.25 12.66 29.39
N VAL D 425 -7.46 11.89 30.46
CA VAL D 425 -7.98 12.39 31.73
C VAL D 425 -6.93 12.11 32.81
N ASN D 426 -6.59 13.14 33.56
CA ASN D 426 -5.49 13.08 34.50
C ASN D 426 -6.06 13.17 35.93
N TYR D 427 -5.75 12.18 36.76
CA TYR D 427 -6.22 12.18 38.15
C TYR D 427 -5.31 11.27 38.97
N PHE D 428 -5.47 11.33 40.29
CA PHE D 428 -4.56 10.66 41.21
C PHE D 428 -5.28 9.48 41.84
N LEU D 429 -4.86 8.28 41.51
CA LEU D 429 -5.33 7.11 42.22
C LEU D 429 -4.24 6.59 43.16
N SER D 430 -4.68 5.85 44.18
CA SER D 430 -3.80 5.20 45.11
C SER D 430 -3.97 3.69 45.05
N PRO D 431 -2.90 2.92 45.26
CA PRO D 431 -1.47 3.18 45.48
C PRO D 431 -0.80 4.08 44.43
N ALA D 432 0.22 4.81 44.87
CA ALA D 432 0.80 5.82 43.99
C ALA D 432 2.28 5.99 44.29
N PHE D 433 3.00 6.39 43.26
CA PHE D 433 4.31 6.99 43.44
C PHE D 433 4.14 8.50 43.51
N ARG D 434 4.81 9.11 44.47
CA ARG D 434 4.69 10.53 44.73
C ARG D 434 6.07 11.14 44.86
N TYR D 435 6.19 12.39 44.41
CA TYR D 435 7.37 13.16 44.70
C TYR D 435 7.39 13.50 46.18
N GLN D 436 8.57 13.65 46.73
CA GLN D 436 8.77 14.00 48.13
C GLN D 436 9.94 14.95 48.20
N PRO D 437 10.04 15.74 49.29
CA PRO D 437 11.14 16.70 49.38
C PRO D 437 12.49 16.00 49.40
N ASP D 438 13.51 16.72 48.93
CA ASP D 438 14.87 16.23 49.02
C ASP D 438 15.27 16.13 50.48
N PRO D 439 15.91 15.03 50.90
CA PRO D 439 16.14 14.81 52.33
C PRO D 439 17.02 15.86 52.97
N TRP D 440 17.80 16.61 52.20
CA TRP D 440 18.66 17.62 52.77
C TRP D 440 17.92 18.96 52.83
CHA HEM E . 0.72 -31.11 -18.23
CHB HEM E . 2.61 -29.29 -14.16
CHC HEM E . 4.66 -33.61 -13.40
CHD HEM E . 3.08 -35.29 -17.65
C1A HEM E . 0.98 -30.24 -17.19
C2A HEM E . 0.44 -28.90 -16.98
C3A HEM E . 0.97 -28.43 -15.86
C4A HEM E . 1.87 -29.41 -15.31
CMA HEM E . 0.69 -27.04 -15.25
CAA HEM E . -0.58 -28.09 -17.81
CBA HEM E . -1.61 -28.98 -18.50
CGA HEM E . -2.97 -28.92 -17.85
O1A HEM E . -3.09 -28.37 -16.72
O2A HEM E . -3.94 -29.44 -18.46
C1B HEM E . 3.40 -30.27 -13.62
C2B HEM E . 4.34 -30.12 -12.53
C3B HEM E . 4.91 -31.31 -12.30
C4B HEM E . 4.36 -32.26 -13.26
CMB HEM E . 4.61 -28.80 -11.75
CAB HEM E . 5.97 -31.52 -11.18
CBB HEM E . 6.54 -32.69 -10.89
C1C HEM E . 4.36 -34.48 -14.44
C2C HEM E . 4.62 -35.91 -14.48
C3C HEM E . 4.17 -36.37 -15.66
C4C HEM E . 3.63 -35.25 -16.40
CMC HEM E . 5.29 -36.74 -13.35
CAC HEM E . 4.22 -37.80 -16.24
CBC HEM E . 5.19 -38.67 -15.92
C1D HEM E . 2.24 -34.33 -18.17
C2D HEM E . 1.41 -34.43 -19.35
C3D HEM E . 0.76 -33.28 -19.51
C4D HEM E . 1.15 -32.40 -18.42
CMD HEM E . 1.30 -35.68 -20.28
CAD HEM E . -0.22 -32.94 -20.63
CBD HEM E . -1.60 -33.48 -20.30
CGD HEM E . -2.65 -32.50 -20.76
O1D HEM E . -2.32 -31.29 -20.88
O2D HEM E . -3.81 -32.93 -21.00
NA HEM E . 1.85 -30.51 -16.15
NB HEM E . 3.45 -31.59 -14.05
NC HEM E . 3.76 -34.12 -15.63
ND HEM E . 2.07 -33.07 -17.65
FE HEM E . 3.07 -32.23 -16.06
N1 H4B F . -3.83 -24.64 -20.42
C2 H4B F . -4.15 -25.55 -19.46
N2 H4B F . -3.22 -25.85 -18.51
N3 H4B F . -5.39 -26.12 -19.43
C4 H4B F . -6.31 -25.80 -20.37
O4 H4B F . -7.45 -26.34 -20.37
C4A H4B F . -5.99 -24.89 -21.35
C8A H4B F . -4.74 -24.31 -21.37
N5 H4B F . -6.89 -24.57 -22.28
N8 H4B F . -4.42 -23.41 -22.34
C6 H4B F . -6.40 -24.11 -23.57
C7 H4B F . -5.34 -23.01 -23.39
C9 H4B F . -7.62 -23.67 -24.35
O9 H4B F . -8.52 -22.99 -23.45
C10 H4B F . -7.28 -22.73 -25.50
C11 H4B F . -8.57 -22.51 -26.27
O10 H4B F . -6.28 -23.29 -26.34
C02 V80 G . 0.46 -31.54 -12.46
C04 V80 G . 0.62 -33.72 -13.28
C05 V80 G . -0.28 -33.40 -14.30
C06 V80 G . -0.81 -32.12 -14.36
C07 V80 G . 1.21 -35.09 -13.17
C08 V80 G . -1.80 -31.73 -15.45
C09 V80 G . -3.25 -31.92 -15.01
C11 V80 G . -3.99 -33.03 -17.18
C12 V80 G . -4.85 -33.17 -18.24
C13 V80 G . -5.95 -32.34 -18.36
C14 V80 G . -6.19 -31.36 -17.39
C15 V80 G . -5.32 -31.24 -16.31
C16 V80 G . -4.20 -32.07 -16.19
C17 V80 G . -7.39 -30.47 -17.53
C18 V80 G . -7.68 -29.68 -16.26
C20 V80 G . -7.29 -27.71 -14.99
C21 V80 G . -7.45 -27.53 -17.36
F11 V80 G . -2.94 -33.87 -17.13
F12 V80 G . -4.62 -34.11 -19.18
N01 V80 G . -0.42 -31.22 -13.44
N02 V80 G . 0.82 -30.61 -11.56
N03 V80 G . 0.98 -32.79 -12.39
N19 V80 G . -6.98 -28.38 -16.26
C1 BTB H . -17.76 -10.71 3.83
O1 BTB H . -18.88 -10.76 2.94
C2 BTB H . -17.55 -9.26 4.25
C3 BTB H . -17.08 -8.44 3.05
O3 BTB H . -17.33 -7.02 3.20
C4 BTB H . -18.91 -8.68 4.65
O4 BTB H . -19.16 -8.62 6.06
N BTB H . -16.54 -9.23 5.38
C5 BTB H . -15.16 -9.18 4.87
C6 BTB H . -14.40 -7.97 5.44
O6 BTB H . -14.71 -6.76 4.73
C7 BTB H . -16.70 -10.35 6.32
C8 BTB H . -16.11 -9.99 7.68
O8 BTB H . -16.70 -8.78 8.17
C1 BTB I . -22.92 -10.52 -11.50
O1 BTB I . -23.12 -10.80 -12.89
C2 BTB I . -23.25 -9.06 -11.20
C3 BTB I . -24.34 -8.65 -12.16
O3 BTB I . -25.37 -9.64 -12.06
C4 BTB I . -23.81 -8.92 -9.79
O4 BTB I . -24.57 -7.70 -9.70
N BTB I . -22.08 -8.15 -11.39
C5 BTB I . -20.94 -8.79 -12.08
C6 BTB I . -20.72 -8.11 -13.43
O6 BTB I . -21.96 -7.63 -13.98
C7 BTB I . -21.59 -7.57 -10.13
C8 BTB I . -21.84 -6.06 -10.14
O8 BTB I . -22.95 -5.77 -11.01
C1 BTB J . -19.78 -63.38 -15.33
O1 BTB J . -19.16 -64.16 -14.31
C2 BTB J . -18.89 -62.21 -15.77
C3 BTB J . -19.74 -61.05 -16.29
O3 BTB J . -21.12 -61.41 -16.35
C4 BTB J . -18.08 -61.71 -14.57
O4 BTB J . -18.41 -60.34 -14.32
N BTB J . -17.97 -62.62 -16.85
C5 BTB J . -18.75 -63.07 -18.01
C6 BTB J . -17.89 -63.16 -19.28
O6 BTB J . -17.23 -61.90 -19.49
C7 BTB J . -17.05 -63.70 -16.42
C8 BTB J . -15.59 -63.28 -16.54
O8 BTB J . -15.13 -62.77 -15.28
ZN ZN K . 0.40 -24.27 -35.56
CL CL L . -5.90 -30.28 -11.87
GD GD M . -17.23 -6.64 5.96
CHA HEM N . -2.43 -6.00 -32.82
CHB HEM N . -5.63 -3.90 -29.92
CHC HEM N . -7.03 -0.86 -33.39
CHD HEM N . -4.44 -3.51 -36.47
C1A HEM N . -3.07 -5.62 -31.67
C2A HEM N . -2.71 -5.97 -30.31
C3A HEM N . -3.60 -5.38 -29.50
C4A HEM N . -4.55 -4.65 -30.34
CMA HEM N . -3.61 -5.46 -27.96
CAA HEM N . -1.50 -6.83 -29.86
CBA HEM N . -0.31 -5.86 -29.84
CGA HEM N . 0.99 -6.30 -29.16
O1A HEM N . 0.96 -6.80 -28.01
O2A HEM N . 2.07 -6.09 -29.78
C1B HEM N . -6.28 -2.91 -30.60
C2B HEM N . -7.32 -2.08 -30.03
C3B HEM N . -7.73 -1.24 -30.98
C4B HEM N . -6.95 -1.51 -32.18
CMB HEM N . -7.86 -2.17 -28.59
CAB HEM N . -8.84 -0.18 -30.75
CBB HEM N . -9.20 0.72 -31.66
C1C HEM N . -6.44 -1.28 -34.54
C2C HEM N . -6.59 -0.69 -35.85
C3C HEM N . -5.85 -1.42 -36.70
C4C HEM N . -5.26 -2.52 -35.95
CMC HEM N . -7.42 0.58 -36.10
CAC HEM N . -5.65 -1.26 -38.24
CBC HEM N . -6.54 -0.59 -38.97
C1D HEM N . -3.65 -4.40 -35.79
C2D HEM N . -2.66 -5.28 -36.35
C3D HEM N . -2.12 -5.97 -35.34
C4D HEM N . -2.71 -5.55 -34.09
CMD HEM N . -2.29 -5.43 -37.84
CAD HEM N . -1.01 -7.02 -35.50
CBD HEM N . 0.27 -6.21 -35.36
CGD HEM N . 1.19 -6.98 -34.45
O1D HEM N . 2.08 -7.67 -35.00
O2D HEM N . 1.03 -6.90 -33.20
NA HEM N . -4.18 -4.82 -31.63
NB HEM N . -6.08 -2.54 -31.91
NC HEM N . -5.63 -2.39 -34.63
ND HEM N . -3.65 -4.59 -34.41
FE HEM N . -5.16 -3.80 -33.28
N1 H4B O . 1.06 -11.24 -27.46
C2 H4B O . 0.99 -9.91 -27.75
N2 H4B O . -0.21 -9.27 -27.70
N3 H4B O . 2.12 -9.24 -28.13
C4 H4B O . 3.31 -9.88 -28.19
O4 H4B O . 4.36 -9.30 -28.52
C4A H4B O . 3.37 -11.22 -27.89
C8A H4B O . 2.24 -11.91 -27.51
N5 H4B O . 4.54 -11.85 -27.95
N8 H4B O . 2.32 -13.23 -27.21
C6 H4B O . 4.53 -13.28 -28.18
C7 H4B O . 3.57 -13.97 -27.21
C9 H4B O . 5.97 -13.76 -28.11
O9 H4B O . 6.68 -13.08 -27.06
C10 H4B O . 6.04 -15.25 -27.89
C11 H4B O . 7.50 -15.67 -27.92
O10 H4B O . 5.25 -15.94 -28.88
C02 V80 P . -3.44 -0.82 -30.46
C04 V80 P . -3.07 -0.32 -32.74
C05 V80 P . -2.04 -1.25 -32.80
C06 V80 P . -1.73 -1.95 -31.61
C07 V80 P . -3.42 0.47 -33.99
C08 V80 P . -0.61 -2.97 -31.59
C09 V80 P . 0.70 -2.21 -31.32
C11 V80 P . 2.17 -3.72 -32.77
C12 V80 P . 3.35 -4.42 -32.96
C13 V80 P . 4.34 -4.44 -31.99
C14 V80 P . 4.15 -3.73 -30.81
C15 V80 P . 2.97 -3.02 -30.62
C16 V80 P . 1.96 -3.01 -31.59
C17 V80 P . 5.22 -3.72 -29.74
C18 V80 P . 5.48 -5.14 -29.23
C20 V80 P . 5.07 -6.59 -27.42
C21 V80 P . 4.27 -4.38 -27.26
F11 V80 P . 1.22 -3.72 -33.73
F12 V80 P . 3.57 -5.11 -34.10
N01 V80 P . -2.43 -1.72 -30.48
N02 V80 P . -4.09 -0.63 -29.28
N03 V80 P . -3.76 -0.10 -31.59
N19 V80 P . 4.50 -5.50 -28.19
C1 BTB Q . -6.36 7.08 2.53
O1 BTB Q . -7.58 7.51 1.88
C2 BTB Q . -5.32 6.61 1.51
C3 BTB Q . -5.61 5.16 1.12
O3 BTB Q . -4.97 4.86 -0.12
C4 BTB Q . -5.43 7.48 0.27
O4 BTB Q . -4.26 7.35 -0.55
N BTB Q . -3.94 6.73 2.10
C5 BTB Q . -3.66 5.72 3.14
C6 BTB Q . -2.54 4.75 2.74
O6 BTB Q . -1.29 5.41 2.49
C7 BTB Q . -3.57 8.09 2.53
C8 BTB Q . -2.52 8.69 1.57
O8 BTB Q . -1.41 7.81 1.38
C1 BTB R . 18.25 15.50 -55.20
O1 BTB R . 19.01 14.68 -56.10
C2 BTB R . 17.21 14.60 -54.55
C3 BTB R . 16.75 13.65 -55.66
O3 BTB R . 15.49 13.03 -55.37
C4 BTB R . 17.87 13.83 -53.42
O4 BTB R . 18.20 12.50 -53.86
N BTB R . 16.13 15.41 -53.95
C5 BTB R . 15.36 16.07 -55.01
C6 BTB R . 13.86 15.82 -54.86
O6 BTB R . 13.21 17.10 -54.83
C7 BTB R . 16.79 16.44 -53.12
C8 BTB R . 15.81 17.42 -52.50
O8 BTB R . 15.84 18.67 -53.21
C1 BTB S . 19.95 -7.32 -8.53
O1 BTB S . 20.41 -6.79 -7.27
C2 BTB S . 18.43 -7.55 -8.51
C3 BTB S . 17.77 -6.30 -7.91
O3 BTB S . 17.97 -5.17 -8.77
C4 BTB S . 17.94 -7.73 -9.94
O4 BTB S . 17.28 -8.99 -10.11
N BTB S . 18.06 -8.78 -7.73
C5 BTB S . 17.40 -8.48 -6.45
C6 BTB S . 16.25 -9.47 -6.25
O6 BTB S . 16.74 -10.81 -6.08
C7 BTB S . 19.22 -9.65 -7.47
C8 BTB S . 19.07 -10.91 -8.32
O8 BTB S . 17.70 -11.07 -8.69
CL CL T . 2.59 -0.14 -27.99
GD GD U . -2.45 5.70 0.04
CHA HEM V . -5.22 28.81 17.28
CHB HEM V . -1.27 30.18 14.83
CHC HEM V . -3.36 34.49 13.99
CHD HEM V . -7.04 33.32 16.96
C1A HEM V . -3.98 28.75 16.64
C2A HEM V . -3.08 27.61 16.51
C3A HEM V . -2.00 28.02 15.83
C4A HEM V . -2.17 29.41 15.52
CMA HEM V . -0.77 27.18 15.44
CAA HEM V . -3.26 26.16 17.02
CBA HEM V . -4.65 25.64 16.65
CGA HEM V . -4.59 24.61 15.53
O1A HEM V . -3.89 24.83 14.51
O2A HEM V . -5.29 23.58 15.68
C1B HEM V . -1.47 31.48 14.42
C2B HEM V . -0.49 32.30 13.72
C3B HEM V . -1.05 33.49 13.49
C4B HEM V . -2.41 33.47 14.02
CMB HEM V . 0.94 31.89 13.33
CAB HEM V . -0.29 34.63 12.76
CBB HEM V . -0.77 35.88 12.62
C1C HEM V . -4.57 34.53 14.66
C2C HEM V . -5.57 35.59 14.58
C3C HEM V . -6.59 35.26 15.39
C4C HEM V . -6.27 34.01 16.05
CMC HEM V . -5.42 36.82 13.65
CAC HEM V . -7.90 36.03 15.69
CBC HEM V . -8.01 37.35 15.57
C1D HEM V . -6.90 31.98 17.25
C2D HEM V . -7.88 31.15 17.92
C3D HEM V . -7.38 29.91 18.01
C4D HEM V . -6.06 29.91 17.39
CMD HEM V . -9.27 31.59 18.44
CAD HEM V . -8.08 28.69 18.64
CBD HEM V . -8.74 27.91 17.51
CGD HEM V . -8.57 26.42 17.69
O1D HEM V . -7.48 25.97 18.12
O2D HEM V . -9.55 25.68 17.41
NA HEM V . -3.39 29.83 16.02
NB HEM V . -2.62 32.22 14.59
NC HEM V . -5.04 33.60 15.58
ND HEM V . -5.81 31.19 16.93
FE HEM V . -4.05 31.84 16.08
N1 H4B W . -2.70 21.35 18.75
C2 H4B W . -3.13 21.87 17.58
N2 H4B W . -2.49 22.96 17.05
N3 H4B W . -4.17 21.31 16.93
C4 H4B W . -4.82 20.22 17.44
O4 H4B W . -5.78 19.70 16.85
C4A H4B W . -4.38 19.69 18.64
C8A H4B W . -3.31 20.27 19.29
N5 H4B W . -4.98 18.62 19.18
N8 H4B W . -2.87 19.78 20.48
C6 H4B W . -4.91 18.48 20.62
C7 H4B W . -3.46 18.59 21.09
C9 H4B W . -5.64 17.20 21.04
O9 H4B W . -5.39 16.13 20.12
C10 H4B W . -5.20 16.74 22.43
C11 H4B W . -5.98 15.50 22.81
O10 H4B W . -5.38 17.80 23.37
C02 V80 X . -3.39 30.14 12.01
C04 V80 X . -5.35 31.41 12.23
C05 V80 X . -5.98 30.33 12.83
C06 V80 X . -5.27 29.14 13.00
C07 V80 X . -6.06 32.72 12.02
C08 V80 X . -5.91 27.92 13.64
C09 V80 X . -6.50 27.02 12.55
C11 V80 X . -8.48 26.26 13.98
C12 V80 X . -9.31 25.27 14.48
C13 V80 X . -9.10 23.95 14.14
C14 V80 X . -8.05 23.65 13.27
C15 V80 X . -7.22 24.63 12.77
C16 V80 X . -7.43 25.96 13.12
C17 V80 X . -7.81 22.21 12.91
C18 V80 X . -6.93 21.69 14.01
C20 V80 X . -5.21 21.40 12.38
C21 V80 X . -6.90 19.72 12.81
F11 V80 X . -8.74 27.53 14.36
F12 V80 X . -10.32 25.62 15.30
N01 V80 X . -3.99 29.07 12.58
N02 V80 X . -2.10 30.04 11.60
N03 V80 X . -4.07 31.29 11.84
N19 V80 X . -6.02 20.73 13.41
C1 BTB Y . 10.01 6.67 -4.98
O1 BTB Y . 8.90 6.39 -5.83
C2 BTB Y . 11.30 6.12 -5.57
C3 BTB Y . 12.16 5.70 -4.38
O3 BTB Y . 13.09 4.65 -4.62
C4 BTB Y . 10.85 4.95 -6.47
O4 BTB Y . 11.85 4.26 -7.23
N BTB Y . 11.96 7.22 -6.32
C5 BTB Y . 12.33 8.33 -5.43
C6 BTB Y . 13.83 8.62 -5.55
O6 BTB Y . 14.57 7.72 -4.71
C7 BTB Y . 11.16 7.74 -7.43
C8 BTB Y . 12.00 7.69 -8.71
O8 BTB Y . 13.41 7.75 -8.43
C1 BTB Z . 4.27 -0.40 6.50
O1 BTB Z . 4.05 0.77 7.31
C2 BTB Z . 2.92 -0.96 6.10
C3 BTB Z . 1.85 -0.48 7.05
O3 BTB Z . 0.69 -1.25 6.73
C4 BTB Z . 2.47 -0.43 4.76
O4 BTB Z . 1.04 -0.55 4.76
N BTB Z . 2.95 -2.43 6.13
C5 BTB Z . 4.00 -2.86 7.09
C6 BTB Z . 3.45 -3.38 8.43
O6 BTB Z . 2.66 -2.39 9.11
C7 BTB Z . 3.30 -3.01 4.82
C8 BTB Z . 2.16 -3.73 4.11
O8 BTB Z . 2.74 -4.37 2.97
C1 BTB AA . -38.16 35.34 1.25
O1 BTB AA . -37.97 36.00 2.51
C2 BTB AA . -39.63 35.34 0.81
C3 BTB AA . -40.45 36.30 1.67
O3 BTB AA . -40.22 37.65 1.23
C4 BTB AA . -39.73 35.74 -0.68
O4 BTB AA . -38.80 36.79 -0.99
N BTB AA . -40.22 33.99 0.96
C5 BTB AA . -39.40 32.97 0.29
C6 BTB AA . -39.22 31.72 1.14
O6 BTB AA . -38.26 31.94 2.18
C7 BTB AA . -41.60 34.00 0.42
C8 BTB AA . -42.56 33.13 1.25
O8 BTB AA . -42.24 33.25 2.64
ZN ZN BA . -6.45 20.85 34.18
C1 GOL CA . -16.52 52.56 8.04
O1 GOL CA . -17.26 51.79 8.97
C2 GOL CA . -15.30 53.21 8.70
O2 GOL CA . -15.52 53.32 10.09
C3 GOL CA . -15.07 54.61 8.14
O3 GOL CA . -15.66 55.57 8.99
CL CL DA . -5.36 24.68 9.16
GD GD EA . 14.20 5.50 -6.89
CHA HEM FA . 7.55 8.42 34.02
CHB HEM FA . 8.71 5.30 30.48
CHC HEM FA . 8.95 1.66 33.64
CHD HEM FA . 6.99 4.58 36.96
C1A HEM FA . 7.97 7.93 32.79
C2A HEM FA . 8.32 8.70 31.61
C3A HEM FA . 8.64 7.83 30.64
C4A HEM FA . 8.49 6.48 31.17
CMA HEM FA . 9.08 8.21 29.21
CAA HEM FA . 8.36 10.24 31.48
CBA HEM FA . 9.38 10.78 32.50
CGA HEM FA . 10.58 11.46 31.88
O1A HEM FA . 10.45 12.62 31.42
O2A HEM FA . 11.69 10.84 31.87
C1B HEM FA . 8.88 4.04 31.00
C2B HEM FA . 9.27 2.85 30.26
C3B HEM FA . 9.33 1.83 31.12
C4B HEM FA . 9.00 2.35 32.46
CMB HEM FA . 9.54 2.75 28.73
CAB HEM FA . 9.72 0.39 30.73
CBB HEM FA . 9.67 -0.63 31.60
C1C HEM FA . 8.44 2.12 34.84
C2C HEM FA . 8.36 1.37 36.07
C3C HEM FA . 7.82 2.20 36.99
C4C HEM FA . 7.56 3.49 36.37
CMC HEM FA . 8.82 -0.10 36.22
CAC HEM FA . 7.46 1.93 38.47
CBC HEM FA . 7.33 0.69 38.97
C1D HEM FA . 7.00 5.87 36.47
C2D HEM FA . 6.59 7.05 37.20
C3D HEM FA . 6.74 8.10 36.40
C4D HEM FA . 7.25 7.64 35.12
CMD HEM FA . 6.08 7.10 38.64
CAD HEM FA . 6.45 9.56 36.78
CBD HEM FA . 7.81 10.20 37.03
CGD HEM FA . 7.86 11.62 36.52
O1D HEM FA . 7.07 11.97 35.61
O2D HEM FA . 8.69 12.43 37.03
NA HEM FA . 8.08 6.59 32.47
NB HEM FA . 8.72 3.69 32.33
NC HEM FA . 7.95 3.40 35.05
ND HEM FA . 7.39 6.27 35.21
FE HEM FA . 7.69 4.94 33.66
N1 H4B GA . 7.30 15.48 29.74
C2 H4B GA . 8.25 14.58 30.12
N2 H4B GA . 8.13 13.28 29.74
N3 H4B GA . 9.29 14.99 30.90
C4 H4B GA . 9.42 16.27 31.30
O4 H4B GA . 10.40 16.62 32.02
C4A H4B GA . 8.46 17.20 30.91
C8A H4B GA . 7.40 16.77 30.12
N5 H4B GA . 8.54 18.49 31.28
N8 H4B GA . 6.44 17.64 29.73
C6 H4B GA . 7.29 19.23 31.33
C7 H4B GA . 6.52 19.06 30.03
C9 H4B GA . 7.55 20.70 31.69
O9 H4B GA . 8.83 21.12 31.19
C10 H4B GA . 6.44 21.59 31.14
C11 H4B GA . 6.73 23.06 31.44
O10 H4B GA . 5.16 21.21 31.65
C02 V80 HA . 11.97 5.02 32.32
C04 V80 HA . 11.54 4.52 34.59
C05 V80 HA . 11.34 5.88 34.84
C06 V80 HA . 11.48 6.79 33.79
C07 V80 HA . 11.41 3.50 35.71
C08 V80 HA . 11.29 8.28 34.00
C09 V80 HA . 12.59 8.93 34.44
C11 V80 HA . 11.57 10.41 36.21
C12 V80 HA . 11.35 11.64 36.81
C13 V80 HA . 11.93 12.79 36.27
C14 V80 HA . 12.72 12.68 35.13
C15 V80 HA . 12.94 11.44 34.54
C16 V80 HA . 12.37 10.29 35.08
C17 V80 HA . 13.33 13.94 34.56
C18 V80 HA . 12.67 14.33 33.24
C20 V80 HA . 13.28 14.87 31.00
C21 V80 HA . 14.92 13.89 32.40
F11 V80 HA . 10.99 9.33 36.77
F12 V80 HA . 10.59 11.71 37.90
N01 V80 HA . 11.81 6.33 32.55
N02 V80 HA . 12.29 4.63 31.07
N03 V80 HA . 11.85 4.10 33.35
N19 V80 HA . 13.49 13.92 32.09
C1 BTB IA . 28.79 4.60 2.80
O1 BTB IA . 27.51 4.13 2.36
C2 BTB IA . 28.62 5.46 4.05
C3 BTB IA . 27.22 6.08 4.03
O3 BTB IA . 26.90 6.72 5.28
C4 BTB IA . 28.74 4.57 5.29
O4 BTB IA . 29.00 5.38 6.44
N BTB IA . 29.67 6.51 4.04
C5 BTB IA . 29.43 7.45 2.94
C6 BTB IA . 29.22 8.91 3.38
O6 BTB IA . 30.36 9.37 4.13
C7 BTB IA . 31.05 5.97 3.97
C8 BTB IA . 31.81 6.15 5.29
O8 BTB IA . 31.91 7.53 5.72
C1 BTB JA . 26.89 8.94 64.64
O1 BTB JA . 25.88 9.79 64.06
C2 BTB JA . 26.21 7.73 65.24
C3 BTB JA . 26.29 7.82 66.76
O3 BTB JA . 25.28 8.73 67.23
C4 BTB JA . 24.75 7.83 64.81
O4 BTB JA . 23.84 7.06 65.62
N BTB JA . 26.92 6.53 64.69
C5 BTB JA . 26.08 5.30 64.52
C6 BTB JA . 26.04 4.32 65.69
O6 BTB JA . 25.58 4.95 66.90
C7 BTB JA . 28.14 6.24 65.46
C8 BTB JA . 29.07 5.27 64.71
O8 BTB JA . 29.24 5.70 63.36
CL CL KA . 16.48 9.96 32.57
GD GD LA . 29.00 8.00 6.35
#